data_7ZZL
#
_entry.id   7ZZL
#
_cell.length_a   63.690
_cell.length_b   82.870
_cell.length_c   84.860
_cell.angle_alpha   95.360
_cell.angle_beta   90.000
_cell.angle_gamma   90.000
#
_symmetry.space_group_name_H-M   'P 1'
#
loop_
_entity.id
_entity.type
_entity.pdbx_description
1 polymer 'Cytochrome P450'
2 non-polymer 'PROTOPORPHYRIN IX CONTAINING FE'
3 non-polymer 'SULFATE ION'
4 non-polymer 'DIMETHYL SULFOXIDE'
5 non-polymer DI(HYDROXYETHYL)ETHER
6 non-polymer 'COBALT (II) ION'
7 non-polymer IMIDAZOLE
8 non-polymer 'OXYGEN MOLECULE'
9 water water
#
_entity_poly.entity_id   1
_entity_poly.type   'polypeptide(L)'
_entity_poly.pdbx_seq_one_letter_code
;MNKEVIPVTEIPKFQSRAEEFFPIQWYKEMLNNSPVYFHEETNTWNVFQYEHVKQVLSDYEFFSSDGQRTTIFVGDNSKK
KSTSPITNLTNLDPPDHRKARSLLAAAFTHRSLKNWEPRIKQIAADLVEAIQKNPTINIVDDLSSPFPSLVIADLFGVPV
KDRYQFKKWVDILFQPYDQERLEEIEQEKQRAGAEYFQYLYPIVIEKRSNLSDDIISDLIQAEFDGETFTDEEIVHATML
LLGAGVETTSHAIANMFYSFLYDDKSLYSELRNNRELAPKAVEEMLRYRFHISRRDRTVKQDNELLGVKLKKGDVVIAWM
SACNMDETMFENPFSVDIHRPTNKKHLTFGNGPHFCLGAPLARLEMKIILEAFLEAFSHIEPFEDFELEPHLTASATGQS
LTYLPMTVYRHHHHHH
;
_entity_poly.pdbx_strand_id   A,B,C,D
#
loop_
_chem_comp.id
_chem_comp.type
_chem_comp.name
_chem_comp.formula
CO non-polymer 'COBALT (II) ION' 'Co 2'
DMS non-polymer 'DIMETHYL SULFOXIDE' 'C2 H6 O S'
HEM non-polymer 'PROTOPORPHYRIN IX CONTAINING FE' 'C34 H32 Fe N4 O4'
IMD non-polymer IMIDAZOLE 'C3 H5 N2 1'
OXY non-polymer 'OXYGEN MOLECULE' O2
PEG non-polymer DI(HYDROXYETHYL)ETHER 'C4 H10 O3'
SO4 non-polymer 'SULFATE ION' 'O4 S -2'
#
# COMPACT_ATOMS: atom_id res chain seq x y z
N GLU A 4 3.66 40.16 1.65
CA GLU A 4 2.89 41.44 1.71
C GLU A 4 1.41 41.13 1.98
N VAL A 5 0.90 41.51 3.16
CA VAL A 5 -0.54 41.39 3.51
C VAL A 5 -1.32 42.43 2.70
N ILE A 6 -2.26 41.97 1.86
CA ILE A 6 -3.18 42.84 1.04
C ILE A 6 -4.41 43.15 1.89
N PRO A 7 -4.72 44.44 2.15
CA PRO A 7 -5.94 44.80 2.86
C PRO A 7 -7.16 44.70 1.92
N VAL A 8 -7.80 43.54 1.87
CA VAL A 8 -8.95 43.25 0.97
C VAL A 8 -10.14 44.16 1.33
N THR A 9 -10.16 44.74 2.54
CA THR A 9 -11.19 45.71 3.00
C THR A 9 -11.25 46.94 2.08
N GLU A 10 -10.15 47.28 1.40
CA GLU A 10 -10.04 48.52 0.59
C GLU A 10 -10.62 48.34 -0.82
N ILE A 11 -10.98 47.11 -1.23
CA ILE A 11 -11.52 46.88 -2.61
C ILE A 11 -12.97 47.37 -2.69
N PRO A 12 -13.92 46.84 -1.88
CA PRO A 12 -15.26 47.39 -1.90
C PRO A 12 -15.41 48.79 -1.27
N LYS A 13 -14.51 49.20 -0.37
CA LYS A 13 -14.70 50.42 0.48
C LYS A 13 -16.18 50.62 0.85
N PHE A 14 -16.71 49.78 1.74
CA PHE A 14 -18.13 49.83 2.18
C PHE A 14 -18.37 51.10 3.01
N GLN A 15 -19.54 51.72 2.91
CA GLN A 15 -19.88 52.96 3.63
C GLN A 15 -20.34 52.67 5.06
N SER A 16 -20.72 51.41 5.37
CA SER A 16 -21.35 51.05 6.67
C SER A 16 -20.89 49.63 7.05
N ARG A 17 -20.81 49.34 8.34
CA ARG A 17 -20.63 47.94 8.83
C ARG A 17 -21.78 47.08 8.28
N ALA A 18 -23.02 47.60 8.26
CA ALA A 18 -24.23 46.86 7.83
C ALA A 18 -24.04 46.37 6.38
N GLU A 19 -23.52 47.22 5.52
CA GLU A 19 -23.31 46.82 4.10
C GLU A 19 -22.26 45.70 4.04
N GLU A 20 -21.15 45.83 4.76
CA GLU A 20 -20.05 44.82 4.74
C GLU A 20 -20.57 43.48 5.29
N PHE A 21 -21.54 43.54 6.19
CA PHE A 21 -22.15 42.33 6.82
C PHE A 21 -22.96 41.55 5.78
N PHE A 22 -23.59 42.25 4.83
CA PHE A 22 -24.47 41.64 3.81
C PHE A 22 -24.38 42.44 2.50
N PRO A 23 -23.29 42.34 1.74
CA PRO A 23 -23.08 43.28 0.62
C PRO A 23 -23.71 42.86 -0.71
N ILE A 24 -25.00 42.56 -0.71
CA ILE A 24 -25.70 42.02 -1.91
C ILE A 24 -25.77 43.09 -3.00
N GLN A 25 -25.94 44.37 -2.65
CA GLN A 25 -25.94 45.48 -3.64
C GLN A 25 -24.57 45.53 -4.36
N TRP A 26 -23.46 45.42 -3.64
CA TRP A 26 -22.09 45.46 -4.23
C TRP A 26 -21.88 44.19 -5.07
N TYR A 27 -22.35 43.01 -4.62
CA TYR A 27 -22.21 41.77 -5.43
C TYR A 27 -22.93 41.97 -6.76
N LYS A 28 -24.14 42.53 -6.71
CA LYS A 28 -24.99 42.70 -7.92
C LYS A 28 -24.27 43.66 -8.87
N GLU A 29 -23.69 44.74 -8.33
CA GLU A 29 -22.94 45.74 -9.14
C GLU A 29 -21.73 45.08 -9.79
N MET A 30 -20.99 44.26 -9.04
CA MET A 30 -19.75 43.68 -9.59
C MET A 30 -20.15 42.65 -10.66
N LEU A 31 -21.18 41.83 -10.42
CA LEU A 31 -21.58 40.73 -11.35
C LEU A 31 -22.07 41.35 -12.68
N ASN A 32 -22.84 42.45 -12.60
CA ASN A 32 -23.53 43.10 -13.73
C ASN A 32 -22.56 44.01 -14.50
N ASN A 33 -21.57 44.61 -13.84
CA ASN A 33 -20.83 45.75 -14.45
C ASN A 33 -19.32 45.50 -14.47
N SER A 34 -18.81 44.57 -13.65
CA SER A 34 -17.35 44.47 -13.45
C SER A 34 -16.97 43.08 -12.95
N PRO A 35 -17.34 41.98 -13.65
CA PRO A 35 -17.21 40.66 -13.02
C PRO A 35 -15.75 40.20 -12.95
N VAL A 36 -14.88 40.75 -13.80
CA VAL A 36 -13.42 40.49 -13.74
C VAL A 36 -12.74 41.84 -13.67
N TYR A 37 -12.31 42.20 -12.47
CA TYR A 37 -12.12 43.61 -12.03
C TYR A 37 -10.69 43.77 -11.53
N PHE A 38 -9.93 44.65 -12.19
CA PHE A 38 -8.57 45.00 -11.76
C PHE A 38 -8.66 46.19 -10.80
N HIS A 39 -8.13 45.99 -9.60
CA HIS A 39 -8.13 47.01 -8.53
C HIS A 39 -6.73 47.60 -8.41
N GLU A 40 -6.54 48.80 -8.96
CA GLU A 40 -5.20 49.42 -9.16
C GLU A 40 -4.54 49.62 -7.79
N GLU A 41 -5.27 50.12 -6.79
CA GLU A 41 -4.73 50.48 -5.46
C GLU A 41 -4.11 49.25 -4.76
N THR A 42 -4.73 48.07 -4.84
CA THR A 42 -4.19 46.85 -4.18
C THR A 42 -3.39 46.01 -5.18
N ASN A 43 -3.46 46.34 -6.48
CA ASN A 43 -2.78 45.58 -7.55
C ASN A 43 -3.31 44.14 -7.53
N THR A 44 -4.63 43.98 -7.46
CA THR A 44 -5.32 42.68 -7.48
C THR A 44 -6.31 42.62 -8.64
N TRP A 45 -6.45 41.42 -9.17
CA TRP A 45 -7.58 41.02 -10.03
C TRP A 45 -8.62 40.39 -9.13
N ASN A 46 -9.89 40.57 -9.48
CA ASN A 46 -11.06 40.24 -8.62
C ASN A 46 -12.10 39.57 -9.50
N VAL A 47 -12.51 38.35 -9.12
CA VAL A 47 -13.49 37.62 -9.96
C VAL A 47 -14.71 37.26 -9.12
N PHE A 48 -15.87 37.37 -9.74
CA PHE A 48 -17.17 37.31 -9.03
C PHE A 48 -18.08 36.24 -9.61
N GLN A 49 -17.88 35.85 -10.86
CA GLN A 49 -18.80 34.90 -11.54
C GLN A 49 -18.43 33.49 -11.10
N TYR A 50 -19.44 32.66 -11.00
CA TYR A 50 -19.28 31.26 -10.53
C TYR A 50 -18.18 30.51 -11.31
N GLU A 51 -18.18 30.60 -12.64
CA GLU A 51 -17.26 29.73 -13.42
C GLU A 51 -15.81 30.24 -13.24
N HIS A 52 -15.60 31.52 -13.04
CA HIS A 52 -14.25 32.12 -12.81
C HIS A 52 -13.78 31.78 -11.38
N VAL A 53 -14.64 32.03 -10.41
CA VAL A 53 -14.29 31.72 -9.00
C VAL A 53 -13.92 30.25 -8.88
N LYS A 54 -14.72 29.36 -9.46
CA LYS A 54 -14.44 27.92 -9.36
C LYS A 54 -13.09 27.60 -10.00
N GLN A 55 -12.78 28.20 -11.14
CA GLN A 55 -11.49 27.95 -11.84
C GLN A 55 -10.34 28.44 -10.97
N VAL A 56 -10.40 29.65 -10.41
CA VAL A 56 -9.31 30.20 -9.55
C VAL A 56 -9.11 29.27 -8.34
N LEU A 57 -10.18 28.80 -7.73
CA LEU A 57 -10.02 28.03 -6.47
C LEU A 57 -9.33 26.70 -6.73
N SER A 58 -9.58 26.05 -7.87
CA SER A 58 -9.23 24.63 -8.12
C SER A 58 -8.05 24.43 -9.08
N ASP A 59 -7.80 25.36 -10.02
CA ASP A 59 -6.83 25.08 -11.11
C ASP A 59 -5.43 25.49 -10.62
N TYR A 60 -4.82 24.69 -9.76
CA TYR A 60 -3.59 25.12 -9.04
C TYR A 60 -2.40 25.20 -9.99
N GLU A 61 -2.48 24.52 -11.14
CA GLU A 61 -1.43 24.62 -12.21
C GLU A 61 -1.29 26.06 -12.70
N PHE A 62 -2.37 26.84 -12.69
CA PHE A 62 -2.40 28.25 -13.09
C PHE A 62 -2.58 29.20 -11.90
N PHE A 63 -3.20 28.77 -10.80
CA PHE A 63 -3.55 29.67 -9.69
C PHE A 63 -3.04 28.99 -8.43
N SER A 64 -1.88 29.43 -7.98
CA SER A 64 -1.14 28.78 -6.87
C SER A 64 -1.68 29.27 -5.52
N SER A 65 -1.71 28.41 -4.51
CA SER A 65 -1.97 28.86 -3.12
C SER A 65 -0.68 29.35 -2.41
N ASP A 66 0.51 29.29 -3.02
CA ASP A 66 1.79 29.50 -2.26
C ASP A 66 2.57 30.73 -2.75
N GLY A 67 1.88 31.83 -3.07
CA GLY A 67 2.52 33.08 -3.56
C GLY A 67 3.10 33.95 -2.44
N GLN A 68 3.76 35.05 -2.82
CA GLN A 68 4.46 36.02 -1.93
C GLN A 68 3.49 37.01 -1.26
N ARG A 69 2.29 37.24 -1.83
CA ARG A 69 1.28 38.21 -1.31
C ARG A 69 0.01 37.44 -0.90
N THR A 70 -0.72 37.92 0.13
CA THR A 70 -1.91 37.23 0.72
C THR A 70 -3.00 38.23 1.20
N THR A 71 -4.24 37.75 1.30
CA THR A 71 -5.46 38.47 1.74
C THR A 71 -5.65 38.38 3.26
N ILE A 72 -5.09 37.35 3.89
CA ILE A 72 -5.18 37.10 5.36
C ILE A 72 -4.35 38.15 6.12
N ILE A 86 1.55 26.78 10.48
CA ILE A 86 2.38 25.89 11.33
C ILE A 86 2.60 24.54 10.64
N THR A 87 1.68 24.14 9.74
CA THR A 87 1.94 23.23 8.59
C THR A 87 2.03 24.04 7.29
N ASN A 88 1.36 25.20 7.23
CA ASN A 88 1.19 26.03 6.01
C ASN A 88 0.34 25.25 4.98
N LEU A 89 -0.46 24.27 5.42
CA LEU A 89 -1.23 23.35 4.53
C LEU A 89 -2.01 24.17 3.48
N THR A 90 -2.65 25.24 3.94
CA THR A 90 -3.48 26.09 3.07
CA THR A 90 -3.47 26.11 3.08
C THR A 90 -2.58 26.77 2.03
N ASN A 91 -1.25 26.83 2.28
CA ASN A 91 -0.30 27.56 1.41
C ASN A 91 0.47 26.56 0.52
N LEU A 92 0.07 25.29 0.50
CA LEU A 92 0.75 24.25 -0.33
C LEU A 92 -0.08 23.91 -1.55
N ASP A 93 0.57 23.70 -2.70
CA ASP A 93 -0.06 23.14 -3.89
C ASP A 93 0.37 21.67 -3.96
N PRO A 94 -0.43 20.82 -4.61
CA PRO A 94 0.03 19.47 -4.98
C PRO A 94 1.31 19.68 -5.78
N PRO A 95 2.34 18.82 -5.66
CA PRO A 95 2.27 17.58 -4.85
C PRO A 95 2.49 17.69 -3.34
N ASP A 96 3.07 18.78 -2.86
CA ASP A 96 3.50 18.93 -1.44
C ASP A 96 2.27 18.96 -0.50
N HIS A 97 1.10 19.32 -1.02
CA HIS A 97 -0.16 19.41 -0.23
C HIS A 97 -0.70 18.01 0.14
N ARG A 98 -0.40 17.00 -0.67
CA ARG A 98 -1.02 15.67 -0.52
C ARG A 98 -0.70 15.08 0.85
N LYS A 99 0.56 15.09 1.29
CA LYS A 99 0.92 14.45 2.57
C LYS A 99 0.18 15.15 3.72
N ALA A 100 0.37 16.46 3.83
CA ALA A 100 -0.21 17.29 4.90
C ALA A 100 -1.74 17.07 4.96
N ARG A 101 -2.40 17.11 3.81
CA ARG A 101 -3.86 16.93 3.71
C ARG A 101 -4.25 15.54 4.20
N SER A 102 -3.56 14.49 3.74
CA SER A 102 -3.85 13.08 4.10
CA SER A 102 -3.82 13.08 4.10
C SER A 102 -3.68 12.88 5.60
N LEU A 103 -2.60 13.39 6.19
CA LEU A 103 -2.35 13.20 7.64
C LEU A 103 -3.45 13.88 8.45
N LEU A 104 -3.87 15.08 8.06
CA LEU A 104 -4.93 15.80 8.81
C LEU A 104 -6.28 15.11 8.55
N ALA A 105 -6.50 14.63 7.33
CA ALA A 105 -7.77 13.96 6.96
C ALA A 105 -7.97 12.69 7.79
N ALA A 106 -6.91 12.10 8.39
CA ALA A 106 -7.03 10.89 9.21
C ALA A 106 -7.99 11.13 10.38
N ALA A 107 -8.15 12.38 10.83
CA ALA A 107 -9.03 12.80 11.94
C ALA A 107 -10.46 13.10 11.46
N PHE A 108 -10.70 13.09 10.17
CA PHE A 108 -12.02 13.48 9.61
C PHE A 108 -12.59 12.35 8.76
N THR A 109 -12.69 11.14 9.29
CA THR A 109 -13.22 9.98 8.52
C THR A 109 -14.75 9.98 8.56
N HIS A 110 -15.36 9.21 7.69
CA HIS A 110 -16.82 8.96 7.71
C HIS A 110 -17.22 8.35 9.06
N ARG A 111 -16.38 7.47 9.60
CA ARG A 111 -16.65 6.81 10.90
C ARG A 111 -16.63 7.85 12.01
N SER A 112 -15.64 8.77 12.02
CA SER A 112 -15.59 9.81 13.08
CA SER A 112 -15.60 9.80 13.10
C SER A 112 -16.83 10.71 12.96
N LEU A 113 -17.20 11.13 11.76
CA LEU A 113 -18.38 12.04 11.59
C LEU A 113 -19.67 11.37 12.11
N LYS A 114 -19.81 10.09 11.88
CA LYS A 114 -20.96 9.31 12.41
C LYS A 114 -20.95 9.27 13.95
N ASN A 115 -19.79 9.03 14.56
CA ASN A 115 -19.58 8.91 16.03
C ASN A 115 -19.71 10.26 16.68
N TRP A 116 -19.36 11.35 15.98
CA TRP A 116 -19.44 12.72 16.55
C TRP A 116 -20.88 13.19 16.71
N GLU A 117 -21.79 12.73 15.86
CA GLU A 117 -23.16 13.28 15.86
C GLU A 117 -23.79 13.21 17.26
N PRO A 118 -23.91 12.03 17.93
CA PRO A 118 -24.53 11.99 19.26
C PRO A 118 -23.80 12.83 20.33
N ARG A 119 -22.47 12.97 20.22
CA ARG A 119 -21.66 13.80 21.14
C ARG A 119 -22.04 15.27 20.94
N ILE A 120 -22.14 15.70 19.68
CA ILE A 120 -22.48 17.11 19.37
C ILE A 120 -23.93 17.35 19.76
N LYS A 121 -24.79 16.37 19.56
CA LYS A 121 -26.21 16.50 19.97
C LYS A 121 -26.32 16.78 21.47
N GLN A 122 -25.59 16.02 22.29
CA GLN A 122 -25.55 16.18 23.77
C GLN A 122 -25.20 17.63 24.07
N ILE A 123 -24.16 18.17 23.43
CA ILE A 123 -23.67 19.53 23.71
C ILE A 123 -24.77 20.54 23.33
N ALA A 124 -25.36 20.38 22.16
CA ALA A 124 -26.47 21.27 21.73
C ALA A 124 -27.64 21.18 22.71
N ALA A 125 -28.05 19.97 23.09
CA ALA A 125 -29.15 19.76 24.05
C ALA A 125 -28.89 20.53 25.36
N ASP A 126 -27.68 20.48 25.90
CA ASP A 126 -27.31 21.22 27.13
C ASP A 126 -27.37 22.74 26.92
N LEU A 127 -26.89 23.25 25.80
CA LEU A 127 -26.93 24.71 25.54
C LEU A 127 -28.39 25.17 25.44
N VAL A 128 -29.22 24.44 24.71
CA VAL A 128 -30.63 24.86 24.50
C VAL A 128 -31.38 24.68 25.83
N GLU A 129 -31.11 23.61 26.56
CA GLU A 129 -31.75 23.32 27.86
C GLU A 129 -31.55 24.54 28.78
N ALA A 130 -30.40 25.23 28.71
CA ALA A 130 -30.10 26.38 29.57
C ALA A 130 -31.01 27.59 29.26
N ILE A 131 -31.58 27.66 28.05
CA ILE A 131 -32.36 28.84 27.61
C ILE A 131 -33.80 28.41 27.34
N GLN A 132 -34.16 27.19 27.70
CA GLN A 132 -35.47 26.61 27.25
C GLN A 132 -36.66 27.43 27.81
N LYS A 133 -36.52 28.02 29.00
CA LYS A 133 -37.60 28.82 29.62
C LYS A 133 -37.39 30.32 29.44
N ASN A 134 -36.42 30.75 28.65
CA ASN A 134 -36.18 32.19 28.44
C ASN A 134 -37.29 32.76 27.60
N PRO A 135 -37.76 33.98 27.95
CA PRO A 135 -38.62 34.74 27.06
C PRO A 135 -37.89 35.40 25.89
N THR A 136 -36.63 35.79 26.12
CA THR A 136 -35.73 36.41 25.13
C THR A 136 -34.37 35.75 25.29
N ILE A 137 -33.67 35.63 24.16
CA ILE A 137 -32.30 35.06 24.16
C ILE A 137 -31.36 35.97 23.37
N ASN A 138 -30.08 35.71 23.52
CA ASN A 138 -29.00 36.37 22.76
C ASN A 138 -28.29 35.25 22.00
N ILE A 139 -28.54 35.14 20.69
CA ILE A 139 -27.96 34.00 19.90
C ILE A 139 -26.45 33.95 20.13
N VAL A 140 -25.80 35.11 20.16
CA VAL A 140 -24.32 35.11 20.17
C VAL A 140 -23.84 34.48 21.48
N ASP A 141 -24.21 35.02 22.63
CA ASP A 141 -23.63 34.52 23.89
C ASP A 141 -24.22 33.16 24.27
N ASP A 142 -25.48 32.90 23.90
CA ASP A 142 -26.22 31.69 24.38
C ASP A 142 -25.89 30.50 23.45
N LEU A 143 -25.61 30.75 22.17
CA LEU A 143 -25.49 29.63 21.22
C LEU A 143 -24.27 29.75 20.29
N SER A 144 -24.19 30.79 19.46
CA SER A 144 -23.29 30.77 18.27
C SER A 144 -21.84 30.83 18.75
N SER A 145 -21.54 31.62 19.76
CA SER A 145 -20.15 31.78 20.26
CA SER A 145 -20.16 31.77 20.26
C SER A 145 -19.72 30.51 21.01
N PRO A 146 -20.45 30.01 22.03
CA PRO A 146 -19.94 28.85 22.77
C PRO A 146 -19.94 27.53 21.99
N PHE A 147 -20.97 27.27 21.21
CA PHE A 147 -21.20 25.92 20.68
C PHE A 147 -20.00 25.37 19.91
N PRO A 148 -19.42 26.04 18.90
CA PRO A 148 -18.33 25.40 18.15
C PRO A 148 -17.06 25.19 18.97
N SER A 149 -16.86 25.99 20.00
CA SER A 149 -15.70 25.83 20.92
C SER A 149 -15.90 24.61 21.83
N LEU A 150 -17.09 24.48 22.40
CA LEU A 150 -17.45 23.29 23.20
C LEU A 150 -17.32 22.04 22.32
N VAL A 151 -17.79 22.10 21.07
CA VAL A 151 -17.71 20.92 20.18
C VAL A 151 -16.23 20.53 19.95
N ILE A 152 -15.39 21.49 19.58
CA ILE A 152 -14.03 21.12 19.08
C ILE A 152 -13.22 20.60 20.29
N ALA A 153 -13.48 21.13 21.47
CA ALA A 153 -12.81 20.67 22.72
C ALA A 153 -13.17 19.19 22.98
N ASP A 154 -14.43 18.82 22.83
CA ASP A 154 -14.88 17.42 22.98
C ASP A 154 -14.24 16.56 21.89
N LEU A 155 -14.21 17.04 20.64
CA LEU A 155 -13.72 16.21 19.53
C LEU A 155 -12.19 16.06 19.69
N PHE A 156 -11.52 17.05 20.24
CA PHE A 156 -10.04 16.96 20.46
C PHE A 156 -9.75 15.88 21.49
N GLY A 157 -10.63 15.71 22.47
CA GLY A 157 -10.42 14.79 23.60
C GLY A 157 -9.76 15.51 24.77
N VAL A 158 -9.91 16.82 24.86
CA VAL A 158 -9.38 17.66 25.99
C VAL A 158 -9.94 17.10 27.30
N PRO A 159 -9.19 17.03 28.43
CA PRO A 159 -9.79 16.67 29.72
C PRO A 159 -11.14 17.39 29.97
N VAL A 160 -12.09 16.63 30.49
CA VAL A 160 -13.51 17.04 30.79
C VAL A 160 -13.53 18.40 31.51
N LYS A 161 -12.60 18.66 32.43
CA LYS A 161 -12.53 19.90 33.26
C LYS A 161 -12.26 21.15 32.39
N ASP A 162 -11.46 21.03 31.31
CA ASP A 162 -11.02 22.19 30.48
C ASP A 162 -12.14 22.59 29.50
N ARG A 163 -12.96 21.62 29.06
CA ARG A 163 -14.11 21.79 28.14
C ARG A 163 -14.69 23.21 28.28
N PHE A 166 -11.95 27.34 27.20
CA PHE A 166 -11.43 26.94 25.86
C PHE A 166 -11.86 27.95 24.79
N LYS A 167 -13.10 28.46 24.88
CA LYS A 167 -13.61 29.66 24.12
C LYS A 167 -12.57 30.78 24.19
N LYS A 168 -12.05 31.03 25.40
CA LYS A 168 -11.02 32.05 25.69
C LYS A 168 -9.93 32.03 24.61
N TRP A 169 -9.47 30.82 24.23
CA TRP A 169 -8.28 30.59 23.37
C TRP A 169 -8.41 31.35 22.04
N VAL A 170 -9.48 31.07 21.28
CA VAL A 170 -9.73 31.57 19.90
C VAL A 170 -9.99 33.09 19.93
N ASP A 171 -10.65 33.57 20.99
CA ASP A 171 -10.85 35.01 21.27
C ASP A 171 -9.47 35.69 21.25
N ILE A 172 -8.55 35.16 22.08
CA ILE A 172 -7.15 35.66 22.25
C ILE A 172 -6.33 35.28 21.00
N LEU A 173 -6.58 34.11 20.41
CA LEU A 173 -5.83 33.62 19.21
C LEU A 173 -6.08 34.56 18.01
N PHE A 174 -7.18 35.32 18.02
CA PHE A 174 -7.38 36.50 17.12
C PHE A 174 -6.26 37.52 17.40
N GLN A 187 2.98 41.01 19.84
CA GLN A 187 1.64 40.59 19.32
C GLN A 187 0.88 39.89 20.45
N GLU A 188 -0.42 40.18 20.58
CA GLU A 188 -1.32 39.36 21.42
C GLU A 188 -1.18 37.90 20.98
N LYS A 189 -0.88 37.68 19.69
CA LYS A 189 -0.94 36.39 18.96
C LYS A 189 0.24 35.49 19.34
N GLN A 190 1.47 36.01 19.35
CA GLN A 190 2.70 35.31 19.83
C GLN A 190 2.45 34.73 21.24
N ARG A 191 2.02 35.57 22.20
CA ARG A 191 1.74 35.15 23.60
C ARG A 191 0.69 34.03 23.62
N ALA A 192 -0.45 34.20 22.94
CA ALA A 192 -1.59 33.26 23.02
C ALA A 192 -1.18 31.87 22.46
N GLY A 193 -0.47 31.85 21.33
CA GLY A 193 0.02 30.61 20.70
C GLY A 193 0.99 29.87 21.60
N ALA A 194 1.91 30.58 22.24
CA ALA A 194 2.83 29.99 23.25
C ALA A 194 2.03 29.43 24.44
N GLU A 195 0.94 30.06 24.86
CA GLU A 195 0.17 29.56 26.04
C GLU A 195 -0.61 28.29 25.63
N TYR A 196 -1.19 28.28 24.43
CA TYR A 196 -1.93 27.10 23.94
C TYR A 196 -0.94 25.93 23.85
N PHE A 197 0.24 26.21 23.31
CA PHE A 197 1.24 25.13 23.10
C PHE A 197 1.54 24.46 24.44
N GLN A 198 1.84 25.26 25.46
CA GLN A 198 2.24 24.70 26.77
C GLN A 198 1.10 23.88 27.39
N TYR A 199 -0.15 24.34 27.23
CA TYR A 199 -1.37 23.59 27.63
C TYR A 199 -1.44 22.25 26.87
N LEU A 200 -1.39 22.26 25.54
CA LEU A 200 -1.74 21.04 24.77
C LEU A 200 -0.56 20.05 24.64
N TYR A 201 0.68 20.53 24.59
CA TYR A 201 1.81 19.62 24.30
C TYR A 201 1.80 18.43 25.25
N PRO A 202 1.66 18.61 26.57
CA PRO A 202 1.65 17.45 27.47
C PRO A 202 0.41 16.55 27.30
N ILE A 203 -0.70 17.09 26.77
CA ILE A 203 -1.91 16.25 26.46
C ILE A 203 -1.62 15.30 25.28
N VAL A 204 -0.93 15.77 24.24
CA VAL A 204 -0.56 14.90 23.07
C VAL A 204 0.38 13.77 23.54
N ILE A 205 1.40 14.10 24.32
CA ILE A 205 2.37 13.07 24.80
C ILE A 205 1.59 11.99 25.57
N GLU A 206 0.72 12.41 26.51
CA GLU A 206 -0.18 11.53 27.31
C GLU A 206 -1.01 10.65 26.35
N LYS A 207 -1.69 11.22 25.35
CA LYS A 207 -2.56 10.41 24.46
C LYS A 207 -1.73 9.43 23.63
N ARG A 208 -0.48 9.75 23.27
CA ARG A 208 0.36 8.81 22.48
C ARG A 208 0.43 7.46 23.21
N SER A 209 0.43 7.47 24.55
CA SER A 209 0.46 6.24 25.40
C SER A 209 -0.95 5.80 25.79
N ASN A 210 -1.96 6.62 25.50
CA ASN A 210 -3.35 6.44 26.02
C ASN A 210 -4.35 6.91 24.94
N LEU A 211 -4.49 6.14 23.86
CA LEU A 211 -5.24 6.51 22.62
C LEU A 211 -6.74 6.33 22.88
N SER A 212 -7.56 7.28 22.43
CA SER A 212 -9.04 7.21 22.54
C SER A 212 -9.65 7.64 21.22
N ASP A 213 -10.97 7.63 21.07
CA ASP A 213 -11.64 8.03 19.80
C ASP A 213 -11.75 9.56 19.80
N ASP A 214 -10.65 10.23 19.49
CA ASP A 214 -10.68 11.69 19.38
C ASP A 214 -9.67 12.14 18.32
N ILE A 215 -9.75 13.40 17.94
CA ILE A 215 -8.94 13.96 16.83
C ILE A 215 -7.44 13.83 17.18
N ILE A 216 -7.06 14.10 18.40
CA ILE A 216 -5.60 14.11 18.76
C ILE A 216 -5.05 12.69 18.55
N SER A 217 -5.80 11.65 18.98
CA SER A 217 -5.45 10.22 18.87
C SER A 217 -5.39 9.83 17.39
N ASP A 218 -6.31 10.33 16.57
CA ASP A 218 -6.29 9.99 15.13
C ASP A 218 -5.11 10.69 14.44
N LEU A 219 -4.71 11.88 14.90
CA LEU A 219 -3.54 12.56 14.29
C LEU A 219 -2.24 11.85 14.72
N ILE A 220 -2.20 11.30 15.92
CA ILE A 220 -1.04 10.48 16.37
C ILE A 220 -0.90 9.23 15.48
N GLN A 221 -1.99 8.56 15.14
CA GLN A 221 -1.95 7.29 14.37
C GLN A 221 -1.83 7.54 12.87
N ALA A 222 -1.97 8.78 12.38
CA ALA A 222 -1.97 9.07 10.93
C ALA A 222 -0.60 8.71 10.31
N GLU A 223 -0.58 8.21 9.08
CA GLU A 223 0.64 7.80 8.35
C GLU A 223 0.44 8.06 6.86
N PHE A 224 1.47 8.59 6.21
CA PHE A 224 1.50 8.80 4.76
C PHE A 224 2.87 8.42 4.21
N ASP A 225 2.91 7.37 3.40
CA ASP A 225 4.17 6.91 2.76
C ASP A 225 5.24 6.82 3.85
N GLY A 226 4.87 6.25 4.99
CA GLY A 226 5.76 6.01 6.15
C GLY A 226 6.01 7.23 7.01
N GLU A 227 5.53 8.42 6.61
CA GLU A 227 5.74 9.68 7.37
C GLU A 227 4.59 9.88 8.36
N THR A 228 4.92 10.41 9.54
CA THR A 228 3.98 10.65 10.68
C THR A 228 4.24 12.06 11.19
N PHE A 229 3.26 12.63 11.86
CA PHE A 229 3.43 13.88 12.64
C PHE A 229 4.25 13.60 13.90
N THR A 230 5.09 14.55 14.28
CA THR A 230 5.66 14.66 15.65
C THR A 230 4.63 15.28 16.60
N ASP A 231 4.83 15.11 17.89
CA ASP A 231 3.95 15.68 18.95
C ASP A 231 3.81 17.19 18.74
N GLU A 232 4.90 17.89 18.43
CA GLU A 232 4.85 19.34 18.21
C GLU A 232 3.97 19.68 17.00
N GLU A 233 4.09 18.90 15.92
CA GLU A 233 3.30 19.09 14.68
C GLU A 233 1.81 18.89 14.99
N ILE A 234 1.50 17.93 15.85
CA ILE A 234 0.08 17.64 16.23
C ILE A 234 -0.50 18.80 16.99
N VAL A 235 0.28 19.42 17.88
CA VAL A 235 -0.22 20.65 18.57
C VAL A 235 -0.52 21.73 17.52
N HIS A 236 0.40 21.98 16.60
CA HIS A 236 0.18 22.95 15.51
C HIS A 236 -1.06 22.56 14.68
N ALA A 237 -1.24 21.28 14.37
CA ALA A 237 -2.42 20.79 13.59
C ALA A 237 -3.70 21.19 14.34
N THR A 238 -3.74 21.03 15.66
CA THR A 238 -4.97 21.38 16.43
C THR A 238 -5.16 22.89 16.34
N MET A 239 -4.09 23.70 16.37
CA MET A 239 -4.24 25.18 16.30
C MET A 239 -4.78 25.57 14.93
N LEU A 240 -4.39 24.88 13.86
CA LEU A 240 -4.91 25.14 12.50
C LEU A 240 -6.40 24.83 12.52
N LEU A 241 -6.79 23.72 13.15
CA LEU A 241 -8.24 23.34 13.17
C LEU A 241 -9.03 24.38 13.98
N LEU A 242 -8.51 24.87 15.11
CA LEU A 242 -9.17 25.96 15.88
C LEU A 242 -9.33 27.23 15.02
N GLY A 243 -8.29 27.62 14.27
CA GLY A 243 -8.35 28.85 13.44
C GLY A 243 -9.31 28.65 12.30
N ALA A 244 -9.42 27.43 11.79
CA ALA A 244 -10.29 27.14 10.62
C ALA A 244 -11.76 26.99 11.00
N GLY A 245 -12.06 26.42 12.17
CA GLY A 245 -13.37 25.76 12.41
C GLY A 245 -14.21 26.36 13.53
N VAL A 246 -13.71 27.34 14.28
CA VAL A 246 -14.45 27.85 15.47
C VAL A 246 -15.20 29.13 15.09
N GLU A 247 -14.47 30.18 14.76
CA GLU A 247 -15.09 31.53 14.47
C GLU A 247 -15.91 31.47 13.19
N THR A 248 -15.46 30.73 12.17
CA THR A 248 -16.21 30.51 10.91
C THR A 248 -17.58 29.92 11.25
N THR A 249 -17.59 28.83 12.02
CA THR A 249 -18.84 28.12 12.34
C THR A 249 -19.74 29.02 13.21
N SER A 250 -19.15 29.75 14.15
CA SER A 250 -19.90 30.72 14.99
CA SER A 250 -19.90 30.73 14.99
C SER A 250 -20.61 31.74 14.09
N HIS A 251 -19.87 32.33 13.14
CA HIS A 251 -20.39 33.37 12.22
C HIS A 251 -21.56 32.76 11.43
N ALA A 252 -21.38 31.53 10.94
CA ALA A 252 -22.36 30.87 10.07
C ALA A 252 -23.64 30.64 10.86
N ILE A 253 -23.51 30.16 12.10
CA ILE A 253 -24.68 29.94 12.99
C ILE A 253 -25.36 31.27 13.29
N ALA A 254 -24.63 32.31 13.70
CA ALA A 254 -25.25 33.60 14.06
C ALA A 254 -26.01 34.12 12.86
N ASN A 255 -25.44 34.01 11.66
CA ASN A 255 -26.04 34.63 10.45
C ASN A 255 -27.25 33.81 10.02
N MET A 256 -27.25 32.49 10.25
CA MET A 256 -28.43 31.64 9.99
C MET A 256 -29.62 32.17 10.84
N PHE A 257 -29.39 32.35 12.13
CA PHE A 257 -30.48 32.84 13.03
C PHE A 257 -30.89 34.26 12.66
N TYR A 258 -29.93 35.09 12.26
CA TYR A 258 -30.22 36.44 11.72
C TYR A 258 -31.22 36.33 10.57
N SER A 259 -30.94 35.44 9.61
CA SER A 259 -31.82 35.23 8.44
C SER A 259 -33.26 34.92 8.86
N PHE A 260 -33.47 34.09 9.88
CA PHE A 260 -34.84 33.71 10.28
C PHE A 260 -35.59 34.95 10.80
N LEU A 261 -34.86 35.96 11.25
CA LEU A 261 -35.51 37.17 11.81
C LEU A 261 -35.73 38.20 10.72
N TYR A 262 -34.87 38.27 9.68
CA TYR A 262 -34.74 39.49 8.83
C TYR A 262 -34.87 39.20 7.34
N ASP A 263 -34.73 37.96 6.89
CA ASP A 263 -34.79 37.62 5.45
C ASP A 263 -36.20 37.08 5.15
N ASP A 264 -36.37 35.76 5.07
CA ASP A 264 -37.70 35.13 4.91
C ASP A 264 -38.24 34.83 6.31
N LYS A 265 -39.12 35.69 6.85
CA LYS A 265 -39.65 35.54 8.23
C LYS A 265 -40.62 34.34 8.32
N SER A 266 -40.98 33.67 7.21
CA SER A 266 -41.87 32.48 7.26
CA SER A 266 -41.87 32.48 7.19
C SER A 266 -41.02 31.20 7.30
N LEU A 267 -39.71 31.30 7.08
CA LEU A 267 -38.88 30.08 7.00
C LEU A 267 -38.87 29.33 8.33
N TYR A 268 -38.73 30.04 9.46
CA TYR A 268 -38.69 29.36 10.76
C TYR A 268 -39.96 28.47 10.94
N SER A 269 -41.12 29.00 10.63
CA SER A 269 -42.41 28.26 10.70
C SER A 269 -42.40 27.04 9.78
N GLU A 270 -41.83 27.18 8.60
CA GLU A 270 -41.72 26.06 7.64
C GLU A 270 -40.87 24.96 8.25
N LEU A 271 -39.76 25.34 8.92
CA LEU A 271 -38.90 24.32 9.58
C LEU A 271 -39.59 23.67 10.78
N ARG A 272 -40.41 24.41 11.53
CA ARG A 272 -41.18 23.85 12.66
C ARG A 272 -42.21 22.85 12.12
N ASN A 273 -42.72 23.10 10.92
CA ASN A 273 -43.84 22.33 10.35
C ASN A 273 -43.33 21.02 9.72
N ASN A 274 -42.06 20.96 9.39
CA ASN A 274 -41.41 19.78 8.80
C ASN A 274 -39.99 19.70 9.35
N ARG A 275 -39.79 18.87 10.35
CA ARG A 275 -38.53 18.85 11.12
C ARG A 275 -37.41 18.15 10.30
N GLU A 276 -37.65 17.65 9.08
CA GLU A 276 -36.62 17.09 8.20
C GLU A 276 -35.97 18.19 7.32
N LEU A 277 -36.39 19.44 7.38
CA LEU A 277 -35.89 20.49 6.45
C LEU A 277 -34.59 21.12 6.97
N ALA A 278 -34.11 20.79 8.15
CA ALA A 278 -32.93 21.49 8.73
C ALA A 278 -31.74 21.47 7.78
N PRO A 279 -31.31 20.32 7.19
CA PRO A 279 -30.14 20.32 6.32
C PRO A 279 -30.32 21.25 5.12
N LYS A 280 -31.51 21.28 4.52
CA LYS A 280 -31.77 22.19 3.39
C LYS A 280 -31.60 23.63 3.87
N ALA A 281 -32.09 23.94 5.05
CA ALA A 281 -31.96 25.31 5.58
C ALA A 281 -30.49 25.63 5.77
N VAL A 282 -29.72 24.70 6.32
CA VAL A 282 -28.27 24.96 6.57
C VAL A 282 -27.57 25.25 5.25
N GLU A 283 -27.83 24.47 4.20
CA GLU A 283 -27.14 24.64 2.91
C GLU A 283 -27.51 26.01 2.32
N GLU A 284 -28.76 26.45 2.40
CA GLU A 284 -29.21 27.78 1.87
C GLU A 284 -28.60 28.91 2.71
N MET A 285 -28.41 28.73 4.02
CA MET A 285 -27.78 29.82 4.84
C MET A 285 -26.28 29.88 4.58
N LEU A 286 -25.64 28.77 4.19
CA LEU A 286 -24.23 28.81 3.77
C LEU A 286 -24.11 29.46 2.38
N ARG A 287 -25.09 29.30 1.51
CA ARG A 287 -25.04 29.98 0.18
C ARG A 287 -25.34 31.48 0.37
N TYR A 288 -26.31 31.82 1.21
CA TYR A 288 -27.00 33.14 1.20
C TYR A 288 -26.45 34.08 2.30
N ARG A 289 -26.05 33.57 3.48
CA ARG A 289 -25.80 34.45 4.65
C ARG A 289 -24.37 34.32 5.20
N PHE A 290 -23.47 33.57 4.59
CA PHE A 290 -22.05 33.60 5.02
C PHE A 290 -21.30 34.65 4.21
N HIS A 291 -20.99 35.80 4.81
CA HIS A 291 -20.22 36.89 4.13
C HIS A 291 -19.08 37.33 5.03
N ILE A 292 -17.96 37.77 4.45
CA ILE A 292 -17.66 37.68 3.04
C ILE A 292 -16.66 36.54 2.83
N SER A 293 -16.92 35.70 1.85
CA SER A 293 -16.05 34.54 1.50
C SER A 293 -15.20 34.96 0.31
N ARG A 294 -13.90 35.06 0.52
CA ARG A 294 -12.96 35.36 -0.58
C ARG A 294 -11.62 34.71 -0.26
N ARG A 295 -11.02 34.12 -1.28
CA ARG A 295 -9.71 33.47 -1.19
C ARG A 295 -8.82 33.99 -2.31
N ASP A 296 -7.53 34.16 -2.02
CA ASP A 296 -6.60 34.64 -3.06
C ASP A 296 -5.75 33.49 -3.58
N ARG A 297 -5.25 33.68 -4.79
CA ARG A 297 -4.30 32.79 -5.46
C ARG A 297 -3.30 33.70 -6.18
N THR A 298 -2.14 33.16 -6.47
CA THR A 298 -1.08 33.84 -7.23
C THR A 298 -0.95 33.14 -8.58
N VAL A 299 -0.95 33.90 -9.66
CA VAL A 299 -0.88 33.28 -11.01
C VAL A 299 0.49 32.60 -11.15
N LYS A 300 0.48 31.34 -11.55
CA LYS A 300 1.70 30.49 -11.63
C LYS A 300 2.28 30.52 -13.05
N GLN A 301 1.42 30.74 -14.03
CA GLN A 301 1.78 30.73 -15.48
C GLN A 301 0.91 31.77 -16.16
N ASP A 302 1.50 32.55 -17.06
CA ASP A 302 0.71 33.48 -17.91
C ASP A 302 -0.50 32.74 -18.49
N ASN A 303 -1.65 33.41 -18.57
CA ASN A 303 -2.85 32.76 -19.15
C ASN A 303 -3.96 33.77 -19.37
N GLU A 304 -5.00 33.38 -20.12
CA GLU A 304 -6.19 34.24 -20.27
C GLU A 304 -7.41 33.40 -19.98
N LEU A 305 -7.29 32.46 -19.02
CA LEU A 305 -8.43 31.57 -18.64
C LEU A 305 -9.66 32.36 -18.15
N LEU A 306 -9.46 33.54 -17.54
CA LEU A 306 -10.54 34.40 -16.98
C LEU A 306 -10.96 35.47 -18.00
N GLY A 307 -10.51 35.37 -19.25
CA GLY A 307 -10.92 36.31 -20.32
C GLY A 307 -9.97 37.49 -20.46
N VAL A 308 -9.12 37.73 -19.48
CA VAL A 308 -8.10 38.84 -19.45
C VAL A 308 -6.75 38.17 -19.41
N LYS A 309 -5.74 38.80 -20.02
CA LYS A 309 -4.34 38.31 -19.95
C LYS A 309 -3.81 38.53 -18.53
N LEU A 310 -3.40 37.44 -17.87
CA LEU A 310 -2.73 37.51 -16.56
C LEU A 310 -1.31 37.02 -16.72
N LYS A 311 -0.43 37.55 -15.87
CA LYS A 311 1.01 37.26 -15.85
C LYS A 311 1.35 36.57 -14.55
N LYS A 312 2.28 35.65 -14.67
CA LYS A 312 2.90 34.98 -13.51
C LYS A 312 3.22 36.04 -12.45
N GLY A 313 2.80 35.79 -11.21
CA GLY A 313 2.95 36.71 -10.08
C GLY A 313 1.73 37.59 -9.84
N ASP A 314 0.79 37.71 -10.77
CA ASP A 314 -0.43 38.53 -10.49
C ASP A 314 -1.22 37.85 -9.37
N VAL A 315 -1.93 38.62 -8.57
CA VAL A 315 -2.79 38.06 -7.49
C VAL A 315 -4.25 38.15 -7.94
N VAL A 316 -4.96 37.04 -7.80
CA VAL A 316 -6.41 37.01 -8.10
C VAL A 316 -7.17 36.71 -6.80
N ILE A 317 -8.17 37.50 -6.50
CA ILE A 317 -9.09 37.23 -5.38
C ILE A 317 -10.39 36.69 -5.97
N ALA A 318 -10.82 35.51 -5.51
CA ALA A 318 -12.06 34.82 -5.92
C ALA A 318 -13.10 35.09 -4.83
N TRP A 319 -14.16 35.86 -5.14
CA TRP A 319 -15.17 36.30 -4.16
C TRP A 319 -16.29 35.26 -4.15
N MET A 320 -16.12 34.19 -3.39
CA MET A 320 -17.13 33.08 -3.37
C MET A 320 -18.52 33.56 -2.96
N SER A 321 -18.66 34.45 -1.97
CA SER A 321 -20.00 34.91 -1.49
CA SER A 321 -20.00 34.85 -1.49
C SER A 321 -20.74 35.60 -2.62
N ALA A 322 -20.01 36.32 -3.49
CA ALA A 322 -20.60 36.96 -4.68
C ALA A 322 -21.07 35.91 -5.68
N CYS A 323 -20.26 34.88 -5.95
CA CYS A 323 -20.54 33.90 -7.00
C CYS A 323 -21.70 33.01 -6.52
N ASN A 324 -21.94 32.97 -5.20
CA ASN A 324 -23.09 32.21 -4.63
C ASN A 324 -24.39 32.94 -5.00
N MET A 325 -24.30 34.16 -5.56
CA MET A 325 -25.52 34.91 -5.98
C MET A 325 -25.48 35.19 -7.50
N ASP A 326 -24.76 34.34 -8.21
CA ASP A 326 -24.66 34.39 -9.71
C ASP A 326 -25.87 33.64 -10.26
N GLU A 327 -26.77 34.39 -10.89
CA GLU A 327 -28.05 33.88 -11.44
CA GLU A 327 -28.05 33.86 -11.42
C GLU A 327 -27.80 32.78 -12.49
N THR A 328 -26.61 32.70 -13.11
CA THR A 328 -26.34 31.58 -14.06
C THR A 328 -26.31 30.23 -13.34
N MET A 329 -26.02 30.21 -12.03
CA MET A 329 -25.98 28.93 -11.29
C MET A 329 -27.16 28.80 -10.29
N PHE A 330 -27.64 29.92 -9.76
CA PHE A 330 -28.65 29.99 -8.68
C PHE A 330 -29.84 30.83 -9.15
N GLU A 331 -30.96 30.19 -9.49
CA GLU A 331 -32.21 30.90 -9.88
C GLU A 331 -32.65 31.83 -8.75
N ASN A 332 -33.12 33.03 -9.06
CA ASN A 332 -33.65 33.95 -8.02
C ASN A 332 -32.63 34.07 -6.89
N PRO A 333 -31.38 34.47 -7.20
CA PRO A 333 -30.25 34.26 -6.29
C PRO A 333 -30.27 35.14 -5.05
N PHE A 334 -30.98 36.28 -5.11
CA PHE A 334 -31.02 37.27 -4.02
C PHE A 334 -32.18 36.94 -3.07
N SER A 335 -32.89 35.84 -3.30
CA SER A 335 -34.02 35.37 -2.46
C SER A 335 -33.55 34.14 -1.67
N VAL A 336 -34.11 33.96 -0.48
CA VAL A 336 -33.98 32.69 0.27
C VAL A 336 -34.89 31.64 -0.36
N ASP A 337 -34.32 30.53 -0.77
CA ASP A 337 -35.12 29.39 -1.23
C ASP A 337 -34.44 28.08 -0.83
N ILE A 338 -34.94 27.40 0.20
CA ILE A 338 -34.21 26.19 0.69
C ILE A 338 -34.48 25.02 -0.26
N HIS A 339 -35.43 25.19 -1.21
CA HIS A 339 -35.79 24.13 -2.18
C HIS A 339 -35.08 24.30 -3.53
N ARG A 340 -34.26 25.35 -3.69
CA ARG A 340 -33.52 25.56 -4.95
C ARG A 340 -32.60 24.35 -5.16
N PRO A 341 -32.71 23.61 -6.28
CA PRO A 341 -32.00 22.34 -6.36
C PRO A 341 -30.49 22.48 -6.55
N THR A 342 -29.98 23.68 -6.83
CA THR A 342 -28.54 23.94 -7.05
C THR A 342 -27.84 24.37 -5.76
N ASN A 343 -28.52 24.46 -4.62
CA ASN A 343 -27.92 25.11 -3.44
C ASN A 343 -26.60 24.43 -3.06
N LYS A 344 -26.49 23.12 -3.23
CA LYS A 344 -25.30 22.31 -2.83
C LYS A 344 -24.10 22.71 -3.69
N LYS A 345 -24.28 23.51 -4.75
CA LYS A 345 -23.14 23.98 -5.59
C LYS A 345 -22.50 25.27 -5.05
N HIS A 346 -22.92 25.82 -3.91
CA HIS A 346 -22.26 27.05 -3.43
C HIS A 346 -20.78 26.75 -3.16
N LEU A 347 -19.98 27.81 -3.15
CA LEU A 347 -18.50 27.68 -3.05
C LEU A 347 -18.03 28.20 -1.69
N THR A 348 -18.90 28.25 -0.67
CA THR A 348 -18.53 28.76 0.69
C THR A 348 -17.41 27.93 1.31
N PHE A 349 -17.27 26.68 0.90
CA PHE A 349 -16.21 25.79 1.42
C PHE A 349 -15.05 25.66 0.44
N GLY A 350 -15.07 26.42 -0.65
CA GLY A 350 -14.01 26.27 -1.65
C GLY A 350 -14.33 25.22 -2.68
N ASN A 351 -13.29 24.78 -3.35
CA ASN A 351 -13.40 23.84 -4.49
C ASN A 351 -12.00 23.36 -4.83
N GLY A 352 -11.82 22.05 -5.02
CA GLY A 352 -10.52 21.51 -5.49
C GLY A 352 -9.74 21.01 -4.30
N PRO A 353 -8.40 20.99 -4.39
CA PRO A 353 -7.56 20.35 -3.39
C PRO A 353 -7.77 20.90 -1.98
N HIS A 354 -8.02 22.20 -1.86
CA HIS A 354 -8.12 22.85 -0.52
C HIS A 354 -9.54 22.82 0.02
N PHE A 355 -10.47 22.15 -0.64
CA PHE A 355 -11.89 22.13 -0.22
C PHE A 355 -11.94 21.79 1.27
N CYS A 356 -12.67 22.61 2.00
CA CYS A 356 -12.72 22.61 3.48
C CYS A 356 -12.76 21.17 3.99
N LEU A 357 -11.76 20.80 4.79
CA LEU A 357 -11.71 19.49 5.47
C LEU A 357 -12.83 19.41 6.52
N GLY A 358 -13.26 20.54 7.07
CA GLY A 358 -14.28 20.66 8.13
C GLY A 358 -15.68 20.73 7.58
N ALA A 359 -15.90 20.70 6.27
CA ALA A 359 -17.25 21.00 5.72
C ALA A 359 -18.31 20.04 6.29
N PRO A 360 -18.08 18.72 6.31
CA PRO A 360 -19.07 17.83 6.95
C PRO A 360 -19.32 18.17 8.42
N LEU A 361 -18.26 18.54 9.15
CA LEU A 361 -18.45 18.85 10.59
C LEU A 361 -19.23 20.15 10.72
N ALA A 362 -18.88 21.15 9.92
CA ALA A 362 -19.58 22.45 9.98
C ALA A 362 -21.06 22.26 9.71
N ARG A 363 -21.40 21.49 8.68
CA ARG A 363 -22.80 21.22 8.29
C ARG A 363 -23.50 20.45 9.40
N LEU A 364 -22.78 19.53 10.05
CA LEU A 364 -23.35 18.73 11.16
C LEU A 364 -23.63 19.64 12.37
N GLU A 365 -22.70 20.53 12.72
CA GLU A 365 -22.88 21.43 13.86
C GLU A 365 -24.08 22.33 13.61
N MET A 366 -24.19 22.90 12.41
CA MET A 366 -25.28 23.85 12.12
C MET A 366 -26.61 23.06 12.12
N LYS A 367 -26.66 21.87 11.54
CA LYS A 367 -27.89 21.05 11.56
C LYS A 367 -28.33 20.71 13.00
N ILE A 368 -27.39 20.28 13.83
CA ILE A 368 -27.73 19.78 15.18
C ILE A 368 -28.18 20.96 16.04
N ILE A 369 -27.50 22.12 16.01
CA ILE A 369 -27.93 23.28 16.83
C ILE A 369 -29.31 23.78 16.34
N LEU A 370 -29.56 23.78 15.04
CA LEU A 370 -30.87 24.21 14.47
C LEU A 370 -31.97 23.24 14.93
N GLU A 371 -31.71 21.94 14.83
CA GLU A 371 -32.69 20.89 15.22
C GLU A 371 -33.00 21.03 16.73
N ALA A 372 -31.98 21.16 17.60
CA ALA A 372 -32.21 21.33 19.05
C ALA A 372 -33.04 22.58 19.31
N PHE A 373 -32.76 23.66 18.57
CA PHE A 373 -33.46 24.95 18.76
C PHE A 373 -34.93 24.79 18.34
N LEU A 374 -35.18 24.20 17.17
CA LEU A 374 -36.54 23.96 16.66
C LEU A 374 -37.34 23.15 17.67
N GLU A 375 -36.70 22.21 18.37
CA GLU A 375 -37.45 21.38 19.35
C GLU A 375 -37.94 22.24 20.51
N ALA A 376 -37.17 23.24 20.89
CA ALA A 376 -37.44 24.05 22.08
C ALA A 376 -38.42 25.17 21.76
N PHE A 377 -38.28 25.84 20.62
CA PHE A 377 -38.98 27.14 20.39
C PHE A 377 -39.94 27.06 19.22
N SER A 378 -41.19 27.47 19.44
CA SER A 378 -42.25 27.33 18.42
C SER A 378 -42.21 28.54 17.48
N HIS A 379 -41.60 29.66 17.87
CA HIS A 379 -41.68 30.93 17.11
C HIS A 379 -40.60 31.86 17.63
N ILE A 380 -40.01 32.65 16.72
CA ILE A 380 -38.95 33.60 17.08
C ILE A 380 -39.29 34.93 16.41
N GLU A 381 -38.91 36.00 17.05
CA GLU A 381 -39.20 37.38 16.58
C GLU A 381 -38.03 38.29 16.90
N PRO A 382 -37.67 39.23 16.01
CA PRO A 382 -36.63 40.22 16.31
C PRO A 382 -37.18 41.23 17.34
N PHE A 383 -36.26 41.84 18.05
CA PHE A 383 -36.52 43.07 18.85
C PHE A 383 -36.78 44.22 17.87
N GLU A 384 -37.91 44.91 17.99
CA GLU A 384 -38.25 46.04 17.07
C GLU A 384 -37.14 47.09 17.14
N ASP A 385 -36.53 47.25 18.32
CA ASP A 385 -35.52 48.30 18.61
C ASP A 385 -34.08 47.83 18.36
N PHE A 386 -33.84 46.62 17.85
CA PHE A 386 -32.45 46.19 17.58
C PHE A 386 -31.91 47.02 16.43
N GLU A 387 -30.71 47.56 16.63
CA GLU A 387 -29.91 48.32 15.64
C GLU A 387 -28.71 47.47 15.24
N LEU A 388 -28.56 47.23 13.94
CA LEU A 388 -27.49 46.39 13.39
C LEU A 388 -26.13 47.10 13.53
N GLU A 389 -26.04 48.35 13.12
CA GLU A 389 -24.72 49.04 13.00
C GLU A 389 -23.95 48.96 14.32
N PRO A 390 -24.53 49.28 15.50
CA PRO A 390 -23.75 49.25 16.75
C PRO A 390 -23.34 47.86 17.24
N HIS A 391 -23.91 46.81 16.63
CA HIS A 391 -23.73 45.41 17.05
C HIS A 391 -22.99 44.62 15.97
N LEU A 392 -22.13 45.31 15.20
CA LEU A 392 -21.22 44.64 14.25
C LEU A 392 -19.79 45.04 14.65
N THR A 393 -18.85 44.09 14.62
CA THR A 393 -17.42 44.32 14.85
C THR A 393 -16.61 43.71 13.72
N ALA A 394 -15.44 44.31 13.43
CA ALA A 394 -14.54 43.83 12.36
C ALA A 394 -14.11 42.40 12.69
N SER A 395 -14.04 41.57 11.66
CA SER A 395 -13.66 40.15 11.81
C SER A 395 -12.86 39.75 10.58
N ALA A 396 -12.33 38.55 10.56
CA ALA A 396 -11.61 37.99 9.41
C ALA A 396 -12.56 37.95 8.21
N THR A 397 -13.88 37.76 8.40
CA THR A 397 -14.83 37.64 7.28
C THR A 397 -15.42 39.00 6.92
N GLY A 398 -15.09 40.07 7.62
CA GLY A 398 -15.66 41.40 7.30
C GLY A 398 -16.25 42.00 8.56
N GLN A 399 -17.53 41.78 8.82
CA GLN A 399 -18.19 42.24 10.07
C GLN A 399 -18.92 41.05 10.65
N SER A 400 -18.87 40.91 11.97
CA SER A 400 -19.58 39.84 12.70
C SER A 400 -20.48 40.44 13.80
N LEU A 401 -21.63 39.82 14.03
CA LEU A 401 -22.57 40.21 15.12
C LEU A 401 -21.88 40.10 16.47
N THR A 402 -22.01 41.15 17.30
CA THR A 402 -21.57 41.16 18.72
C THR A 402 -22.71 40.73 19.65
N TYR A 403 -23.93 40.71 19.10
CA TYR A 403 -25.19 40.58 19.84
C TYR A 403 -26.28 40.27 18.82
N LEU A 404 -27.17 39.37 19.15
CA LEU A 404 -28.36 39.14 18.28
C LEU A 404 -29.51 38.69 19.16
N PRO A 405 -30.34 39.66 19.63
CA PRO A 405 -31.48 39.32 20.45
C PRO A 405 -32.67 38.79 19.65
N MET A 406 -33.45 37.97 20.32
CA MET A 406 -34.75 37.53 19.77
C MET A 406 -35.69 37.18 20.91
N THR A 407 -36.97 37.42 20.70
CA THR A 407 -38.03 36.92 21.57
C THR A 407 -38.35 35.51 21.09
N VAL A 408 -38.51 34.58 22.02
CA VAL A 408 -38.80 33.18 21.67
C VAL A 408 -40.05 32.75 22.43
N TYR A 409 -40.79 31.85 21.83
CA TYR A 409 -42.01 31.26 22.41
C TYR A 409 -41.91 29.75 22.44
N ARG A 410 -42.70 29.15 23.33
CA ARG A 410 -42.89 27.68 23.43
C ARG A 410 -44.34 27.39 23.08
N HIS A 411 -44.66 26.24 22.48
CA HIS A 411 -46.06 25.88 22.09
C HIS A 411 -46.78 25.27 23.31
N VAL B 5 -15.66 -12.37 -15.53
CA VAL B 5 -14.51 -11.50 -16.00
C VAL B 5 -15.04 -10.08 -16.22
N ILE B 6 -14.37 -9.09 -15.60
CA ILE B 6 -14.60 -7.63 -15.79
C ILE B 6 -13.81 -7.17 -17.01
N PRO B 7 -14.46 -6.57 -18.04
CA PRO B 7 -13.73 -6.03 -19.20
C PRO B 7 -13.02 -4.71 -18.84
N VAL B 8 -11.80 -4.78 -18.29
CA VAL B 8 -11.06 -3.63 -17.71
C VAL B 8 -10.76 -2.58 -18.79
N THR B 9 -10.67 -3.02 -20.06
CA THR B 9 -10.47 -2.14 -21.24
C THR B 9 -11.62 -1.11 -21.36
N GLU B 10 -12.75 -1.35 -20.72
CA GLU B 10 -13.96 -0.47 -20.80
C GLU B 10 -13.86 0.73 -19.84
N ILE B 11 -12.92 0.74 -18.89
CA ILE B 11 -12.86 1.81 -17.85
C ILE B 11 -12.29 3.09 -18.46
N PRO B 12 -11.10 3.07 -19.12
CA PRO B 12 -10.62 4.27 -19.78
C PRO B 12 -11.24 4.60 -21.15
N LYS B 13 -11.78 3.62 -21.88
CA LYS B 13 -12.33 3.75 -23.26
C LYS B 13 -11.42 4.66 -24.10
N PHE B 14 -10.23 4.16 -24.45
CA PHE B 14 -9.20 4.92 -25.19
C PHE B 14 -9.70 5.16 -26.62
N GLN B 15 -9.33 6.27 -27.24
CA GLN B 15 -9.76 6.65 -28.61
C GLN B 15 -8.83 6.01 -29.66
N SER B 16 -7.73 5.39 -29.26
CA SER B 16 -6.69 4.89 -30.20
C SER B 16 -5.86 3.81 -29.49
N ARG B 17 -5.27 2.90 -30.27
CA ARG B 17 -4.30 1.93 -29.70
C ARG B 17 -3.10 2.70 -29.15
N ALA B 18 -2.66 3.77 -29.82
CA ALA B 18 -1.47 4.54 -29.40
C ALA B 18 -1.70 5.06 -27.97
N GLU B 19 -2.89 5.54 -27.69
CA GLU B 19 -3.18 6.09 -26.34
C GLU B 19 -3.12 4.94 -25.32
N GLU B 20 -3.69 3.79 -25.64
CA GLU B 20 -3.70 2.63 -24.72
C GLU B 20 -2.26 2.17 -24.47
N PHE B 21 -1.38 2.30 -25.48
CA PHE B 21 0.05 1.89 -25.40
C PHE B 21 0.78 2.76 -24.37
N PHE B 22 0.36 4.01 -24.21
CA PHE B 22 1.10 4.96 -23.34
C PHE B 22 0.12 6.00 -22.85
N PRO B 23 -0.76 5.65 -21.90
CA PRO B 23 -1.89 6.50 -21.53
C PRO B 23 -1.59 7.57 -20.46
N ILE B 24 -0.50 8.31 -20.65
CA ILE B 24 -0.02 9.28 -19.63
C ILE B 24 -1.03 10.43 -19.50
N GLN B 25 -1.74 10.80 -20.57
CA GLN B 25 -2.78 11.86 -20.50
C GLN B 25 -3.93 11.39 -19.60
N TRP B 26 -4.42 10.16 -19.77
CA TRP B 26 -5.47 9.57 -18.91
C TRP B 26 -4.96 9.41 -17.47
N TYR B 27 -3.72 8.98 -17.25
CA TYR B 27 -3.22 8.85 -15.86
C TYR B 27 -3.28 10.21 -15.14
N LYS B 28 -2.83 11.26 -15.83
CA LYS B 28 -2.75 12.63 -15.30
C LYS B 28 -4.19 13.09 -14.99
N GLU B 29 -5.13 12.80 -15.89
CA GLU B 29 -6.57 13.13 -15.71
C GLU B 29 -7.08 12.44 -14.44
N MET B 30 -6.81 11.16 -14.30
CA MET B 30 -7.32 10.37 -13.16
C MET B 30 -6.63 10.85 -11.87
N LEU B 31 -5.30 11.03 -11.84
CA LEU B 31 -4.57 11.47 -10.62
C LEU B 31 -5.07 12.86 -10.16
N ASN B 32 -5.31 13.77 -11.09
CA ASN B 32 -5.66 15.18 -10.79
C ASN B 32 -7.17 15.33 -10.49
N ASN B 33 -8.06 14.54 -11.11
CA ASN B 33 -9.52 14.86 -11.06
C ASN B 33 -10.32 13.70 -10.45
N SER B 34 -9.77 12.50 -10.38
CA SER B 34 -10.57 11.34 -9.96
C SER B 34 -9.68 10.22 -9.44
N PRO B 35 -8.87 10.42 -8.38
CA PRO B 35 -7.87 9.40 -8.03
C PRO B 35 -8.50 8.17 -7.37
N VAL B 36 -9.71 8.33 -6.82
CA VAL B 36 -10.49 7.19 -6.29
C VAL B 36 -11.85 7.23 -6.99
N TYR B 37 -12.06 6.31 -7.92
CA TYR B 37 -13.04 6.51 -9.01
C TYR B 37 -13.95 5.29 -9.08
N PHE B 38 -15.24 5.54 -8.89
CA PHE B 38 -16.25 4.47 -9.04
C PHE B 38 -16.77 4.44 -10.47
N HIS B 39 -16.59 3.30 -11.14
CA HIS B 39 -16.99 3.12 -12.56
C HIS B 39 -18.30 2.32 -12.59
N GLU B 40 -19.39 2.98 -12.95
CA GLU B 40 -20.77 2.42 -12.83
C GLU B 40 -20.90 1.16 -13.69
N GLU B 41 -20.45 1.19 -14.95
CA GLU B 41 -20.79 0.10 -15.90
C GLU B 41 -20.00 -1.18 -15.57
N THR B 42 -18.79 -1.11 -14.99
CA THR B 42 -18.05 -2.33 -14.56
C THR B 42 -18.27 -2.61 -13.08
N ASN B 43 -18.91 -1.69 -12.34
CA ASN B 43 -19.17 -1.79 -10.88
C ASN B 43 -17.81 -1.99 -10.18
N THR B 44 -16.81 -1.18 -10.55
CA THR B 44 -15.44 -1.21 -9.96
C THR B 44 -15.06 0.13 -9.34
N TRP B 45 -14.37 0.06 -8.21
CA TRP B 45 -13.55 1.16 -7.67
C TRP B 45 -12.17 1.09 -8.31
N ASN B 46 -11.61 2.27 -8.60
CA ASN B 46 -10.32 2.41 -9.32
C ASN B 46 -9.44 3.40 -8.54
N VAL B 47 -8.22 2.98 -8.23
CA VAL B 47 -7.29 3.82 -7.43
C VAL B 47 -6.00 4.02 -8.21
N PHE B 48 -5.48 5.24 -8.15
CA PHE B 48 -4.38 5.71 -9.02
C PHE B 48 -3.22 6.23 -8.19
N GLN B 49 -3.46 6.72 -6.98
CA GLN B 49 -2.38 7.30 -6.17
C GLN B 49 -1.52 6.21 -5.56
N TYR B 50 -0.23 6.52 -5.42
CA TYR B 50 0.79 5.58 -4.89
C TYR B 50 0.37 4.96 -3.55
N GLU B 51 -0.04 5.79 -2.58
CA GLU B 51 -0.31 5.24 -1.22
C GLU B 51 -1.54 4.33 -1.27
N HIS B 52 -2.52 4.60 -2.12
CA HIS B 52 -3.74 3.77 -2.25
C HIS B 52 -3.43 2.47 -3.01
N VAL B 53 -2.71 2.58 -4.12
CA VAL B 53 -2.31 1.37 -4.88
C VAL B 53 -1.51 0.44 -3.97
N LYS B 54 -0.53 0.96 -3.26
CA LYS B 54 0.31 0.11 -2.41
C LYS B 54 -0.54 -0.56 -1.33
N GLN B 55 -1.46 0.17 -0.70
CA GLN B 55 -2.39 -0.37 0.34
CA GLN B 55 -2.32 -0.43 0.35
C GLN B 55 -3.20 -1.52 -0.27
N VAL B 56 -3.79 -1.28 -1.45
CA VAL B 56 -4.66 -2.28 -2.11
C VAL B 56 -3.83 -3.55 -2.44
N LEU B 57 -2.61 -3.39 -2.92
CA LEU B 57 -1.80 -4.56 -3.35
C LEU B 57 -1.38 -5.42 -2.15
N SER B 58 -1.15 -4.81 -0.99
CA SER B 58 -0.41 -5.47 0.12
C SER B 58 -1.31 -5.83 1.31
N ASP B 59 -2.37 -5.05 1.59
CA ASP B 59 -3.16 -5.17 2.85
C ASP B 59 -4.24 -6.25 2.63
N TYR B 60 -3.82 -7.49 2.58
CA TYR B 60 -4.71 -8.60 2.18
C TYR B 60 -5.80 -8.83 3.22
N GLU B 61 -5.65 -8.40 4.47
CA GLU B 61 -6.73 -8.52 5.49
C GLU B 61 -7.96 -7.73 5.02
N PHE B 62 -7.77 -6.67 4.23
CA PHE B 62 -8.86 -5.84 3.70
C PHE B 62 -9.06 -5.99 2.21
N PHE B 63 -8.02 -6.40 1.44
CA PHE B 63 -8.06 -6.41 -0.03
C PHE B 63 -7.55 -7.77 -0.48
N SER B 64 -8.49 -8.66 -0.73
CA SER B 64 -8.19 -10.08 -0.93
C SER B 64 -7.85 -10.33 -2.41
N SER B 65 -6.94 -11.27 -2.64
CA SER B 65 -6.65 -11.76 -4.02
C SER B 65 -7.64 -12.85 -4.44
N ASP B 66 -8.52 -13.33 -3.56
CA ASP B 66 -9.32 -14.56 -3.78
C ASP B 66 -10.80 -14.26 -4.06
N GLY B 67 -11.12 -13.18 -4.79
CA GLY B 67 -12.52 -12.73 -5.01
C GLY B 67 -13.26 -13.54 -6.07
N GLN B 68 -14.58 -13.29 -6.22
CA GLN B 68 -15.50 -13.96 -7.18
C GLN B 68 -15.47 -13.27 -8.56
N ARG B 69 -14.94 -12.04 -8.63
CA ARG B 69 -14.76 -11.25 -9.89
C ARG B 69 -13.26 -10.92 -10.06
N THR B 70 -12.75 -10.91 -11.30
CA THR B 70 -11.37 -10.45 -11.64
C THR B 70 -11.34 -9.77 -13.02
N THR B 71 -10.22 -9.13 -13.32
CA THR B 71 -9.96 -8.38 -14.58
C THR B 71 -9.10 -9.21 -15.54
N ILE B 72 -8.63 -10.38 -15.10
CA ILE B 72 -7.63 -11.22 -15.81
C ILE B 72 -8.20 -11.72 -17.14
N THR B 87 -1.02 -24.68 -10.13
CA THR B 87 -1.47 -23.94 -8.92
C THR B 87 -2.37 -22.76 -9.30
N ASN B 88 -2.83 -22.03 -8.28
CA ASN B 88 -3.68 -20.81 -8.33
C ASN B 88 -3.06 -19.75 -7.40
N LEU B 89 -1.74 -19.77 -7.27
CA LEU B 89 -0.95 -18.98 -6.29
C LEU B 89 -1.39 -17.50 -6.26
N THR B 90 -1.63 -16.90 -7.41
CA THR B 90 -1.95 -15.44 -7.47
C THR B 90 -3.32 -15.18 -6.86
N ASN B 91 -4.15 -16.20 -6.66
CA ASN B 91 -5.50 -16.04 -6.13
C ASN B 91 -5.56 -16.42 -4.65
N LEU B 92 -4.41 -16.70 -4.01
CA LEU B 92 -4.42 -17.10 -2.59
C LEU B 92 -3.99 -15.93 -1.72
N ASP B 93 -4.59 -15.83 -0.54
CA ASP B 93 -4.12 -14.92 0.52
C ASP B 93 -3.33 -15.76 1.51
N PRO B 94 -2.42 -15.17 2.29
CA PRO B 94 -1.94 -15.82 3.52
C PRO B 94 -3.14 -16.14 4.39
N PRO B 95 -3.20 -17.33 5.05
CA PRO B 95 -2.05 -18.23 5.16
C PRO B 95 -1.81 -19.24 4.03
N ASP B 96 -2.84 -19.48 3.21
CA ASP B 96 -2.80 -20.54 2.18
C ASP B 96 -1.70 -20.22 1.14
N HIS B 97 -1.35 -18.95 0.95
CA HIS B 97 -0.35 -18.51 -0.06
C HIS B 97 1.08 -18.96 0.30
N ARG B 98 1.40 -19.01 1.58
CA ARG B 98 2.78 -19.21 2.07
C ARG B 98 3.38 -20.50 1.49
N LYS B 99 2.66 -21.63 1.53
CA LYS B 99 3.23 -22.92 1.08
C LYS B 99 3.55 -22.86 -0.41
N ALA B 100 2.58 -22.47 -1.22
CA ALA B 100 2.71 -22.39 -2.69
C ALA B 100 3.89 -21.45 -3.01
N ARG B 101 3.94 -20.29 -2.38
CA ARG B 101 4.97 -19.25 -2.64
C ARG B 101 6.34 -19.82 -2.28
N SER B 102 6.44 -20.54 -1.16
CA SER B 102 7.76 -21.05 -0.66
CA SER B 102 7.75 -21.07 -0.64
C SER B 102 8.28 -22.14 -1.59
N LEU B 103 7.40 -23.05 -2.02
CA LEU B 103 7.81 -24.14 -2.94
C LEU B 103 8.29 -23.52 -4.25
N LEU B 104 7.54 -22.60 -4.84
CA LEU B 104 7.95 -22.00 -6.13
C LEU B 104 9.26 -21.22 -5.92
N ALA B 105 9.42 -20.56 -4.77
CA ALA B 105 10.60 -19.70 -4.48
C ALA B 105 11.88 -20.53 -4.39
N ALA B 106 11.78 -21.83 -4.16
CA ALA B 106 12.96 -22.72 -4.06
C ALA B 106 13.76 -22.70 -5.38
N ALA B 107 13.11 -22.33 -6.49
CA ALA B 107 13.74 -22.24 -7.83
C ALA B 107 14.39 -20.86 -8.06
N PHE B 108 14.10 -19.86 -7.23
CA PHE B 108 14.53 -18.44 -7.47
C PHE B 108 15.41 -18.02 -6.30
N THR B 109 16.44 -18.77 -6.00
CA THR B 109 17.35 -18.41 -4.89
C THR B 109 18.38 -17.38 -5.34
N HIS B 110 19.10 -16.81 -4.40
CA HIS B 110 20.25 -15.92 -4.68
C HIS B 110 21.28 -16.70 -5.48
N ARG B 111 21.57 -17.94 -5.09
CA ARG B 111 22.57 -18.78 -5.77
C ARG B 111 22.13 -19.01 -7.22
N SER B 112 20.86 -19.35 -7.49
CA SER B 112 20.43 -19.58 -8.88
CA SER B 112 20.41 -19.58 -8.88
C SER B 112 20.56 -18.29 -9.72
N LEU B 113 20.17 -17.12 -9.18
CA LEU B 113 20.26 -15.83 -9.93
C LEU B 113 21.73 -15.54 -10.27
N LYS B 114 22.65 -15.91 -9.38
CA LYS B 114 24.08 -15.69 -9.66
C LYS B 114 24.58 -16.64 -10.77
N ASN B 115 24.11 -17.87 -10.75
CA ASN B 115 24.53 -18.91 -11.72
C ASN B 115 23.88 -18.66 -13.08
N TRP B 116 22.70 -18.04 -13.10
CA TRP B 116 21.95 -17.82 -14.37
C TRP B 116 22.61 -16.71 -15.18
N GLU B 117 23.31 -15.80 -14.53
CA GLU B 117 23.80 -14.59 -15.23
C GLU B 117 24.68 -14.97 -16.42
N PRO B 118 25.75 -15.79 -16.25
CA PRO B 118 26.58 -16.13 -17.43
C PRO B 118 25.81 -16.91 -18.51
N ARG B 119 24.80 -17.70 -18.13
CA ARG B 119 23.97 -18.47 -19.09
C ARG B 119 23.11 -17.51 -19.93
N ILE B 120 22.53 -16.51 -19.28
CA ILE B 120 21.66 -15.52 -19.95
C ILE B 120 22.56 -14.62 -20.80
N LYS B 121 23.76 -14.32 -20.33
CA LYS B 121 24.72 -13.50 -21.11
CA LYS B 121 24.73 -13.51 -21.11
C LYS B 121 25.06 -14.21 -22.43
N GLN B 122 25.26 -15.51 -22.39
CA GLN B 122 25.61 -16.24 -23.64
C GLN B 122 24.42 -16.17 -24.61
N ILE B 123 23.18 -16.30 -24.10
CA ILE B 123 21.98 -16.25 -24.99
C ILE B 123 21.93 -14.87 -25.63
N ALA B 124 22.11 -13.81 -24.83
CA ALA B 124 22.05 -12.43 -25.36
C ALA B 124 23.18 -12.19 -26.38
N ALA B 125 24.40 -12.59 -26.06
CA ALA B 125 25.58 -12.54 -26.96
C ALA B 125 25.23 -13.15 -28.32
N ASP B 126 24.60 -14.33 -28.34
CA ASP B 126 24.26 -15.03 -29.62
C ASP B 126 23.16 -14.28 -30.39
N LEU B 127 22.17 -13.72 -29.71
CA LEU B 127 21.08 -12.97 -30.41
C LEU B 127 21.68 -11.69 -31.01
N VAL B 128 22.53 -10.99 -30.25
CA VAL B 128 23.10 -9.70 -30.75
C VAL B 128 24.10 -10.02 -31.85
N GLU B 129 24.84 -11.11 -31.72
CA GLU B 129 25.86 -11.51 -32.72
C GLU B 129 25.17 -11.71 -34.06
N ALA B 130 23.94 -12.22 -34.06
CA ALA B 130 23.21 -12.44 -35.32
C ALA B 130 22.95 -11.11 -36.04
N ILE B 131 22.79 -9.99 -35.32
CA ILE B 131 22.39 -8.68 -35.93
C ILE B 131 23.54 -7.68 -35.91
N GLN B 132 24.72 -8.11 -35.51
CA GLN B 132 25.87 -7.24 -35.27
C GLN B 132 26.24 -6.40 -36.51
N LYS B 133 26.05 -6.92 -37.72
CA LYS B 133 26.41 -6.23 -38.98
C LYS B 133 25.15 -5.68 -39.68
N ASN B 134 24.01 -5.74 -39.06
CA ASN B 134 22.77 -5.18 -39.64
C ASN B 134 22.85 -3.67 -39.69
N PRO B 135 22.40 -3.04 -40.81
CA PRO B 135 22.18 -1.61 -40.83
C PRO B 135 20.88 -1.22 -40.13
N THR B 136 19.86 -2.11 -40.18
CA THR B 136 18.57 -1.84 -39.54
C THR B 136 18.18 -3.14 -38.87
N ILE B 137 17.43 -3.02 -37.77
CA ILE B 137 16.96 -4.21 -37.01
C ILE B 137 15.49 -4.03 -36.70
N ASN B 138 14.87 -5.09 -36.22
CA ASN B 138 13.48 -5.12 -35.78
C ASN B 138 13.54 -5.63 -34.34
N ILE B 139 13.40 -4.74 -33.37
CA ILE B 139 13.62 -5.15 -31.97
C ILE B 139 12.73 -6.34 -31.63
N VAL B 140 11.48 -6.33 -32.13
CA VAL B 140 10.48 -7.34 -31.72
C VAL B 140 10.96 -8.71 -32.21
N ASP B 141 11.19 -8.91 -33.52
CA ASP B 141 11.59 -10.24 -34.02
C ASP B 141 13.03 -10.60 -33.66
N ASP B 142 13.92 -9.61 -33.58
CA ASP B 142 15.38 -9.89 -33.42
C ASP B 142 15.72 -10.10 -31.94
N LEU B 143 14.98 -9.49 -31.01
CA LEU B 143 15.44 -9.47 -29.61
C LEU B 143 14.30 -9.70 -28.62
N SER B 144 13.28 -8.83 -28.58
CA SER B 144 12.37 -8.76 -27.43
C SER B 144 11.46 -10.00 -27.41
N SER B 145 10.99 -10.44 -28.58
CA SER B 145 10.15 -11.66 -28.65
C SER B 145 10.98 -12.91 -28.32
N PRO B 146 12.10 -13.23 -29.01
CA PRO B 146 12.80 -14.48 -28.74
C PRO B 146 13.51 -14.59 -27.38
N PHE B 147 14.10 -13.50 -26.91
CA PHE B 147 15.05 -13.59 -25.77
C PHE B 147 14.38 -14.21 -24.53
N PRO B 148 13.26 -13.73 -23.96
CA PRO B 148 12.73 -14.29 -22.73
C PRO B 148 12.29 -15.77 -22.82
N SER B 149 11.87 -16.23 -24.02
CA SER B 149 11.56 -17.65 -24.31
C SER B 149 12.83 -18.48 -24.32
N LEU B 150 13.87 -18.04 -25.00
CA LEU B 150 15.17 -18.74 -24.98
C LEU B 150 15.68 -18.84 -23.54
N VAL B 151 15.60 -17.74 -22.80
CA VAL B 151 16.12 -17.72 -21.41
C VAL B 151 15.32 -18.75 -20.58
N ILE B 152 13.99 -18.72 -20.64
CA ILE B 152 13.22 -19.57 -19.67
C ILE B 152 13.40 -21.05 -20.06
N ALA B 153 13.58 -21.35 -21.34
CA ALA B 153 13.83 -22.73 -21.78
C ALA B 153 15.15 -23.23 -21.18
N ASP B 154 16.20 -22.41 -21.24
CA ASP B 154 17.50 -22.75 -20.63
C ASP B 154 17.36 -22.91 -19.12
N LEU B 155 16.65 -22.01 -18.46
CA LEU B 155 16.57 -22.03 -16.99
C LEU B 155 15.71 -23.23 -16.58
N PHE B 156 14.71 -23.60 -17.39
CA PHE B 156 13.89 -24.80 -17.05
C PHE B 156 14.75 -26.05 -17.11
N GLY B 157 15.72 -26.06 -18.02
CA GLY B 157 16.61 -27.21 -18.24
C GLY B 157 16.06 -28.12 -19.32
N VAL B 158 15.24 -27.61 -20.23
CA VAL B 158 14.62 -28.50 -21.26
C VAL B 158 15.72 -28.87 -22.25
N PRO B 159 15.65 -30.04 -22.93
CA PRO B 159 16.72 -30.45 -23.84
C PRO B 159 17.07 -29.33 -24.84
N VAL B 160 18.36 -29.26 -25.18
CA VAL B 160 18.99 -28.18 -26.01
C VAL B 160 18.22 -28.02 -27.35
N LYS B 161 17.75 -29.13 -27.94
CA LYS B 161 17.03 -29.17 -29.25
C LYS B 161 15.77 -28.28 -29.23
N ASP B 162 15.02 -28.24 -28.13
CA ASP B 162 13.64 -27.66 -28.08
C ASP B 162 13.67 -26.15 -27.83
N ARG B 163 14.83 -25.57 -27.51
CA ARG B 163 15.02 -24.17 -27.01
C ARG B 163 14.44 -23.17 -28.02
N PHE B 166 10.02 -23.39 -28.71
CA PHE B 166 9.52 -23.15 -27.33
C PHE B 166 8.76 -21.80 -27.22
N LYS B 167 9.05 -20.88 -28.15
CA LYS B 167 8.42 -19.53 -28.25
C LYS B 167 6.96 -19.68 -28.73
N LYS B 168 6.69 -20.65 -29.59
CA LYS B 168 5.33 -21.00 -30.08
C LYS B 168 4.38 -21.19 -28.89
N TRP B 169 4.90 -21.67 -27.76
CA TRP B 169 4.10 -22.13 -26.58
C TRP B 169 3.28 -20.96 -26.01
N VAL B 170 3.93 -19.84 -25.68
CA VAL B 170 3.31 -18.65 -25.04
C VAL B 170 2.33 -17.98 -26.02
N ASP B 171 2.73 -17.87 -27.29
CA ASP B 171 1.88 -17.34 -28.39
C ASP B 171 0.55 -18.10 -28.30
N ILE B 172 0.64 -19.43 -28.39
CA ILE B 172 -0.48 -20.42 -28.34
C ILE B 172 -1.12 -20.40 -26.94
N LEU B 173 -0.33 -20.59 -25.87
CA LEU B 173 -0.82 -20.68 -24.47
C LEU B 173 -1.64 -19.43 -24.11
N PHE B 174 -1.12 -18.25 -24.43
CA PHE B 174 -1.84 -16.95 -24.27
C PHE B 174 -2.32 -16.51 -25.66
N GLU B 183 -14.39 -14.30 -26.90
CA GLU B 183 -14.44 -15.57 -26.12
C GLU B 183 -14.35 -16.76 -27.08
N GLU B 184 -14.71 -17.97 -26.61
CA GLU B 184 -14.85 -19.24 -27.38
C GLU B 184 -13.54 -19.59 -28.10
N ILE B 185 -12.41 -19.12 -27.56
CA ILE B 185 -11.00 -19.43 -27.99
C ILE B 185 -10.37 -20.36 -26.94
N GLU B 186 -11.02 -20.51 -25.78
CA GLU B 186 -10.62 -21.44 -24.69
C GLU B 186 -10.55 -22.89 -25.22
N GLN B 187 -10.98 -23.14 -26.46
CA GLN B 187 -10.65 -24.37 -27.22
C GLN B 187 -9.14 -24.37 -27.50
N GLU B 188 -8.65 -23.29 -28.09
CA GLU B 188 -7.22 -23.12 -28.47
C GLU B 188 -6.34 -23.31 -27.22
N LYS B 189 -6.74 -22.70 -26.10
CA LYS B 189 -5.99 -22.60 -24.82
C LYS B 189 -6.11 -23.91 -24.01
N GLN B 190 -7.24 -24.60 -24.15
CA GLN B 190 -7.45 -25.99 -23.64
C GLN B 190 -6.48 -26.93 -24.37
N ARG B 191 -6.49 -26.93 -25.71
CA ARG B 191 -5.64 -27.78 -26.59
C ARG B 191 -4.15 -27.52 -26.34
N ALA B 192 -3.79 -26.23 -26.26
CA ALA B 192 -2.40 -25.75 -26.06
C ALA B 192 -1.86 -26.35 -24.74
N GLY B 193 -2.65 -26.15 -23.69
CA GLY B 193 -2.37 -26.61 -22.32
C GLY B 193 -2.08 -28.09 -22.31
N ALA B 194 -2.92 -28.90 -22.98
CA ALA B 194 -2.76 -30.38 -23.09
C ALA B 194 -1.50 -30.73 -23.88
N GLU B 195 -1.13 -29.98 -24.92
CA GLU B 195 0.10 -30.29 -25.70
C GLU B 195 1.35 -30.01 -24.84
N TYR B 196 1.35 -28.88 -24.13
CA TYR B 196 2.50 -28.49 -23.27
C TYR B 196 2.66 -29.57 -22.19
N PHE B 197 1.56 -29.99 -21.60
CA PHE B 197 1.61 -30.99 -20.49
C PHE B 197 2.28 -32.26 -21.02
N GLN B 198 1.82 -32.73 -22.19
CA GLN B 198 2.32 -34.00 -22.77
C GLN B 198 3.81 -33.89 -23.09
N TYR B 199 4.22 -32.71 -23.58
CA TYR B 199 5.66 -32.37 -23.78
C TYR B 199 6.44 -32.40 -22.46
N LEU B 200 6.04 -31.65 -21.43
CA LEU B 200 6.94 -31.49 -20.23
C LEU B 200 6.87 -32.64 -19.21
N TYR B 201 5.73 -33.29 -19.03
CA TYR B 201 5.55 -34.26 -17.92
C TYR B 201 6.67 -35.30 -17.96
N PRO B 202 6.98 -35.96 -19.10
CA PRO B 202 8.09 -36.89 -19.14
C PRO B 202 9.46 -36.25 -18.84
N ILE B 203 9.66 -34.98 -19.16
CA ILE B 203 10.93 -34.27 -18.77
C ILE B 203 11.02 -34.17 -17.25
N VAL B 204 9.92 -33.84 -16.55
CA VAL B 204 9.93 -33.73 -15.07
C VAL B 204 10.28 -35.10 -14.46
N ILE B 205 9.67 -36.18 -14.94
CA ILE B 205 9.89 -37.57 -14.41
C ILE B 205 11.38 -37.91 -14.52
N GLU B 206 11.95 -37.68 -15.70
CA GLU B 206 13.37 -37.97 -16.01
C GLU B 206 14.28 -37.09 -15.13
N LYS B 207 13.96 -35.81 -14.93
CA LYS B 207 14.83 -34.98 -14.04
C LYS B 207 14.76 -35.48 -12.59
N ARG B 208 13.61 -36.02 -12.16
CA ARG B 208 13.49 -36.50 -10.76
C ARG B 208 14.64 -37.48 -10.49
N SER B 209 15.12 -38.20 -11.52
CA SER B 209 16.18 -39.24 -11.41
C SER B 209 17.53 -38.73 -11.92
N ASN B 210 17.58 -37.52 -12.50
CA ASN B 210 18.79 -36.93 -13.10
C ASN B 210 18.74 -35.41 -12.88
N LEU B 211 18.98 -34.98 -11.63
CA LEU B 211 18.85 -33.58 -11.13
C LEU B 211 20.03 -32.74 -11.65
N SER B 212 19.75 -31.52 -12.12
CA SER B 212 20.79 -30.57 -12.59
C SER B 212 20.46 -29.20 -12.01
N ASP B 213 21.25 -28.17 -12.30
CA ASP B 213 21.03 -26.81 -11.75
C ASP B 213 20.04 -26.10 -12.67
N ASP B 214 18.77 -26.45 -12.52
CA ASP B 214 17.71 -25.79 -13.31
C ASP B 214 16.43 -25.67 -12.49
N ILE B 215 15.47 -24.94 -13.03
CA ILE B 215 14.24 -24.63 -12.25
C ILE B 215 13.49 -25.94 -11.97
N ILE B 216 13.38 -26.82 -12.96
CA ILE B 216 12.53 -28.02 -12.80
C ILE B 216 13.13 -28.88 -11.66
N SER B 217 14.46 -29.02 -11.60
CA SER B 217 15.16 -29.81 -10.56
C SER B 217 14.99 -29.14 -9.19
N ASP B 218 15.01 -27.81 -9.14
CA ASP B 218 14.80 -27.10 -7.84
C ASP B 218 13.35 -27.25 -7.38
N LEU B 219 12.38 -27.27 -8.30
CA LEU B 219 10.97 -27.50 -7.91
C LEU B 219 10.78 -28.94 -7.42
N ILE B 220 11.44 -29.90 -8.05
CA ILE B 220 11.41 -31.31 -7.55
C ILE B 220 11.89 -31.37 -6.09
N GLN B 221 12.99 -30.70 -5.75
CA GLN B 221 13.64 -30.78 -4.43
C GLN B 221 12.91 -29.89 -3.41
N ALA B 222 12.00 -29.01 -3.80
CA ALA B 222 11.40 -28.00 -2.89
C ALA B 222 10.60 -28.73 -1.79
N GLU B 223 10.60 -28.21 -0.56
CA GLU B 223 9.85 -28.82 0.57
C GLU B 223 9.34 -27.70 1.48
N PHE B 224 8.11 -27.85 2.00
CA PHE B 224 7.50 -26.92 2.98
C PHE B 224 6.70 -27.71 4.03
N ASP B 225 7.16 -27.71 5.27
CA ASP B 225 6.45 -28.39 6.39
C ASP B 225 6.16 -29.83 5.93
N GLY B 226 7.18 -30.48 5.36
CA GLY B 226 7.15 -31.84 4.80
C GLY B 226 6.42 -31.95 3.48
N GLU B 227 5.71 -30.91 3.00
CA GLU B 227 4.87 -30.97 1.78
C GLU B 227 5.76 -30.68 0.56
N THR B 228 5.50 -31.39 -0.56
CA THR B 228 6.29 -31.29 -1.80
C THR B 228 5.31 -31.23 -2.96
N PHE B 229 5.79 -30.76 -4.11
CA PHE B 229 5.03 -30.80 -5.38
C PHE B 229 5.05 -32.22 -5.94
N THR B 230 3.94 -32.64 -6.51
CA THR B 230 3.87 -33.78 -7.45
C THR B 230 4.41 -33.36 -8.83
N ASP B 231 4.76 -34.34 -9.65
CA ASP B 231 5.22 -34.14 -11.04
C ASP B 231 4.21 -33.27 -11.78
N GLU B 232 2.92 -33.52 -11.58
CA GLU B 232 1.88 -32.82 -12.34
C GLU B 232 1.78 -31.37 -11.87
N GLU B 233 1.98 -31.13 -10.58
CA GLU B 233 2.00 -29.76 -10.01
C GLU B 233 3.23 -29.01 -10.55
N ILE B 234 4.35 -29.70 -10.77
CA ILE B 234 5.60 -29.07 -11.30
C ILE B 234 5.36 -28.66 -12.75
N VAL B 235 4.65 -29.46 -13.54
CA VAL B 235 4.29 -29.00 -14.92
C VAL B 235 3.43 -27.73 -14.85
N HIS B 236 2.39 -27.71 -14.02
CA HIS B 236 1.54 -26.51 -13.88
C HIS B 236 2.37 -25.32 -13.38
N ALA B 237 3.32 -25.55 -12.48
CA ALA B 237 4.19 -24.49 -11.94
C ALA B 237 4.99 -23.89 -13.11
N THR B 238 5.49 -24.70 -14.05
CA THR B 238 6.28 -24.15 -15.16
C THR B 238 5.32 -23.36 -16.04
N MET B 239 4.08 -23.80 -16.20
CA MET B 239 3.12 -23.09 -17.09
C MET B 239 2.79 -21.73 -16.47
N LEU B 240 2.71 -21.67 -15.17
CA LEU B 240 2.49 -20.41 -14.43
C LEU B 240 3.67 -19.48 -14.73
N LEU B 241 4.90 -19.99 -14.64
CA LEU B 241 6.11 -19.16 -14.89
C LEU B 241 6.14 -18.68 -16.35
N LEU B 242 5.77 -19.53 -17.32
CA LEU B 242 5.69 -19.09 -18.74
C LEU B 242 4.68 -17.96 -18.89
N GLY B 243 3.52 -18.06 -18.24
CA GLY B 243 2.47 -17.05 -18.40
C GLY B 243 2.85 -15.78 -17.67
N ALA B 244 3.65 -15.89 -16.61
CA ALA B 244 4.07 -14.73 -15.77
C ALA B 244 5.26 -13.99 -16.40
N GLY B 245 6.15 -14.72 -17.05
CA GLY B 245 7.56 -14.33 -17.19
C GLY B 245 8.01 -14.12 -18.62
N VAL B 246 7.19 -14.43 -19.62
CA VAL B 246 7.71 -14.42 -21.00
C VAL B 246 7.19 -13.16 -21.69
N GLU B 247 5.88 -13.08 -21.91
CA GLU B 247 5.30 -11.91 -22.66
C GLU B 247 5.49 -10.58 -21.89
N THR B 248 5.40 -10.60 -20.56
CA THR B 248 5.66 -9.42 -19.71
C THR B 248 7.08 -8.95 -20.01
N THR B 249 8.05 -9.85 -19.91
CA THR B 249 9.46 -9.46 -20.13
C THR B 249 9.67 -8.96 -21.56
N SER B 250 9.05 -9.62 -22.55
CA SER B 250 9.16 -9.21 -23.98
C SER B 250 8.65 -7.77 -24.11
N HIS B 251 7.49 -7.50 -23.55
CA HIS B 251 6.83 -6.17 -23.61
C HIS B 251 7.75 -5.13 -22.99
N ALA B 252 8.32 -5.47 -21.83
CA ALA B 252 9.19 -4.56 -21.09
C ALA B 252 10.42 -4.24 -21.93
N ILE B 253 11.05 -5.24 -22.53
CA ILE B 253 12.24 -5.01 -23.38
C ILE B 253 11.86 -4.17 -24.60
N ALA B 254 10.77 -4.54 -25.32
CA ALA B 254 10.39 -3.79 -26.53
C ALA B 254 10.16 -2.31 -26.15
N ASN B 255 9.48 -2.05 -25.04
CA ASN B 255 9.10 -0.69 -24.64
C ASN B 255 10.34 0.10 -24.16
N MET B 256 11.32 -0.60 -23.60
CA MET B 256 12.62 0.04 -23.22
C MET B 256 13.31 0.57 -24.47
N PHE B 257 13.44 -0.27 -25.51
CA PHE B 257 14.06 0.20 -26.78
C PHE B 257 13.20 1.28 -27.43
N TYR B 258 11.87 1.15 -27.41
CA TYR B 258 10.94 2.23 -27.90
C TYR B 258 11.31 3.57 -27.24
N SER B 259 11.50 3.55 -25.92
CA SER B 259 11.84 4.76 -25.14
C SER B 259 13.14 5.39 -25.68
N PHE B 260 14.15 4.59 -26.01
CA PHE B 260 15.43 5.13 -26.50
C PHE B 260 15.20 5.84 -27.82
N LEU B 261 14.15 5.48 -28.58
CA LEU B 261 13.91 6.15 -29.88
C LEU B 261 13.01 7.37 -29.72
N TYR B 262 12.08 7.39 -28.76
CA TYR B 262 10.91 8.32 -28.80
C TYR B 262 10.75 9.15 -27.54
N ASP B 263 11.36 8.80 -26.43
CA ASP B 263 11.22 9.58 -25.17
C ASP B 263 12.43 10.50 -25.05
N ASP B 264 13.42 10.11 -24.24
CA ASP B 264 14.70 10.87 -24.12
C ASP B 264 15.67 10.27 -25.12
N LYS B 265 15.83 10.92 -26.26
CA LYS B 265 16.64 10.40 -27.39
C LYS B 265 18.14 10.55 -27.07
N SER B 266 18.54 11.13 -25.92
CA SER B 266 19.95 11.26 -25.50
CA SER B 266 19.95 11.28 -25.48
C SER B 266 20.35 10.12 -24.55
N LEU B 267 19.37 9.37 -24.04
CA LEU B 267 19.66 8.37 -23.00
C LEU B 267 20.58 7.30 -23.57
N TYR B 268 20.36 6.87 -24.81
CA TYR B 268 21.17 5.74 -25.34
C TYR B 268 22.66 6.14 -25.32
N SER B 269 22.97 7.35 -25.79
CA SER B 269 24.33 7.97 -25.74
C SER B 269 24.90 7.98 -24.33
N GLU B 270 24.12 8.33 -23.33
CA GLU B 270 24.57 8.34 -21.92
C GLU B 270 24.94 6.92 -21.48
N LEU B 271 24.15 5.92 -21.88
CA LEU B 271 24.48 4.52 -21.52
C LEU B 271 25.73 4.03 -22.26
N ARG B 272 25.93 4.47 -23.50
CA ARG B 272 27.16 4.15 -24.27
C ARG B 272 28.38 4.75 -23.56
N ASN B 273 28.23 5.93 -22.98
CA ASN B 273 29.34 6.71 -22.39
C ASN B 273 29.70 6.15 -21.00
N ASN B 274 28.81 5.38 -20.35
CA ASN B 274 29.02 4.81 -19.02
C ASN B 274 28.29 3.46 -18.96
N ARG B 275 29.06 2.39 -19.16
CA ARG B 275 28.51 1.04 -19.36
C ARG B 275 28.01 0.46 -18.04
N GLU B 276 28.16 1.15 -16.89
CA GLU B 276 27.61 0.73 -15.59
C GLU B 276 26.18 1.28 -15.36
N LEU B 277 25.60 2.05 -16.28
CA LEU B 277 24.29 2.69 -16.02
C LEU B 277 23.14 1.77 -16.40
N ALA B 278 23.38 0.60 -17.02
CA ALA B 278 22.27 -0.24 -17.55
C ALA B 278 21.22 -0.55 -16.47
N PRO B 279 21.56 -0.99 -15.23
CA PRO B 279 20.55 -1.33 -14.23
C PRO B 279 19.67 -0.11 -13.91
N LYS B 280 20.26 1.07 -13.85
CA LYS B 280 19.47 2.33 -13.59
C LYS B 280 18.50 2.56 -14.74
N ALA B 281 18.93 2.38 -15.97
CA ALA B 281 18.04 2.51 -17.14
C ALA B 281 16.91 1.49 -17.04
N VAL B 282 17.20 0.25 -16.71
CA VAL B 282 16.15 -0.81 -16.66
C VAL B 282 15.10 -0.38 -15.62
N GLU B 283 15.51 0.06 -14.45
CA GLU B 283 14.56 0.43 -13.38
C GLU B 283 13.66 1.56 -13.88
N GLU B 284 14.22 2.52 -14.60
CA GLU B 284 13.44 3.71 -15.01
C GLU B 284 12.50 3.26 -16.12
N MET B 285 12.88 2.30 -16.98
CA MET B 285 11.93 1.85 -18.06
C MET B 285 10.79 1.04 -17.47
N LEU B 286 11.06 0.32 -16.37
CA LEU B 286 9.99 -0.39 -15.64
C LEU B 286 9.05 0.62 -14.95
N ARG B 287 9.56 1.75 -14.47
CA ARG B 287 8.68 2.79 -13.89
C ARG B 287 7.86 3.45 -14.99
N TYR B 288 8.53 3.80 -16.08
CA TYR B 288 8.03 4.79 -17.06
C TYR B 288 7.32 4.13 -18.24
N ARG B 289 7.80 2.98 -18.71
CA ARG B 289 7.40 2.50 -20.06
C ARG B 289 6.68 1.17 -20.00
N PHE B 290 6.40 0.63 -18.83
CA PHE B 290 5.62 -0.63 -18.78
C PHE B 290 4.13 -0.29 -18.61
N HIS B 291 3.32 -0.45 -19.65
CA HIS B 291 1.87 -0.15 -19.58
C HIS B 291 1.06 -1.31 -20.12
N ILE B 292 -0.17 -1.53 -19.64
CA ILE B 292 -0.76 -0.88 -18.48
C ILE B 292 -0.68 -1.90 -17.35
N SER B 293 -0.19 -1.50 -16.18
CA SER B 293 -0.07 -2.37 -15.01
C SER B 293 -1.27 -2.11 -14.10
N ARG B 294 -2.14 -3.09 -13.96
CA ARG B 294 -3.27 -2.95 -13.01
C ARG B 294 -3.55 -4.34 -12.44
N ARG B 295 -3.95 -4.36 -11.18
CA ARG B 295 -4.28 -5.62 -10.47
C ARG B 295 -5.55 -5.38 -9.69
N ASP B 296 -6.39 -6.42 -9.61
CA ASP B 296 -7.67 -6.24 -8.86
C ASP B 296 -7.59 -6.98 -7.53
N ARG B 297 -8.37 -6.49 -6.58
CA ARG B 297 -8.59 -7.15 -5.29
C ARG B 297 -10.08 -7.05 -4.96
N THR B 298 -10.55 -7.95 -4.11
CA THR B 298 -11.93 -7.95 -3.60
C THR B 298 -11.91 -7.48 -2.15
N VAL B 299 -12.77 -6.55 -1.81
CA VAL B 299 -12.80 -6.05 -0.41
C VAL B 299 -13.25 -7.18 0.54
N LYS B 300 -12.45 -7.44 1.56
CA LYS B 300 -12.66 -8.59 2.47
C LYS B 300 -13.48 -8.17 3.69
N GLN B 301 -13.30 -6.93 4.11
CA GLN B 301 -14.02 -6.33 5.28
C GLN B 301 -14.41 -4.89 4.89
N ASP B 302 -15.62 -4.46 5.22
CA ASP B 302 -15.98 -3.03 5.12
C ASP B 302 -14.86 -2.15 5.68
N ASN B 303 -14.58 -1.04 5.03
CA ASN B 303 -13.49 -0.13 5.46
C ASN B 303 -13.55 1.19 4.71
N GLU B 304 -12.83 2.21 5.21
CA GLU B 304 -12.67 3.49 4.49
C GLU B 304 -11.18 3.80 4.38
N LEU B 305 -10.35 2.75 4.23
CA LEU B 305 -8.86 2.97 4.16
C LEU B 305 -8.45 3.85 2.96
N LEU B 306 -9.23 3.88 1.88
CA LEU B 306 -9.00 4.65 0.63
C LEU B 306 -9.79 5.96 0.62
N GLY B 307 -10.34 6.38 1.77
CA GLY B 307 -11.08 7.65 1.91
C GLY B 307 -12.58 7.48 1.67
N VAL B 308 -12.98 6.46 0.91
CA VAL B 308 -14.40 6.16 0.54
C VAL B 308 -14.82 4.92 1.30
N LYS B 309 -16.12 4.84 1.63
CA LYS B 309 -16.68 3.65 2.31
C LYS B 309 -16.80 2.52 1.29
N LEU B 310 -16.06 1.43 1.52
CA LEU B 310 -16.16 0.21 0.70
C LEU B 310 -16.79 -0.86 1.54
N LYS B 311 -17.55 -1.73 0.87
CA LYS B 311 -18.27 -2.87 1.47
C LYS B 311 -17.60 -4.16 1.02
N LYS B 312 -17.65 -5.17 1.89
CA LYS B 312 -17.26 -6.57 1.58
C LYS B 312 -17.85 -6.98 0.21
N GLY B 313 -17.03 -7.51 -0.71
CA GLY B 313 -17.46 -7.92 -2.05
C GLY B 313 -17.18 -6.87 -3.12
N ASP B 314 -16.96 -5.61 -2.77
CA ASP B 314 -16.61 -4.54 -3.75
C ASP B 314 -15.26 -4.91 -4.40
N VAL B 315 -15.10 -4.58 -5.65
CA VAL B 315 -13.85 -4.85 -6.42
C VAL B 315 -13.10 -3.54 -6.61
N VAL B 316 -11.81 -3.56 -6.28
CA VAL B 316 -10.92 -2.39 -6.43
C VAL B 316 -9.82 -2.78 -7.44
N ILE B 317 -9.62 -1.94 -8.44
CA ILE B 317 -8.52 -2.07 -9.42
C ILE B 317 -7.48 -1.01 -9.05
N ALA B 318 -6.27 -1.49 -8.81
CA ALA B 318 -5.10 -0.67 -8.47
C ALA B 318 -4.26 -0.50 -9.73
N TRP B 319 -4.20 0.74 -10.23
CA TRP B 319 -3.54 1.05 -11.52
C TRP B 319 -2.08 1.39 -11.23
N MET B 320 -1.20 0.37 -11.13
CA MET B 320 0.21 0.62 -10.78
C MET B 320 0.93 1.55 -11.76
N SER B 321 0.66 1.48 -13.07
CA SER B 321 1.36 2.28 -14.11
CA SER B 321 1.40 2.28 -14.08
C SER B 321 1.02 3.76 -13.90
N ALA B 322 -0.21 4.04 -13.46
CA ALA B 322 -0.64 5.39 -13.06
C ALA B 322 0.12 5.84 -11.80
N CYS B 323 0.20 5.01 -10.76
CA CYS B 323 0.83 5.42 -9.48
C CYS B 323 2.33 5.60 -9.66
N ASN B 324 2.91 5.01 -10.73
CA ASN B 324 4.35 5.18 -11.01
C ASN B 324 4.62 6.58 -11.52
N MET B 325 3.54 7.33 -11.81
CA MET B 325 3.65 8.71 -12.31
C MET B 325 2.99 9.67 -11.31
N ASP B 326 2.86 9.22 -10.07
CA ASP B 326 2.36 10.02 -8.93
C ASP B 326 3.51 10.92 -8.45
N GLU B 327 3.34 12.23 -8.67
CA GLU B 327 4.35 13.28 -8.35
CA GLU B 327 4.40 13.23 -8.35
C GLU B 327 4.69 13.28 -6.85
N THR B 328 3.83 12.74 -5.97
CA THR B 328 4.15 12.69 -4.52
C THR B 328 5.27 11.70 -4.22
N MET B 329 5.54 10.73 -5.10
CA MET B 329 6.60 9.71 -4.88
CA MET B 329 6.60 9.71 -4.88
C MET B 329 7.73 9.87 -5.91
N PHE B 330 7.43 10.37 -7.10
CA PHE B 330 8.36 10.44 -8.27
C PHE B 330 8.41 11.88 -8.77
N GLU B 331 9.50 12.57 -8.47
CA GLU B 331 9.73 13.96 -8.97
C GLU B 331 9.70 13.97 -10.51
N ASN B 332 9.08 14.99 -11.11
CA ASN B 332 9.06 15.15 -12.59
C ASN B 332 8.60 13.83 -13.21
N PRO B 333 7.44 13.30 -12.77
CA PRO B 333 7.11 11.89 -13.03
C PRO B 333 6.90 11.59 -14.51
N PHE B 334 6.53 12.59 -15.32
CA PHE B 334 6.19 12.38 -16.75
C PHE B 334 7.46 12.43 -17.61
N SER B 335 8.62 12.57 -16.98
CA SER B 335 9.95 12.68 -17.62
C SER B 335 10.74 11.42 -17.37
N VAL B 336 11.61 11.04 -18.30
CA VAL B 336 12.62 9.97 -18.07
C VAL B 336 13.75 10.55 -17.24
N ASP B 337 14.10 9.92 -16.12
CA ASP B 337 15.28 10.34 -15.33
C ASP B 337 15.87 9.10 -14.66
N ILE B 338 16.92 8.50 -15.24
CA ILE B 338 17.45 7.25 -14.65
C ILE B 338 18.16 7.57 -13.32
N HIS B 339 18.41 8.84 -13.01
CA HIS B 339 19.11 9.22 -11.75
C HIS B 339 18.12 9.56 -10.62
N ARG B 340 16.80 9.55 -10.86
CA ARG B 340 15.77 9.82 -9.82
C ARG B 340 15.95 8.84 -8.67
N PRO B 341 16.23 9.30 -7.43
CA PRO B 341 16.58 8.38 -6.35
C PRO B 341 15.44 7.45 -5.90
N THR B 342 14.20 7.76 -6.24
CA THR B 342 13.00 6.94 -5.84
C THR B 342 12.58 5.94 -6.92
N ASN B 343 13.32 5.77 -8.00
CA ASN B 343 12.83 4.87 -9.09
C ASN B 343 12.56 3.46 -8.57
N LYS B 344 13.39 2.94 -7.68
CA LYS B 344 13.22 1.57 -7.16
C LYS B 344 11.92 1.45 -6.35
N LYS B 345 11.18 2.55 -6.10
CA LYS B 345 9.89 2.45 -5.38
C LYS B 345 8.73 2.21 -6.36
N HIS B 346 9.00 2.02 -7.65
CA HIS B 346 7.88 1.74 -8.58
C HIS B 346 7.16 0.43 -8.20
N LEU B 347 5.88 0.31 -8.59
CA LEU B 347 5.04 -0.84 -8.18
C LEU B 347 4.75 -1.73 -9.38
N THR B 348 5.60 -1.71 -10.40
CA THR B 348 5.40 -2.50 -11.64
C THR B 348 5.42 -4.00 -11.29
N PHE B 349 6.14 -4.40 -10.24
CA PHE B 349 6.19 -5.80 -9.77
C PHE B 349 5.24 -6.08 -8.61
N GLY B 350 4.38 -5.12 -8.27
CA GLY B 350 3.47 -5.29 -7.14
C GLY B 350 4.14 -4.93 -5.84
N ASN B 351 3.58 -5.42 -4.76
CA ASN B 351 3.97 -5.04 -3.38
C ASN B 351 3.27 -6.00 -2.42
N GLY B 352 3.98 -6.52 -1.43
CA GLY B 352 3.40 -7.39 -0.40
C GLY B 352 3.58 -8.86 -0.76
N PRO B 353 2.71 -9.76 -0.25
CA PRO B 353 2.94 -11.20 -0.38
C PRO B 353 3.07 -11.69 -1.82
N HIS B 354 2.36 -11.07 -2.76
CA HIS B 354 2.39 -11.48 -4.18
C HIS B 354 3.47 -10.77 -4.98
N PHE B 355 4.36 -10.04 -4.35
CA PHE B 355 5.41 -9.30 -5.10
C PHE B 355 6.08 -10.25 -6.05
N CYS B 356 6.25 -9.82 -7.30
CA CYS B 356 6.74 -10.67 -8.40
C CYS B 356 7.89 -11.58 -7.96
N LEU B 357 7.71 -12.89 -8.03
CA LEU B 357 8.81 -13.86 -7.76
C LEU B 357 9.92 -13.74 -8.82
N GLY B 358 9.55 -13.30 -10.01
CA GLY B 358 10.48 -13.18 -11.14
C GLY B 358 11.20 -11.87 -11.20
N ALA B 359 10.98 -10.93 -10.26
CA ALA B 359 11.49 -9.57 -10.48
C ALA B 359 13.02 -9.59 -10.65
N PRO B 360 13.81 -10.27 -9.79
CA PRO B 360 15.25 -10.30 -10.01
C PRO B 360 15.61 -10.87 -11.39
N LEU B 361 14.90 -11.88 -11.84
CA LEU B 361 15.19 -12.45 -13.18
C LEU B 361 14.81 -11.45 -14.26
N ALA B 362 13.64 -10.84 -14.19
CA ALA B 362 13.21 -9.82 -15.19
C ALA B 362 14.27 -8.72 -15.30
N ARG B 363 14.70 -8.17 -14.16
CA ARG B 363 15.73 -7.10 -14.12
CA ARG B 363 15.73 -7.10 -14.12
C ARG B 363 17.05 -7.60 -14.71
N LEU B 364 17.45 -8.82 -14.40
CA LEU B 364 18.67 -9.45 -14.96
C LEU B 364 18.57 -9.59 -16.49
N GLU B 365 17.46 -10.09 -17.00
CA GLU B 365 17.29 -10.27 -18.44
C GLU B 365 17.39 -8.93 -19.12
N MET B 366 16.68 -7.92 -18.61
CA MET B 366 16.66 -6.58 -19.20
C MET B 366 18.08 -6.00 -19.16
N LYS B 367 18.79 -6.09 -18.05
CA LYS B 367 20.19 -5.56 -17.98
C LYS B 367 21.09 -6.28 -18.99
N ILE B 368 21.05 -7.60 -19.01
CA ILE B 368 21.96 -8.38 -19.90
C ILE B 368 21.71 -8.05 -21.38
N ILE B 369 20.47 -8.04 -21.82
CA ILE B 369 20.16 -7.73 -23.24
C ILE B 369 20.54 -6.28 -23.55
N LEU B 370 20.35 -5.35 -22.62
CA LEU B 370 20.78 -3.95 -22.85
C LEU B 370 22.30 -3.86 -22.93
N GLU B 371 23.02 -4.52 -22.01
CA GLU B 371 24.50 -4.49 -21.97
C GLU B 371 25.04 -5.09 -23.29
N ALA B 372 24.51 -6.23 -23.75
CA ALA B 372 24.95 -6.88 -25.02
C ALA B 372 24.73 -5.90 -26.18
N PHE B 373 23.56 -5.25 -26.21
CA PHE B 373 23.20 -4.31 -27.27
C PHE B 373 24.17 -3.14 -27.28
N LEU B 374 24.41 -2.55 -26.11
CA LEU B 374 25.28 -1.37 -25.97
C LEU B 374 26.68 -1.71 -26.47
N GLU B 375 27.11 -2.96 -26.29
CA GLU B 375 28.49 -3.36 -26.73
C GLU B 375 28.55 -3.43 -28.25
N ALA B 376 27.44 -3.70 -28.92
CA ALA B 376 27.42 -3.92 -30.37
C ALA B 376 27.16 -2.60 -31.08
N PHE B 377 26.32 -1.74 -30.55
CA PHE B 377 25.80 -0.59 -31.34
C PHE B 377 26.09 0.77 -30.69
N SER B 378 26.67 1.68 -31.45
CA SER B 378 27.18 2.97 -30.97
C SER B 378 26.02 3.94 -30.90
N HIS B 379 24.98 3.74 -31.72
CA HIS B 379 23.94 4.76 -31.95
C HIS B 379 22.72 4.09 -32.59
N ILE B 380 21.55 4.54 -32.21
CA ILE B 380 20.29 3.99 -32.78
C ILE B 380 19.39 5.16 -33.16
N GLU B 381 18.54 4.95 -34.15
CA GLU B 381 17.66 6.00 -34.67
C GLU B 381 16.35 5.35 -35.11
N PRO B 382 15.22 6.04 -34.90
CA PRO B 382 13.93 5.58 -35.42
C PRO B 382 13.85 5.71 -36.94
N PHE B 383 12.99 4.93 -37.53
CA PHE B 383 12.57 5.13 -38.95
C PHE B 383 11.61 6.33 -38.99
N GLU B 384 11.89 7.31 -39.84
CA GLU B 384 11.03 8.52 -39.96
C GLU B 384 9.60 8.10 -40.35
N ASP B 385 9.44 7.04 -41.14
CA ASP B 385 8.10 6.65 -41.67
C ASP B 385 7.38 5.63 -40.77
N PHE B 386 7.92 5.27 -39.60
CA PHE B 386 7.28 4.25 -38.75
C PHE B 386 5.99 4.86 -38.20
N GLU B 387 4.86 4.19 -38.40
CA GLU B 387 3.59 4.61 -37.77
C GLU B 387 3.30 3.66 -36.61
N LEU B 388 2.99 4.23 -35.46
CA LEU B 388 2.67 3.42 -34.27
C LEU B 388 1.33 2.66 -34.43
N GLU B 389 0.26 3.33 -34.84
CA GLU B 389 -1.11 2.75 -34.74
C GLU B 389 -1.20 1.41 -35.46
N PRO B 390 -0.70 1.22 -36.71
CA PRO B 390 -0.88 -0.08 -37.36
C PRO B 390 0.01 -1.18 -36.81
N HIS B 391 0.96 -0.83 -35.93
CA HIS B 391 1.94 -1.79 -35.37
C HIS B 391 1.71 -1.96 -33.86
N LEU B 392 0.46 -1.80 -33.41
CA LEU B 392 0.06 -2.19 -32.05
C LEU B 392 -1.04 -3.26 -32.19
N THR B 393 -0.98 -4.26 -31.33
CA THR B 393 -2.00 -5.33 -31.22
C THR B 393 -2.47 -5.44 -29.78
N ALA B 394 -3.72 -5.85 -29.57
CA ALA B 394 -4.26 -6.08 -28.22
C ALA B 394 -3.40 -7.14 -27.51
N SER B 395 -3.10 -6.90 -26.24
CA SER B 395 -2.38 -7.88 -25.40
C SER B 395 -3.02 -7.86 -24.01
N ALA B 396 -2.55 -8.71 -23.12
CA ALA B 396 -3.00 -8.73 -21.72
C ALA B 396 -2.68 -7.38 -21.05
N THR B 397 -1.66 -6.64 -21.51
CA THR B 397 -1.24 -5.35 -20.88
C THR B 397 -1.94 -4.16 -21.55
N GLY B 398 -2.77 -4.37 -22.57
CA GLY B 398 -3.42 -3.27 -23.30
C GLY B 398 -3.07 -3.36 -24.78
N GLN B 399 -2.00 -2.68 -25.22
CA GLN B 399 -1.49 -2.80 -26.61
C GLN B 399 0.00 -3.17 -26.55
N SER B 400 0.45 -4.02 -27.45
CA SER B 400 1.88 -4.39 -27.57
C SER B 400 2.36 -4.15 -29.00
N LEU B 401 3.64 -3.78 -29.10
CA LEU B 401 4.27 -3.53 -30.42
C LEU B 401 4.31 -4.84 -31.21
N THR B 402 3.88 -4.82 -32.49
CA THR B 402 4.08 -5.96 -33.43
C THR B 402 5.37 -5.86 -34.21
N TYR B 403 6.00 -4.71 -34.18
CA TYR B 403 7.15 -4.32 -35.03
C TYR B 403 7.78 -3.11 -34.37
N LEU B 404 9.11 -3.04 -34.34
CA LEU B 404 9.79 -1.82 -33.88
C LEU B 404 11.10 -1.72 -34.61
N PRO B 405 11.12 -1.02 -35.77
CA PRO B 405 12.34 -0.85 -36.51
C PRO B 405 13.25 0.22 -35.93
N MET B 406 14.54 0.03 -36.14
CA MET B 406 15.55 1.07 -35.87
C MET B 406 16.74 0.94 -36.83
N THR B 407 17.34 2.07 -37.19
CA THR B 407 18.66 2.10 -37.85
C THR B 407 19.72 2.03 -36.73
N VAL B 408 20.72 1.20 -36.94
CA VAL B 408 21.80 1.02 -35.94
C VAL B 408 23.13 1.30 -36.61
N TYR B 409 24.07 1.82 -35.83
CA TYR B 409 25.46 2.08 -36.27
C TYR B 409 26.45 1.37 -35.36
N ARG B 410 27.67 1.16 -35.87
CA ARG B 410 28.78 0.56 -35.10
C ARG B 410 29.95 1.54 -35.07
N HIS B 411 30.85 1.41 -34.09
CA HIS B 411 32.21 2.02 -34.10
C HIS B 411 33.07 1.30 -35.15
N GLU C 4 -61.00 -4.07 14.26
CA GLU C 4 -60.48 -2.71 14.65
C GLU C 4 -59.00 -2.81 15.00
N VAL C 5 -58.57 -3.90 15.67
CA VAL C 5 -57.17 -4.08 16.16
C VAL C 5 -56.34 -4.74 15.07
N ILE C 6 -55.24 -4.10 14.66
CA ILE C 6 -54.40 -4.49 13.48
C ILE C 6 -53.22 -5.33 13.95
N PRO C 7 -53.03 -6.56 13.42
CA PRO C 7 -51.83 -7.33 13.69
C PRO C 7 -50.65 -6.73 12.91
N VAL C 8 -49.53 -6.57 13.61
CA VAL C 8 -48.31 -5.84 13.16
C VAL C 8 -47.21 -6.85 12.82
N THR C 9 -47.44 -8.14 13.01
CA THR C 9 -46.34 -9.15 12.95
C THR C 9 -45.84 -9.27 11.50
N GLU C 10 -46.65 -8.96 10.49
CA GLU C 10 -46.20 -8.93 9.07
C GLU C 10 -45.44 -7.63 8.74
N ILE C 11 -45.22 -6.70 9.69
CA ILE C 11 -44.29 -5.56 9.42
C ILE C 11 -42.86 -6.12 9.53
N PRO C 12 -42.38 -6.60 10.71
CA PRO C 12 -41.03 -7.14 10.80
C PRO C 12 -40.78 -8.51 10.15
N LYS C 13 -41.82 -9.36 10.04
CA LYS C 13 -41.71 -10.75 9.51
C LYS C 13 -40.53 -11.46 10.16
N PHE C 14 -40.46 -11.45 11.49
CA PHE C 14 -39.36 -12.11 12.23
C PHE C 14 -39.30 -13.60 11.87
N GLN C 15 -38.08 -14.12 11.77
CA GLN C 15 -37.80 -15.51 11.40
C GLN C 15 -38.03 -16.47 12.57
N SER C 16 -37.77 -16.06 13.82
CA SER C 16 -37.75 -16.95 15.00
C SER C 16 -38.20 -16.13 16.22
N ARG C 17 -38.49 -16.84 17.28
CA ARG C 17 -38.78 -16.25 18.63
C ARG C 17 -37.52 -15.51 19.09
N ALA C 18 -36.34 -16.15 18.97
CA ALA C 18 -35.04 -15.53 19.28
C ALA C 18 -34.86 -14.18 18.58
N GLU C 19 -35.16 -14.06 17.27
CA GLU C 19 -35.02 -12.79 16.55
C GLU C 19 -35.96 -11.73 17.14
N GLU C 20 -37.22 -12.07 17.38
CA GLU C 20 -38.23 -11.15 17.94
C GLU C 20 -37.85 -10.74 19.37
N PHE C 21 -37.18 -11.58 20.11
CA PHE C 21 -36.71 -11.27 21.49
C PHE C 21 -35.62 -10.19 21.49
N PHE C 22 -34.83 -10.07 20.41
CA PHE C 22 -33.68 -9.13 20.32
C PHE C 22 -33.45 -8.79 18.85
N PRO C 23 -34.35 -7.98 18.27
CA PRO C 23 -34.40 -7.79 16.82
C PRO C 23 -33.48 -6.68 16.29
N ILE C 24 -32.23 -6.66 16.73
CA ILE C 24 -31.29 -5.56 16.42
C ILE C 24 -30.98 -5.53 14.91
N GLN C 25 -31.00 -6.67 14.20
CA GLN C 25 -30.71 -6.65 12.75
C GLN C 25 -31.87 -5.95 12.03
N TRP C 26 -33.11 -6.29 12.40
CA TRP C 26 -34.30 -5.60 11.86
C TRP C 26 -34.21 -4.11 12.17
N TYR C 27 -33.85 -3.74 13.41
CA TYR C 27 -33.78 -2.31 13.76
C TYR C 27 -32.79 -1.58 12.83
N LYS C 28 -31.64 -2.20 12.59
CA LYS C 28 -30.57 -1.61 11.74
C LYS C 28 -31.11 -1.46 10.29
N GLU C 29 -31.81 -2.46 9.76
CA GLU C 29 -32.43 -2.41 8.40
C GLU C 29 -33.30 -1.18 8.37
N MET C 30 -34.22 -1.07 9.35
CA MET C 30 -35.28 -0.06 9.32
C MET C 30 -34.65 1.34 9.48
N LEU C 31 -33.75 1.55 10.44
CA LEU C 31 -33.15 2.88 10.70
C LEU C 31 -32.30 3.31 9.50
N ASN C 32 -31.59 2.36 8.89
CA ASN C 32 -30.61 2.64 7.81
C ASN C 32 -31.32 2.73 6.45
N ASN C 33 -32.44 2.01 6.22
CA ASN C 33 -33.02 1.82 4.86
C ASN C 33 -34.44 2.40 4.77
N SER C 34 -35.18 2.50 5.88
CA SER C 34 -36.64 2.70 5.85
C SER C 34 -37.11 3.32 7.17
N PRO C 35 -36.52 4.45 7.64
CA PRO C 35 -36.82 4.92 9.00
C PRO C 35 -38.23 5.50 9.13
N VAL C 36 -38.85 5.89 8.01
CA VAL C 36 -40.30 6.25 7.96
C VAL C 36 -40.91 5.39 6.87
N TYR C 37 -41.76 4.47 7.25
CA TYR C 37 -42.09 3.34 6.35
C TYR C 37 -43.61 3.21 6.32
N PHE C 38 -44.23 3.33 5.15
CA PHE C 38 -45.66 3.01 4.97
C PHE C 38 -45.83 1.54 4.59
N HIS C 39 -46.53 0.78 5.41
CA HIS C 39 -46.71 -0.68 5.23
C HIS C 39 -48.08 -0.90 4.57
N GLU C 40 -48.06 -1.32 3.30
CA GLU C 40 -49.25 -1.35 2.42
C GLU C 40 -50.29 -2.31 3.05
N GLU C 41 -49.92 -3.50 3.53
CA GLU C 41 -50.94 -4.52 3.91
C GLU C 41 -51.59 -4.22 5.27
N THR C 42 -50.95 -3.45 6.17
CA THR C 42 -51.58 -3.03 7.43
C THR C 42 -52.16 -1.62 7.29
N ASN C 43 -51.73 -0.85 6.29
CA ASN C 43 -52.15 0.57 6.13
C ASN C 43 -51.67 1.37 7.37
N THR C 44 -50.41 1.19 7.72
CA THR C 44 -49.78 1.86 8.89
C THR C 44 -48.49 2.54 8.44
N TRP C 45 -48.26 3.69 9.04
CA TRP C 45 -46.98 4.44 8.97
C TRP C 45 -46.15 4.02 10.16
N ASN C 46 -44.86 3.75 9.96
CA ASN C 46 -43.97 3.15 10.99
C ASN C 46 -42.78 4.10 11.17
N VAL C 47 -42.44 4.48 12.41
CA VAL C 47 -41.34 5.43 12.66
C VAL C 47 -40.38 4.80 13.65
N PHE C 48 -39.09 4.98 13.39
CA PHE C 48 -38.01 4.23 14.08
C PHE C 48 -37.00 5.17 14.72
N GLN C 49 -36.84 6.38 14.20
CA GLN C 49 -35.76 7.29 14.64
C GLN C 49 -36.18 7.90 15.97
N TYR C 50 -35.21 8.14 16.85
CA TYR C 50 -35.48 8.73 18.19
C TYR C 50 -36.38 9.98 18.10
N GLU C 51 -36.05 11.03 17.32
CA GLU C 51 -36.81 12.29 17.43
C GLU C 51 -38.21 12.06 16.88
N HIS C 52 -38.38 11.23 15.85
CA HIS C 52 -39.73 11.01 15.28
C HIS C 52 -40.58 10.24 16.27
N VAL C 53 -40.01 9.23 16.92
CA VAL C 53 -40.77 8.45 17.93
C VAL C 53 -41.18 9.41 19.03
N LYS C 54 -40.24 10.22 19.49
CA LYS C 54 -40.54 11.11 20.63
C LYS C 54 -41.66 12.07 20.25
N GLN C 55 -41.62 12.60 19.05
CA GLN C 55 -42.67 13.53 18.56
C GLN C 55 -44.02 12.80 18.52
N VAL C 56 -44.05 11.61 17.95
CA VAL C 56 -45.32 10.82 17.85
C VAL C 56 -45.86 10.54 19.25
N LEU C 57 -45.01 10.16 20.19
CA LEU C 57 -45.52 9.75 21.54
C LEU C 57 -46.10 10.94 22.29
N SER C 58 -45.55 12.13 22.06
CA SER C 58 -45.68 13.33 22.93
CA SER C 58 -45.78 13.27 22.99
C SER C 58 -46.74 14.31 22.40
N ASP C 59 -46.75 14.49 21.08
CA ASP C 59 -47.42 15.65 20.45
C ASP C 59 -48.89 15.31 20.22
N TYR C 60 -49.70 15.39 21.28
CA TYR C 60 -51.08 14.83 21.26
C TYR C 60 -52.01 15.74 20.43
N GLU C 61 -51.62 16.98 20.15
CA GLU C 61 -52.39 17.88 19.23
C GLU C 61 -52.42 17.25 17.82
N PHE C 62 -51.36 16.53 17.42
CA PHE C 62 -51.26 15.95 16.05
C PHE C 62 -51.39 14.42 16.04
N PHE C 63 -51.05 13.77 17.15
CA PHE C 63 -51.03 12.31 17.26
C PHE C 63 -51.84 11.89 18.48
N SER C 64 -53.06 11.41 18.23
CA SER C 64 -54.04 11.12 19.30
C SER C 64 -53.83 9.71 19.87
N SER C 65 -54.08 9.52 21.16
CA SER C 65 -54.16 8.16 21.76
C SER C 65 -55.54 7.53 21.57
N ASP C 66 -56.51 8.25 21.01
CA ASP C 66 -57.89 7.72 20.76
C ASP C 66 -57.86 7.06 19.36
N GLY C 67 -58.95 7.12 18.60
CA GLY C 67 -59.00 6.51 17.25
C GLY C 67 -59.43 5.06 17.28
N GLN C 68 -60.21 4.66 16.27
CA GLN C 68 -60.97 3.39 16.14
C GLN C 68 -60.06 2.22 15.70
N ARG C 69 -58.78 2.52 15.43
CA ARG C 69 -57.74 1.53 15.02
C ARG C 69 -56.61 1.58 16.06
N THR C 70 -56.10 0.41 16.47
CA THR C 70 -54.90 0.25 17.33
C THR C 70 -54.23 -1.03 16.79
N THR C 71 -52.99 -1.28 17.17
CA THR C 71 -52.14 -2.33 16.54
C THR C 71 -51.66 -3.25 17.66
N ILE C 72 -51.21 -4.46 17.29
CA ILE C 72 -50.70 -5.47 18.27
C ILE C 72 -49.63 -6.36 17.63
N PHE C 73 -48.78 -6.93 18.50
CA PHE C 73 -47.82 -8.04 18.22
C PHE C 73 -48.37 -9.41 18.59
N VAL C 74 -49.32 -9.46 19.53
CA VAL C 74 -49.71 -10.70 20.28
C VAL C 74 -51.14 -11.09 19.87
N ASN C 88 -59.11 2.96 29.76
CA ASN C 88 -59.71 4.29 29.50
C ASN C 88 -58.62 5.38 29.46
N LEU C 89 -57.80 5.45 30.52
CA LEU C 89 -56.73 6.46 30.75
C LEU C 89 -55.78 6.53 29.53
N THR C 90 -55.37 5.38 29.03
CA THR C 90 -54.34 5.26 27.97
C THR C 90 -54.93 5.72 26.63
N ASN C 91 -56.26 5.79 26.56
CA ASN C 91 -57.04 6.02 25.32
C ASN C 91 -57.67 7.41 25.31
N LEU C 92 -57.27 8.30 26.23
CA LEU C 92 -57.75 9.70 26.33
C LEU C 92 -56.60 10.66 26.05
N ASP C 93 -56.87 11.78 25.38
CA ASP C 93 -55.91 12.90 25.24
C ASP C 93 -56.27 13.96 26.27
N PRO C 94 -55.32 14.83 26.66
CA PRO C 94 -55.67 16.06 27.38
C PRO C 94 -56.74 16.79 26.56
N PRO C 95 -57.75 17.47 27.17
CA PRO C 95 -57.80 17.70 28.62
C PRO C 95 -58.57 16.65 29.44
N ASP C 96 -59.18 15.65 28.80
CA ASP C 96 -59.96 14.55 29.45
C ASP C 96 -59.03 13.58 30.21
N HIS C 97 -57.87 13.26 29.65
CA HIS C 97 -56.81 12.40 30.27
C HIS C 97 -56.45 12.82 31.72
N ARG C 98 -56.33 14.12 31.97
CA ARG C 98 -55.84 14.69 33.25
C ARG C 98 -56.64 14.12 34.44
N LYS C 99 -57.97 13.99 34.33
CA LYS C 99 -58.80 13.49 35.46
C LYS C 99 -58.40 12.08 35.88
N ALA C 100 -58.47 11.15 34.93
CA ALA C 100 -58.18 9.72 35.12
C ALA C 100 -56.74 9.57 35.61
N ARG C 101 -55.82 10.31 35.01
CA ARG C 101 -54.37 10.24 35.36
C ARG C 101 -54.20 10.74 36.81
N SER C 102 -54.80 11.89 37.18
CA SER C 102 -54.66 12.49 38.53
C SER C 102 -55.11 11.51 39.62
N LEU C 103 -56.25 10.85 39.41
CA LEU C 103 -56.86 9.98 40.44
C LEU C 103 -55.90 8.81 40.71
N LEU C 104 -55.32 8.19 39.67
CA LEU C 104 -54.34 7.08 39.87
C LEU C 104 -53.00 7.63 40.38
N ALA C 105 -52.58 8.81 39.94
CA ALA C 105 -51.25 9.37 40.25
C ALA C 105 -51.17 9.70 41.74
N ALA C 106 -52.32 9.87 42.38
CA ALA C 106 -52.42 10.13 43.84
C ALA C 106 -51.75 8.98 44.60
N ALA C 107 -51.62 7.80 44.00
CA ALA C 107 -51.02 6.64 44.69
C ALA C 107 -49.53 6.53 44.39
N PHE C 108 -49.01 7.34 43.46
CA PHE C 108 -47.62 7.17 42.96
C PHE C 108 -46.81 8.43 43.17
N THR C 109 -47.03 9.13 44.28
CA THR C 109 -46.28 10.37 44.56
C THR C 109 -44.81 10.00 44.82
N HIS C 110 -43.89 10.95 44.62
CA HIS C 110 -42.44 10.75 44.89
C HIS C 110 -42.26 10.42 46.38
N ARG C 111 -42.97 11.12 47.27
CA ARG C 111 -42.89 10.82 48.73
C ARG C 111 -43.21 9.35 48.99
N SER C 112 -44.28 8.81 48.41
CA SER C 112 -44.68 7.41 48.57
C SER C 112 -43.58 6.49 48.05
N LEU C 113 -43.02 6.78 46.86
CA LEU C 113 -41.91 5.98 46.31
C LEU C 113 -40.74 5.91 47.32
N LYS C 114 -40.33 7.02 47.90
CA LYS C 114 -39.14 7.03 48.81
C LYS C 114 -39.50 6.29 50.09
N ASN C 115 -40.77 6.26 50.48
CA ASN C 115 -41.23 5.51 51.66
C ASN C 115 -41.20 4.00 51.35
N TRP C 116 -41.58 3.60 50.12
CA TRP C 116 -41.65 2.19 49.70
C TRP C 116 -40.26 1.55 49.69
N GLU C 117 -39.24 2.33 49.37
CA GLU C 117 -37.88 1.84 49.06
C GLU C 117 -37.43 0.87 50.17
N PRO C 118 -37.41 1.25 51.45
CA PRO C 118 -36.94 0.34 52.49
C PRO C 118 -37.68 -0.99 52.57
N ARG C 119 -38.99 -0.96 52.38
CA ARG C 119 -39.86 -2.15 52.38
C ARG C 119 -39.51 -3.02 51.18
N ILE C 120 -39.35 -2.38 50.02
CA ILE C 120 -39.00 -3.15 48.78
C ILE C 120 -37.64 -3.80 48.97
N LYS C 121 -36.67 -3.10 49.58
CA LYS C 121 -35.35 -3.68 49.91
C LYS C 121 -35.53 -4.92 50.79
N GLN C 122 -36.39 -4.85 51.82
CA GLN C 122 -36.53 -6.02 52.73
C GLN C 122 -37.14 -7.20 51.95
N ILE C 123 -38.15 -6.94 51.11
CA ILE C 123 -38.73 -8.00 50.26
C ILE C 123 -37.65 -8.61 49.36
N ALA C 124 -36.83 -7.78 48.70
CA ALA C 124 -35.75 -8.30 47.81
C ALA C 124 -34.72 -9.13 48.63
N ALA C 125 -34.32 -8.65 49.80
CA ALA C 125 -33.38 -9.36 50.71
C ALA C 125 -33.94 -10.73 51.08
N ASP C 126 -35.22 -10.80 51.42
CA ASP C 126 -35.85 -12.06 51.90
C ASP C 126 -35.97 -13.04 50.72
N LEU C 127 -36.30 -12.54 49.53
CA LEU C 127 -36.48 -13.36 48.29
C LEU C 127 -35.13 -13.99 47.90
N VAL C 128 -34.06 -13.20 47.88
CA VAL C 128 -32.70 -13.67 47.49
C VAL C 128 -32.19 -14.59 48.62
N GLU C 129 -32.41 -14.23 49.88
CA GLU C 129 -31.99 -15.03 51.06
C GLU C 129 -32.54 -16.46 50.93
N ALA C 130 -33.77 -16.62 50.44
CA ALA C 130 -34.45 -17.94 50.37
C ALA C 130 -33.81 -18.81 49.29
N ILE C 131 -33.06 -18.26 48.33
CA ILE C 131 -32.47 -19.08 47.23
C ILE C 131 -30.94 -19.12 47.28
N GLN C 132 -30.30 -18.33 48.12
CA GLN C 132 -28.84 -18.10 48.04
C GLN C 132 -28.04 -19.35 48.43
N LYS C 133 -28.64 -20.34 49.08
CA LYS C 133 -27.96 -21.64 49.39
C LYS C 133 -27.93 -22.54 48.15
N ASN C 134 -28.62 -22.19 47.06
CA ASN C 134 -28.75 -23.08 45.88
C ASN C 134 -27.58 -22.84 44.93
N PRO C 135 -26.98 -23.91 44.36
CA PRO C 135 -25.87 -23.73 43.43
C PRO C 135 -26.37 -23.14 42.10
N THR C 136 -27.64 -23.38 41.78
CA THR C 136 -28.24 -22.82 40.54
C THR C 136 -29.61 -22.21 40.85
N ILE C 137 -30.03 -21.32 39.97
CA ILE C 137 -31.33 -20.63 40.11
C ILE C 137 -31.97 -20.51 38.74
N ASN C 138 -33.28 -20.35 38.74
CA ASN C 138 -34.06 -20.06 37.53
C ASN C 138 -34.52 -18.63 37.72
N ILE C 139 -33.94 -17.70 36.99
CA ILE C 139 -34.27 -16.25 37.19
C ILE C 139 -35.78 -16.07 37.11
N VAL C 140 -36.44 -16.71 36.16
CA VAL C 140 -37.88 -16.44 35.90
C VAL C 140 -38.71 -16.89 37.10
N ASP C 141 -38.61 -18.12 37.58
CA ASP C 141 -39.53 -18.59 38.65
C ASP C 141 -39.06 -18.13 40.04
N ASP C 142 -37.75 -17.92 40.23
CA ASP C 142 -37.15 -17.51 41.53
C ASP C 142 -37.11 -16.00 41.76
N LEU C 143 -37.03 -15.15 40.73
CA LEU C 143 -36.80 -13.70 40.94
C LEU C 143 -37.71 -12.83 40.06
N SER C 144 -37.62 -12.94 38.73
CA SER C 144 -38.26 -11.95 37.83
C SER C 144 -39.78 -12.07 37.92
N SER C 145 -40.30 -13.30 37.95
CA SER C 145 -41.78 -13.50 38.04
C SER C 145 -42.30 -13.07 39.42
N PRO C 146 -41.76 -13.56 40.54
CA PRO C 146 -42.36 -13.27 41.83
C PRO C 146 -42.15 -11.87 42.37
N PHE C 147 -41.02 -11.23 42.10
CA PHE C 147 -40.66 -10.03 42.85
C PHE C 147 -41.72 -8.96 42.62
N PRO C 148 -42.09 -8.60 41.38
CA PRO C 148 -43.07 -7.51 41.17
C PRO C 148 -44.43 -7.79 41.84
N SER C 149 -44.83 -9.06 41.94
CA SER C 149 -46.12 -9.45 42.56
C SER C 149 -46.01 -9.40 44.09
N LEU C 150 -44.90 -9.87 44.67
CA LEU C 150 -44.65 -9.71 46.12
C LEU C 150 -44.65 -8.23 46.50
N VAL C 151 -44.01 -7.38 45.71
CA VAL C 151 -43.89 -5.95 46.06
C VAL C 151 -45.28 -5.32 46.02
N ILE C 152 -45.99 -5.51 44.92
CA ILE C 152 -47.29 -4.80 44.72
C ILE C 152 -48.31 -5.26 45.79
N ALA C 153 -48.24 -6.52 46.27
CA ALA C 153 -49.08 -7.00 47.41
C ALA C 153 -48.80 -6.16 48.66
N ASP C 154 -47.53 -5.92 48.96
CA ASP C 154 -47.16 -5.08 50.10
C ASP C 154 -47.69 -3.66 49.84
N LEU C 155 -47.43 -3.10 48.67
CA LEU C 155 -47.74 -1.65 48.42
C LEU C 155 -49.25 -1.42 48.48
N PHE C 156 -50.05 -2.37 47.99
CA PHE C 156 -51.54 -2.30 48.02
C PHE C 156 -52.02 -2.22 49.46
N GLY C 157 -51.28 -2.84 50.40
CA GLY C 157 -51.63 -2.95 51.82
C GLY C 157 -52.36 -4.24 52.12
N VAL C 158 -52.09 -5.27 51.32
CA VAL C 158 -52.67 -6.60 51.56
C VAL C 158 -52.13 -7.07 52.91
N PRO C 159 -52.98 -7.52 53.85
CA PRO C 159 -52.50 -8.10 55.10
C PRO C 159 -51.35 -9.09 54.90
N VAL C 160 -50.53 -9.20 55.94
CA VAL C 160 -49.22 -9.89 55.88
C VAL C 160 -49.44 -11.36 55.50
N LYS C 161 -48.65 -11.85 54.54
CA LYS C 161 -48.43 -13.29 54.21
C LYS C 161 -49.66 -13.91 53.52
N ASP C 162 -50.56 -13.08 52.96
CA ASP C 162 -51.47 -13.55 51.89
C ASP C 162 -50.75 -13.41 50.55
N ARG C 163 -49.56 -12.80 50.57
CA ARG C 163 -48.82 -12.43 49.34
C ARG C 163 -48.76 -13.62 48.40
N TYR C 164 -48.42 -14.81 48.90
CA TYR C 164 -48.36 -16.02 48.04
C TYR C 164 -49.82 -16.35 47.64
N GLN C 165 -50.82 -16.13 48.52
CA GLN C 165 -52.27 -16.27 48.14
C GLN C 165 -52.64 -15.12 47.21
N PHE C 166 -52.67 -13.88 47.71
CA PHE C 166 -52.77 -12.69 46.83
C PHE C 166 -51.82 -12.85 45.64
N LYS C 167 -50.54 -13.18 45.86
CA LYS C 167 -49.59 -13.32 44.72
C LYS C 167 -50.01 -14.46 43.80
N LYS C 168 -50.52 -15.57 44.35
CA LYS C 168 -50.92 -16.74 43.53
C LYS C 168 -52.04 -16.29 42.56
N TRP C 169 -52.99 -15.46 43.02
CA TRP C 169 -54.01 -14.85 42.10
C TRP C 169 -53.27 -13.99 41.08
N VAL C 170 -52.39 -13.10 41.53
CA VAL C 170 -51.63 -12.24 40.57
C VAL C 170 -50.88 -13.19 39.64
N ASP C 171 -50.19 -14.18 40.24
CA ASP C 171 -49.38 -15.16 39.47
C ASP C 171 -50.32 -15.84 38.46
N ILE C 172 -51.54 -16.23 38.88
CA ILE C 172 -52.49 -16.89 37.92
C ILE C 172 -52.97 -15.87 36.88
N LEU C 173 -53.40 -14.69 37.33
CA LEU C 173 -54.07 -13.71 36.42
C LEU C 173 -53.10 -13.21 35.35
N PHE C 174 -51.81 -13.11 35.66
CA PHE C 174 -50.77 -12.58 34.75
C PHE C 174 -49.73 -13.66 34.42
N GLN C 175 -50.14 -14.94 34.48
CA GLN C 175 -49.23 -16.07 34.12
C GLN C 175 -48.80 -15.95 32.65
N PRO C 176 -47.64 -16.56 32.29
CA PRO C 176 -47.22 -16.59 30.88
C PRO C 176 -48.29 -17.18 29.95
N TYR C 177 -48.42 -16.61 28.75
CA TYR C 177 -49.14 -17.20 27.61
C TYR C 177 -48.60 -18.62 27.36
N ASP C 178 -49.49 -19.54 27.02
CA ASP C 178 -49.15 -20.94 26.65
C ASP C 178 -50.16 -21.38 25.57
N GLN C 179 -49.67 -21.56 24.34
CA GLN C 179 -50.42 -21.99 23.14
C GLN C 179 -51.08 -23.37 23.37
N GLU C 180 -50.49 -24.20 24.24
CA GLU C 180 -50.88 -25.61 24.51
C GLU C 180 -52.08 -25.68 25.47
N ARG C 181 -52.17 -24.73 26.40
CA ARG C 181 -53.16 -24.73 27.52
C ARG C 181 -54.08 -23.50 27.41
N LEU C 182 -54.43 -23.10 26.18
CA LEU C 182 -55.03 -21.78 25.83
C LEU C 182 -56.51 -21.91 25.48
N GLU C 183 -57.30 -20.87 25.81
CA GLU C 183 -58.78 -20.76 25.62
C GLU C 183 -59.52 -21.57 26.69
N GLU C 184 -58.79 -22.42 27.42
CA GLU C 184 -59.25 -23.10 28.66
C GLU C 184 -58.91 -22.23 29.86
N ILE C 185 -57.78 -21.52 29.85
CA ILE C 185 -57.34 -20.67 31.01
C ILE C 185 -57.84 -19.23 30.79
N GLU C 186 -58.71 -19.02 29.80
CA GLU C 186 -59.70 -17.93 29.79
C GLU C 186 -60.59 -18.10 31.05
N GLN C 187 -60.91 -19.35 31.40
CA GLN C 187 -61.76 -19.71 32.57
C GLN C 187 -60.95 -19.67 33.87
N GLU C 188 -59.78 -20.32 33.89
CA GLU C 188 -58.79 -20.28 35.01
C GLU C 188 -58.53 -18.82 35.43
N LYS C 189 -58.56 -17.89 34.47
CA LYS C 189 -58.40 -16.41 34.66
C LYS C 189 -59.68 -15.85 35.27
N GLN C 190 -60.81 -16.05 34.57
CA GLN C 190 -62.14 -15.56 35.03
C GLN C 190 -62.31 -15.94 36.51
N ARG C 191 -61.90 -17.15 36.87
CA ARG C 191 -61.95 -17.68 38.27
C ARG C 191 -61.01 -16.91 39.21
N ALA C 192 -59.75 -16.69 38.83
CA ALA C 192 -58.79 -15.98 39.72
C ALA C 192 -59.29 -14.54 39.94
N GLY C 193 -59.87 -13.94 38.90
CA GLY C 193 -60.44 -12.57 38.88
C GLY C 193 -61.62 -12.44 39.82
N ALA C 194 -62.47 -13.45 39.87
CA ALA C 194 -63.62 -13.50 40.81
C ALA C 194 -63.10 -13.68 42.24
N GLU C 195 -62.10 -14.56 42.45
CA GLU C 195 -61.56 -14.77 43.82
C GLU C 195 -60.83 -13.52 44.30
N TYR C 196 -60.12 -12.87 43.38
CA TYR C 196 -59.37 -11.61 43.61
C TYR C 196 -60.36 -10.54 44.10
N PHE C 197 -61.48 -10.39 43.38
CA PHE C 197 -62.49 -9.37 43.73
C PHE C 197 -63.08 -9.67 45.11
N GLN C 198 -63.48 -10.92 45.33
CA GLN C 198 -64.17 -11.32 46.58
C GLN C 198 -63.23 -11.06 47.77
N TYR C 199 -61.93 -11.26 47.55
CA TYR C 199 -60.88 -11.00 48.57
C TYR C 199 -60.69 -9.49 48.78
N LEU C 200 -60.48 -8.73 47.71
CA LEU C 200 -60.00 -7.33 47.87
C LEU C 200 -61.15 -6.36 48.15
N TYR C 201 -62.37 -6.67 47.72
CA TYR C 201 -63.49 -5.70 47.87
C TYR C 201 -63.71 -5.40 49.36
N PRO C 202 -63.79 -6.39 50.25
CA PRO C 202 -63.95 -6.10 51.68
C PRO C 202 -62.72 -5.45 52.33
N ILE C 203 -61.52 -5.68 51.80
CA ILE C 203 -60.30 -4.98 52.30
C ILE C 203 -60.42 -3.49 51.98
N VAL C 204 -60.91 -3.14 50.79
CA VAL C 204 -61.11 -1.72 50.40
C VAL C 204 -62.14 -1.10 51.36
N ILE C 205 -63.24 -1.79 51.64
CA ILE C 205 -64.29 -1.24 52.56
C ILE C 205 -63.67 -0.97 53.92
N GLU C 206 -62.95 -1.95 54.45
CA GLU C 206 -62.27 -1.87 55.79
C GLU C 206 -61.35 -0.65 55.80
N LYS C 207 -60.57 -0.48 54.74
CA LYS C 207 -59.51 0.56 54.73
C LYS C 207 -60.14 1.95 54.78
N ARG C 208 -61.36 2.12 54.27
CA ARG C 208 -62.09 3.41 54.32
C ARG C 208 -62.18 3.91 55.77
N SER C 209 -62.28 2.99 56.73
CA SER C 209 -62.46 3.20 58.20
C SER C 209 -61.14 3.05 58.98
N ASN C 210 -60.04 2.74 58.29
CA ASN C 210 -58.73 2.43 58.90
C ASN C 210 -57.63 2.91 57.94
N LEU C 211 -57.69 4.19 57.56
CA LEU C 211 -56.82 4.70 56.46
C LEU C 211 -55.35 4.67 56.86
N SER C 212 -54.51 4.23 55.94
CA SER C 212 -53.06 4.20 56.15
C SER C 212 -52.36 4.88 54.98
N ASP C 213 -51.17 4.41 54.63
CA ASP C 213 -50.36 5.07 53.58
C ASP C 213 -50.13 4.07 52.46
N ASP C 214 -51.02 3.09 52.32
CA ASP C 214 -50.89 2.09 51.23
C ASP C 214 -51.59 2.60 49.96
N ILE C 215 -51.42 1.89 48.84
CA ILE C 215 -51.99 2.36 47.56
C ILE C 215 -53.54 2.41 47.65
N ILE C 216 -54.15 1.45 48.31
CA ILE C 216 -55.65 1.45 48.44
C ILE C 216 -56.10 2.67 49.25
N SER C 217 -55.45 2.96 50.40
CA SER C 217 -55.74 4.22 51.15
C SER C 217 -55.60 5.44 50.24
N ASP C 218 -54.55 5.49 49.44
CA ASP C 218 -54.31 6.68 48.56
C ASP C 218 -55.45 6.76 47.53
N LEU C 219 -55.88 5.62 46.97
CA LEU C 219 -56.96 5.61 45.95
C LEU C 219 -58.31 5.96 46.59
N ILE C 220 -58.57 5.51 47.82
CA ILE C 220 -59.77 5.97 48.60
C ILE C 220 -59.78 7.50 48.69
N GLN C 221 -58.67 8.13 49.05
CA GLN C 221 -58.67 9.57 49.39
C GLN C 221 -58.50 10.42 48.13
N ALA C 222 -58.25 9.81 46.97
CA ALA C 222 -58.04 10.55 45.71
C ALA C 222 -59.30 11.36 45.35
N GLU C 223 -59.12 12.60 44.91
CA GLU C 223 -60.26 13.44 44.47
C GLU C 223 -59.80 14.30 43.29
N PHE C 224 -60.66 14.47 42.31
CA PHE C 224 -60.44 15.40 41.17
C PHE C 224 -61.75 16.10 40.80
N ASP C 225 -61.78 17.42 40.94
CA ASP C 225 -62.96 18.26 40.62
C ASP C 225 -64.23 17.53 41.09
N GLY C 226 -64.24 17.12 42.37
CA GLY C 226 -65.41 16.54 43.07
C GLY C 226 -65.55 15.05 42.86
N GLU C 227 -64.78 14.46 41.94
CA GLU C 227 -64.95 13.05 41.51
C GLU C 227 -63.98 12.17 42.30
N THR C 228 -64.46 10.99 42.70
CA THR C 228 -63.78 10.05 43.62
C THR C 228 -64.09 8.64 43.14
N PHE C 229 -63.32 7.65 43.62
CA PHE C 229 -63.56 6.23 43.27
C PHE C 229 -64.52 5.60 44.26
N THR C 230 -65.38 4.73 43.77
CA THR C 230 -66.17 3.80 44.62
C THR C 230 -65.29 2.59 44.97
N ASP C 231 -65.70 1.79 45.94
CA ASP C 231 -64.97 0.57 46.38
C ASP C 231 -64.75 -0.37 45.19
N GLU C 232 -65.78 -0.61 44.40
CA GLU C 232 -65.66 -1.44 43.18
C GLU C 232 -64.63 -0.86 42.20
N GLU C 233 -64.67 0.45 41.94
CA GLU C 233 -63.70 1.14 41.04
C GLU C 233 -62.29 0.95 41.60
N ILE C 234 -62.12 0.99 42.91
CA ILE C 234 -60.74 0.88 43.50
C ILE C 234 -60.21 -0.52 43.25
N VAL C 235 -61.05 -1.54 43.42
CA VAL C 235 -60.61 -2.92 43.08
C VAL C 235 -60.19 -2.96 41.62
N HIS C 236 -61.01 -2.46 40.70
CA HIS C 236 -60.69 -2.42 39.25
C HIS C 236 -59.40 -1.63 39.00
N ALA C 237 -59.19 -0.50 39.67
CA ALA C 237 -57.96 0.32 39.56
C ALA C 237 -56.78 -0.57 39.91
N THR C 238 -56.88 -1.40 40.96
CA THR C 238 -55.72 -2.27 41.35
C THR C 238 -55.44 -3.24 40.22
N MET C 239 -56.48 -3.78 39.57
CA MET C 239 -56.29 -4.75 38.46
CA MET C 239 -56.29 -4.76 38.46
C MET C 239 -55.69 -4.06 37.24
N LEU C 240 -56.06 -2.80 37.00
CA LEU C 240 -55.43 -2.00 35.92
C LEU C 240 -53.93 -1.83 36.21
N LEU C 241 -53.54 -1.46 37.42
CA LEU C 241 -52.13 -1.33 37.82
C LEU C 241 -51.38 -2.66 37.66
N LEU C 242 -51.95 -3.79 38.12
CA LEU C 242 -51.31 -5.11 37.91
C LEU C 242 -51.09 -5.37 36.42
N GLY C 243 -52.12 -5.10 35.60
CA GLY C 243 -52.09 -5.30 34.14
C GLY C 243 -51.00 -4.47 33.47
N ALA C 244 -50.72 -3.28 34.00
CA ALA C 244 -49.76 -2.33 33.43
C ALA C 244 -48.36 -2.71 33.90
N GLY C 245 -48.22 -3.32 35.08
CA GLY C 245 -46.91 -3.27 35.75
C GLY C 245 -46.24 -4.62 35.94
N VAL C 246 -46.97 -5.68 36.18
CA VAL C 246 -46.31 -6.91 36.70
C VAL C 246 -45.57 -7.61 35.55
N GLU C 247 -46.20 -7.84 34.39
CA GLU C 247 -45.54 -8.65 33.32
C GLU C 247 -44.39 -7.84 32.71
N THR C 248 -44.59 -6.54 32.47
CA THR C 248 -43.55 -5.66 31.89
C THR C 248 -42.35 -5.60 32.82
N THR C 249 -42.56 -5.46 34.14
CA THR C 249 -41.41 -5.33 35.07
C THR C 249 -40.68 -6.68 35.16
N SER C 250 -41.43 -7.77 35.11
CA SER C 250 -40.85 -9.15 35.15
C SER C 250 -39.99 -9.33 33.91
N HIS C 251 -40.53 -8.95 32.72
CA HIS C 251 -39.77 -9.02 31.43
C HIS C 251 -38.47 -8.23 31.54
N ALA C 252 -38.52 -7.03 32.13
CA ALA C 252 -37.36 -6.11 32.19
C ALA C 252 -36.30 -6.75 33.11
N ILE C 253 -36.72 -7.33 34.23
CA ILE C 253 -35.77 -7.95 35.22
C ILE C 253 -35.14 -9.20 34.61
N ALA C 254 -35.93 -10.06 33.98
CA ALA C 254 -35.40 -11.31 33.36
C ALA C 254 -34.37 -10.91 32.30
N ASN C 255 -34.67 -9.91 31.48
CA ASN C 255 -33.80 -9.53 30.34
C ASN C 255 -32.51 -8.90 30.87
N MET C 256 -32.57 -8.16 31.99
CA MET C 256 -31.35 -7.64 32.67
C MET C 256 -30.43 -8.80 33.02
N PHE C 257 -30.94 -9.81 33.69
CA PHE C 257 -30.13 -10.99 34.11
C PHE C 257 -29.66 -11.74 32.87
N TYR C 258 -30.49 -11.83 31.84
CA TYR C 258 -30.06 -12.44 30.57
C TYR C 258 -28.82 -11.70 30.01
N SER C 259 -28.84 -10.36 30.04
CA SER C 259 -27.72 -9.52 29.51
C SER C 259 -26.43 -9.89 30.25
N PHE C 260 -26.52 -10.06 31.58
CA PHE C 260 -25.30 -10.30 32.40
C PHE C 260 -24.65 -11.61 31.97
N LEU C 261 -25.44 -12.56 31.48
CA LEU C 261 -24.91 -13.86 31.02
C LEU C 261 -24.39 -13.79 29.58
N TYR C 262 -25.07 -13.09 28.68
CA TYR C 262 -24.88 -13.29 27.22
C TYR C 262 -24.41 -12.04 26.46
N ASP C 263 -24.46 -10.83 27.03
CA ASP C 263 -24.07 -9.61 26.27
C ASP C 263 -22.64 -9.30 26.72
N ASP C 264 -22.46 -8.27 27.56
CA ASP C 264 -21.14 -7.93 28.14
C ASP C 264 -20.95 -8.78 29.40
N LYS C 265 -20.16 -9.87 29.31
CA LYS C 265 -19.95 -10.83 30.42
C LYS C 265 -19.11 -10.24 31.56
N SER C 266 -18.44 -9.10 31.33
CA SER C 266 -17.57 -8.40 32.31
C SER C 266 -18.42 -7.53 33.23
N LEU C 267 -19.65 -7.18 32.82
CA LEU C 267 -20.46 -6.15 33.52
C LEU C 267 -20.76 -6.62 34.96
N TYR C 268 -21.15 -7.88 35.15
CA TYR C 268 -21.54 -8.36 36.52
C TYR C 268 -20.45 -8.00 37.54
N SER C 269 -19.20 -8.36 37.27
CA SER C 269 -18.08 -8.12 38.20
C SER C 269 -17.80 -6.62 38.36
N GLU C 270 -18.00 -5.80 37.31
CA GLU C 270 -17.87 -4.34 37.46
C GLU C 270 -18.90 -3.87 38.50
N LEU C 271 -20.14 -4.36 38.42
CA LEU C 271 -21.22 -3.91 39.32
C LEU C 271 -20.97 -4.46 40.74
N ARG C 272 -20.51 -5.71 40.87
CA ARG C 272 -20.20 -6.35 42.18
C ARG C 272 -19.15 -5.47 42.90
N ASN C 273 -18.22 -4.87 42.16
CA ASN C 273 -17.11 -4.08 42.77
C ASN C 273 -17.45 -2.61 42.97
N ASN C 274 -18.52 -2.12 42.36
CA ASN C 274 -18.99 -0.74 42.64
C ASN C 274 -20.52 -0.76 42.59
N ARG C 275 -21.15 -0.98 43.73
CA ARG C 275 -22.63 -1.18 43.81
C ARG C 275 -23.34 0.11 43.38
N GLU C 276 -22.66 1.26 43.42
CA GLU C 276 -23.28 2.58 43.09
C GLU C 276 -23.63 2.61 41.60
N LEU C 277 -23.08 1.70 40.80
CA LEU C 277 -23.35 1.67 39.33
C LEU C 277 -24.71 1.03 39.06
N ALA C 278 -25.40 0.49 40.07
CA ALA C 278 -26.65 -0.27 39.82
C ALA C 278 -27.68 0.56 39.04
N PRO C 279 -27.97 1.83 39.39
CA PRO C 279 -28.96 2.62 38.64
C PRO C 279 -28.54 2.77 37.16
N LYS C 280 -27.25 2.94 36.92
CA LYS C 280 -26.72 3.05 35.53
C LYS C 280 -26.92 1.76 34.75
N ALA C 281 -26.69 0.61 35.37
CA ALA C 281 -26.95 -0.71 34.76
C ALA C 281 -28.44 -0.87 34.42
N VAL C 282 -29.32 -0.43 35.31
CA VAL C 282 -30.81 -0.50 35.07
C VAL C 282 -31.19 0.31 33.83
N GLU C 283 -30.70 1.55 33.73
CA GLU C 283 -31.02 2.40 32.56
C GLU C 283 -30.50 1.74 31.29
N GLU C 284 -29.30 1.16 31.34
CA GLU C 284 -28.74 0.55 30.10
C GLU C 284 -29.49 -0.72 29.75
N MET C 285 -30.03 -1.43 30.73
CA MET C 285 -30.80 -2.65 30.42
C MET C 285 -32.15 -2.27 29.83
N LEU C 286 -32.74 -1.17 30.26
CA LEU C 286 -34.00 -0.67 29.67
C LEU C 286 -33.75 -0.14 28.25
N ARG C 287 -32.60 0.50 27.98
CA ARG C 287 -32.26 0.95 26.61
C ARG C 287 -31.98 -0.28 25.71
N TYR C 288 -31.21 -1.25 26.20
CA TYR C 288 -30.53 -2.28 25.39
C TYR C 288 -31.37 -3.55 25.28
N ARG C 289 -32.12 -3.91 26.34
CA ARG C 289 -32.60 -5.29 26.48
C ARG C 289 -34.12 -5.35 26.65
N PHE C 290 -34.84 -4.23 26.57
CA PHE C 290 -36.30 -4.29 26.67
C PHE C 290 -36.90 -4.21 25.27
N HIS C 291 -37.33 -5.35 24.76
CA HIS C 291 -37.88 -5.47 23.38
C HIS C 291 -39.18 -6.25 23.45
N ILE C 292 -40.16 -5.94 22.60
CA ILE C 292 -40.22 -4.81 21.67
C ILE C 292 -41.16 -3.77 22.29
N SER C 293 -40.74 -2.52 22.33
CA SER C 293 -41.55 -1.38 22.78
C SER C 293 -42.12 -0.69 21.55
N ARG C 294 -43.44 -0.68 21.41
CA ARG C 294 -44.06 0.11 20.34
C ARG C 294 -45.46 0.48 20.77
N ARG C 295 -45.84 1.68 20.39
CA ARG C 295 -47.17 2.23 20.69
C ARG C 295 -47.66 2.90 19.44
N ASP C 296 -48.96 2.90 19.21
CA ASP C 296 -49.49 3.66 18.08
C ASP C 296 -50.31 4.88 18.51
N ARG C 297 -50.49 5.73 17.53
CA ARG C 297 -51.30 6.96 17.60
C ARG C 297 -52.08 7.06 16.29
N THR C 298 -53.16 7.79 16.33
CA THR C 298 -53.96 8.17 15.15
C THR C 298 -53.75 9.67 14.90
N VAL C 299 -53.40 10.03 13.67
CA VAL C 299 -53.22 11.46 13.30
C VAL C 299 -54.52 12.22 13.49
N LYS C 300 -54.46 13.28 14.28
CA LYS C 300 -55.60 14.16 14.66
C LYS C 300 -55.72 15.30 13.65
N GLN C 301 -54.61 15.71 13.08
CA GLN C 301 -54.56 16.92 12.22
C GLN C 301 -53.53 16.64 11.11
N ASP C 302 -53.83 17.00 9.86
CA ASP C 302 -52.87 16.85 8.74
C ASP C 302 -51.56 17.55 9.13
N ASN C 303 -50.42 16.95 8.85
CA ASN C 303 -49.14 17.57 9.24
C ASN C 303 -48.01 16.94 8.43
N GLU C 304 -46.87 17.63 8.38
CA GLU C 304 -45.63 17.10 7.75
C GLU C 304 -44.49 17.07 8.79
N LEU C 305 -44.81 17.01 10.08
CA LEU C 305 -43.77 17.09 11.15
C LEU C 305 -42.68 16.04 10.96
N LEU C 306 -43.03 14.85 10.47
CA LEU C 306 -42.05 13.73 10.33
C LEU C 306 -41.41 13.71 8.93
N GLY C 307 -41.67 14.73 8.10
CA GLY C 307 -41.09 14.88 6.74
C GLY C 307 -41.90 14.13 5.69
N VAL C 308 -43.01 13.55 6.08
CA VAL C 308 -44.01 12.92 5.16
C VAL C 308 -45.35 13.56 5.45
N LYS C 309 -46.18 13.69 4.42
CA LYS C 309 -47.53 14.27 4.62
C LYS C 309 -48.39 13.19 5.27
N LEU C 310 -48.85 13.47 6.49
CA LEU C 310 -49.86 12.62 7.15
C LEU C 310 -51.18 13.38 7.17
N LYS C 311 -52.27 12.62 7.13
CA LYS C 311 -53.64 13.16 7.10
C LYS C 311 -54.40 12.60 8.30
N LYS C 312 -55.33 13.41 8.82
CA LYS C 312 -56.31 13.02 9.84
C LYS C 312 -56.74 11.56 9.60
N GLY C 313 -56.64 10.70 10.63
CA GLY C 313 -57.05 9.29 10.59
C GLY C 313 -55.96 8.29 10.24
N ASP C 314 -54.78 8.73 9.75
CA ASP C 314 -53.64 7.84 9.51
C ASP C 314 -53.19 7.24 10.84
N VAL C 315 -52.75 6.00 10.80
CA VAL C 315 -52.24 5.31 12.00
C VAL C 315 -50.72 5.31 11.94
N VAL C 316 -50.08 5.75 13.02
CA VAL C 316 -48.58 5.81 13.11
C VAL C 316 -48.16 4.90 14.27
N ILE C 317 -47.28 3.95 13.99
CA ILE C 317 -46.63 3.04 14.98
C ILE C 317 -45.22 3.57 15.28
N ALA C 318 -45.00 3.90 16.55
CA ALA C 318 -43.71 4.45 17.03
C ALA C 318 -42.96 3.28 17.68
N TRP C 319 -41.84 2.84 17.11
CA TRP C 319 -41.09 1.66 17.56
C TRP C 319 -39.99 2.08 18.55
N MET C 320 -40.37 2.35 19.79
CA MET C 320 -39.43 2.93 20.78
C MET C 320 -38.19 2.05 20.96
N SER C 321 -38.31 0.75 20.92
CA SER C 321 -37.10 -0.06 21.21
C SER C 321 -36.12 0.06 20.03
N ALA C 322 -36.59 0.29 18.80
CA ALA C 322 -35.70 0.63 17.67
C ALA C 322 -35.03 1.97 17.95
N CYS C 323 -35.80 2.98 18.40
CA CYS C 323 -35.30 4.35 18.49
C CYS C 323 -34.25 4.41 19.60
N ASN C 324 -34.29 3.45 20.51
CA ASN C 324 -33.28 3.35 21.60
C ASN C 324 -31.92 2.95 21.04
N MET C 325 -31.87 2.50 19.78
CA MET C 325 -30.63 2.06 19.12
C MET C 325 -30.29 2.97 17.94
N ASP C 326 -30.82 4.17 17.93
CA ASP C 326 -30.54 5.19 16.90
C ASP C 326 -29.18 5.82 17.23
N GLU C 327 -28.20 5.58 16.35
CA GLU C 327 -26.80 6.03 16.54
C GLU C 327 -26.69 7.55 16.44
N THR C 328 -27.66 8.25 15.94
CA THR C 328 -27.62 9.73 15.95
C THR C 328 -27.82 10.29 17.35
N MET C 329 -28.41 9.51 18.26
CA MET C 329 -28.71 9.90 19.66
C MET C 329 -27.83 9.13 20.63
N PHE C 330 -27.69 7.82 20.43
CA PHE C 330 -26.99 6.89 21.35
C PHE C 330 -25.73 6.40 20.68
N GLU C 331 -24.58 6.85 21.14
CA GLU C 331 -23.31 6.45 20.44
CA GLU C 331 -23.30 6.45 20.48
C GLU C 331 -23.06 4.95 20.63
N ASN C 332 -22.56 4.31 19.59
CA ASN C 332 -22.23 2.86 19.66
CA ASN C 332 -22.26 2.85 19.58
C ASN C 332 -23.47 2.14 20.16
N PRO C 333 -24.65 2.31 19.52
CA PRO C 333 -25.92 1.89 20.12
C PRO C 333 -26.09 0.39 20.30
N PHE C 334 -25.39 -0.41 19.47
CA PHE C 334 -25.61 -1.86 19.48
C PHE C 334 -24.66 -2.49 20.49
N SER C 335 -23.96 -1.67 21.28
CA SER C 335 -23.10 -2.14 22.38
C SER C 335 -23.69 -1.80 23.74
N VAL C 336 -23.47 -2.68 24.72
CA VAL C 336 -23.71 -2.37 26.14
C VAL C 336 -22.70 -1.34 26.64
N ASP C 337 -23.18 -0.26 27.19
CA ASP C 337 -22.27 0.74 27.78
C ASP C 337 -23.00 1.45 28.89
N ILE C 338 -22.81 1.00 30.13
CA ILE C 338 -23.54 1.64 31.25
C ILE C 338 -23.04 3.06 31.49
N HIS C 339 -21.89 3.45 30.90
CA HIS C 339 -21.29 4.79 31.11
C HIS C 339 -21.70 5.77 30.02
N ARG C 340 -22.52 5.35 29.05
CA ARG C 340 -23.01 6.25 27.98
C ARG C 340 -23.87 7.31 28.59
N PRO C 341 -23.52 8.60 28.42
CA PRO C 341 -24.18 9.66 29.19
C PRO C 341 -25.64 9.94 28.82
N THR C 342 -26.15 9.37 27.73
CA THR C 342 -27.51 9.60 27.20
C THR C 342 -28.47 8.46 27.57
N ASN C 343 -28.02 7.45 28.30
CA ASN C 343 -28.87 6.25 28.52
C ASN C 343 -30.22 6.60 29.13
N LYS C 344 -30.28 7.55 30.05
CA LYS C 344 -31.56 7.87 30.74
C LYS C 344 -32.58 8.45 29.75
N LYS C 345 -32.17 8.82 28.53
CA LYS C 345 -33.09 9.44 27.55
C LYS C 345 -33.82 8.37 26.72
N HIS C 346 -33.63 7.07 26.99
CA HIS C 346 -34.38 6.00 26.27
C HIS C 346 -35.88 6.25 26.40
N LEU C 347 -36.65 5.69 25.46
CA LEU C 347 -38.11 5.95 25.41
C LEU C 347 -38.91 4.70 25.78
N THR C 348 -38.31 3.80 26.55
CA THR C 348 -38.99 2.54 26.98
C THR C 348 -40.29 2.87 27.70
N PHE C 349 -40.35 3.96 28.45
CA PHE C 349 -41.53 4.31 29.26
C PHE C 349 -42.42 5.29 28.50
N GLY C 350 -42.15 5.58 27.22
CA GLY C 350 -42.88 6.66 26.53
C GLY C 350 -42.32 8.05 26.80
N ASN C 351 -43.15 9.04 26.51
CA ASN C 351 -42.75 10.46 26.57
C ASN C 351 -44.02 11.29 26.45
N GLY C 352 -44.14 12.31 27.28
CA GLY C 352 -45.30 13.22 27.28
C GLY C 352 -46.40 12.79 28.25
N PRO C 353 -47.66 13.17 27.97
CA PRO C 353 -48.71 13.04 28.97
C PRO C 353 -48.96 11.61 29.45
N HIS C 354 -48.75 10.60 28.59
CA HIS C 354 -49.00 9.17 28.90
C HIS C 354 -47.73 8.53 29.47
N PHE C 355 -46.68 9.29 29.71
CA PHE C 355 -45.41 8.73 30.25
C PHE C 355 -45.73 7.76 31.38
N CYS C 356 -45.12 6.58 31.39
CA CYS C 356 -45.50 5.48 32.32
C CYS C 356 -45.66 6.00 33.75
N LEU C 357 -46.83 5.75 34.35
CA LEU C 357 -47.10 6.14 35.77
C LEU C 357 -46.24 5.26 36.69
N GLY C 358 -45.89 4.08 36.23
CA GLY C 358 -45.12 3.14 37.06
C GLY C 358 -43.63 3.28 36.84
N ALA C 359 -43.12 4.23 36.04
CA ALA C 359 -41.70 4.20 35.65
C ALA C 359 -40.82 4.28 36.91
N PRO C 360 -41.08 5.19 37.87
CA PRO C 360 -40.20 5.24 39.05
C PRO C 360 -40.24 3.96 39.87
N LEU C 361 -41.41 3.32 40.02
CA LEU C 361 -41.51 2.04 40.75
C LEU C 361 -40.72 0.96 39.99
N ALA C 362 -40.94 0.83 38.67
CA ALA C 362 -40.25 -0.18 37.85
C ALA C 362 -38.74 0.02 38.04
N ARG C 363 -38.24 1.25 37.91
CA ARG C 363 -36.78 1.55 38.00
C ARG C 363 -36.27 1.16 39.40
N LEU C 364 -37.05 1.49 40.43
CA LEU C 364 -36.65 1.16 41.83
C LEU C 364 -36.61 -0.35 42.04
N GLU C 365 -37.62 -1.08 41.57
CA GLU C 365 -37.64 -2.55 41.68
C GLU C 365 -36.45 -3.17 40.96
N MET C 366 -36.15 -2.69 39.74
CA MET C 366 -34.96 -3.20 39.00
C MET C 366 -33.71 -2.89 39.81
N LYS C 367 -33.56 -1.67 40.32
CA LYS C 367 -32.33 -1.31 41.10
C LYS C 367 -32.21 -2.19 42.34
N ILE C 368 -33.30 -2.30 43.10
CA ILE C 368 -33.26 -3.01 44.41
C ILE C 368 -32.99 -4.51 44.23
N ILE C 369 -33.63 -5.15 43.25
CA ILE C 369 -33.42 -6.61 43.06
C ILE C 369 -31.99 -6.81 42.55
N LEU C 370 -31.49 -5.94 41.70
CA LEU C 370 -30.08 -6.03 41.27
C LEU C 370 -29.17 -5.91 42.51
N GLU C 371 -29.41 -4.94 43.37
CA GLU C 371 -28.54 -4.68 44.55
C GLU C 371 -28.60 -5.90 45.47
N ALA C 372 -29.78 -6.49 45.66
CA ALA C 372 -29.90 -7.63 46.59
C ALA C 372 -29.17 -8.83 45.99
N PHE C 373 -29.25 -8.97 44.67
CA PHE C 373 -28.62 -10.11 43.95
C PHE C 373 -27.08 -9.96 44.07
N LEU C 374 -26.58 -8.77 43.80
CA LEU C 374 -25.10 -8.47 43.88
C LEU C 374 -24.63 -8.74 45.32
N GLU C 375 -25.45 -8.40 46.31
CA GLU C 375 -25.01 -8.62 47.71
C GLU C 375 -24.83 -10.13 47.94
N ALA C 376 -25.71 -10.98 47.39
CA ALA C 376 -25.70 -12.44 47.69
C ALA C 376 -24.66 -13.18 46.85
N PHE C 377 -24.59 -12.86 45.56
CA PHE C 377 -23.87 -13.67 44.55
C PHE C 377 -22.66 -12.91 44.00
N SER C 378 -21.46 -13.49 44.25
CA SER C 378 -20.17 -12.88 43.85
C SER C 378 -19.95 -13.06 42.35
N HIS C 379 -20.40 -14.19 41.79
CA HIS C 379 -20.17 -14.54 40.36
C HIS C 379 -21.36 -15.30 39.81
N ILE C 380 -21.49 -15.33 38.49
CA ILE C 380 -22.59 -16.06 37.80
C ILE C 380 -21.98 -16.73 36.56
N GLU C 381 -22.67 -17.73 36.07
CA GLU C 381 -22.26 -18.45 34.85
C GLU C 381 -23.52 -19.01 34.19
N PRO C 382 -23.60 -18.96 32.86
CA PRO C 382 -24.73 -19.55 32.13
C PRO C 382 -24.64 -21.09 32.13
N PHE C 383 -25.79 -21.73 31.94
CA PHE C 383 -25.84 -23.19 31.69
C PHE C 383 -25.31 -23.41 30.28
N GLU C 384 -24.43 -24.41 30.18
CA GLU C 384 -23.77 -24.82 28.93
C GLU C 384 -24.84 -25.15 27.89
N ASP C 385 -25.92 -25.80 28.33
CA ASP C 385 -26.89 -26.48 27.46
C ASP C 385 -28.06 -25.54 27.09
N PHE C 386 -28.08 -24.27 27.53
CA PHE C 386 -29.31 -23.43 27.42
C PHE C 386 -29.54 -23.08 25.95
N GLU C 387 -30.78 -23.28 25.49
CA GLU C 387 -31.24 -22.91 24.14
C GLU C 387 -32.35 -21.87 24.31
N LEU C 388 -32.23 -20.79 23.59
CA LEU C 388 -33.15 -19.64 23.76
C LEU C 388 -34.54 -20.00 23.19
N GLU C 389 -34.61 -20.60 22.00
CA GLU C 389 -35.88 -20.73 21.26
C GLU C 389 -36.94 -21.48 22.08
N PRO C 390 -36.64 -22.63 22.73
CA PRO C 390 -37.67 -23.36 23.46
C PRO C 390 -38.17 -22.66 24.73
N HIS C 391 -37.46 -21.60 25.14
CA HIS C 391 -37.70 -20.95 26.44
C HIS C 391 -38.22 -19.53 26.20
N LEU C 392 -38.82 -19.29 25.04
CA LEU C 392 -39.53 -18.02 24.73
C LEU C 392 -41.01 -18.32 24.49
N THR C 393 -41.89 -17.43 24.93
CA THR C 393 -43.35 -17.52 24.69
C THR C 393 -43.83 -16.17 24.18
N ALA C 394 -44.88 -16.15 23.40
CA ALA C 394 -45.51 -14.91 22.94
C ALA C 394 -45.96 -14.07 24.14
N SER C 395 -45.77 -12.77 24.04
CA SER C 395 -46.18 -11.83 25.11
C SER C 395 -46.64 -10.55 24.42
N ALA C 396 -47.13 -9.59 25.19
CA ALA C 396 -47.51 -8.26 24.65
C ALA C 396 -46.27 -7.57 24.07
N THR C 397 -45.06 -7.87 24.54
CA THR C 397 -43.80 -7.25 24.05
C THR C 397 -43.20 -8.05 22.90
N GLY C 398 -43.86 -9.08 22.42
CA GLY C 398 -43.31 -9.93 21.34
C GLY C 398 -42.99 -11.28 21.90
N GLN C 399 -41.77 -11.47 22.46
CA GLN C 399 -41.47 -12.79 23.10
C GLN C 399 -40.86 -12.54 24.48
N SER C 400 -41.10 -13.43 25.44
CA SER C 400 -40.62 -13.27 26.84
C SER C 400 -40.04 -14.62 27.26
N LEU C 401 -39.01 -14.57 28.08
CA LEU C 401 -38.35 -15.75 28.66
C LEU C 401 -39.34 -16.47 29.61
N THR C 402 -39.44 -17.79 29.46
CA THR C 402 -40.23 -18.64 30.36
C THR C 402 -39.31 -19.35 31.34
N TYR C 403 -38.02 -19.27 31.12
CA TYR C 403 -36.99 -20.03 31.87
C TYR C 403 -35.64 -19.40 31.60
N LEU C 404 -34.85 -19.19 32.64
CA LEU C 404 -33.49 -18.64 32.49
C LEU C 404 -32.63 -19.19 33.61
N PRO C 405 -31.93 -20.32 33.35
CA PRO C 405 -31.09 -20.92 34.37
C PRO C 405 -29.73 -20.22 34.49
N MET C 406 -29.19 -20.25 35.69
CA MET C 406 -27.88 -19.64 36.00
C MET C 406 -27.21 -20.46 37.07
N THR C 407 -25.91 -20.74 36.93
CA THR C 407 -25.10 -21.18 38.09
C THR C 407 -24.65 -19.94 38.86
N VAL C 408 -24.87 -19.93 40.16
CA VAL C 408 -24.50 -18.79 41.04
C VAL C 408 -23.38 -19.22 42.00
N TYR C 409 -22.50 -18.29 42.32
CA TYR C 409 -21.32 -18.58 43.19
C TYR C 409 -21.38 -17.62 44.39
N ARG C 410 -21.32 -18.20 45.59
CA ARG C 410 -21.04 -17.42 46.80
C ARG C 410 -20.33 -18.39 47.75
N HIS C 411 -19.56 -17.85 48.65
CA HIS C 411 -19.00 -18.64 49.79
C HIS C 411 -20.09 -18.77 50.85
N HIS C 412 -20.55 -20.00 51.12
CA HIS C 412 -21.69 -20.29 52.04
C HIS C 412 -21.22 -20.12 53.50
N HIS C 413 -21.97 -19.32 54.28
CA HIS C 413 -21.62 -18.82 55.64
C HIS C 413 -22.24 -19.72 56.71
N GLU D 4 59.78 5.58 -16.70
CA GLU D 4 59.28 5.31 -15.30
C GLU D 4 58.36 4.08 -15.35
N VAL D 5 58.91 2.88 -15.07
CA VAL D 5 58.06 1.66 -14.92
C VAL D 5 57.71 1.49 -13.44
N ILE D 6 56.43 1.30 -13.13
CA ILE D 6 55.89 1.21 -11.76
C ILE D 6 55.81 -0.25 -11.34
N PRO D 7 56.39 -0.62 -10.18
CA PRO D 7 56.23 -1.94 -9.62
C PRO D 7 54.85 -2.03 -8.95
N VAL D 8 54.14 -3.11 -9.21
CA VAL D 8 52.73 -3.33 -8.75
C VAL D 8 52.68 -4.30 -7.58
N THR D 9 53.81 -4.86 -7.15
CA THR D 9 53.81 -6.05 -6.29
C THR D 9 53.07 -5.70 -4.98
N GLU D 10 53.05 -4.43 -4.55
CA GLU D 10 52.39 -4.05 -3.27
C GLU D 10 50.90 -3.71 -3.51
N ILE D 11 50.35 -4.03 -4.69
CA ILE D 11 48.88 -4.05 -4.91
C ILE D 11 48.35 -5.34 -4.29
N PRO D 12 48.74 -6.54 -4.78
CA PRO D 12 48.25 -7.80 -4.20
C PRO D 12 48.82 -8.21 -2.83
N LYS D 13 50.03 -7.77 -2.49
CA LYS D 13 50.66 -8.11 -1.19
C LYS D 13 50.71 -9.63 -0.99
N PHE D 14 51.20 -10.37 -2.00
CA PHE D 14 51.34 -11.83 -1.90
C PHE D 14 52.27 -12.21 -0.75
N GLN D 15 51.94 -13.28 0.00
CA GLN D 15 52.72 -13.75 1.16
C GLN D 15 53.84 -14.64 0.71
N SER D 16 53.74 -15.25 -0.49
CA SER D 16 54.62 -16.36 -0.87
C SER D 16 54.66 -16.42 -2.40
N ARG D 17 55.67 -17.09 -2.93
CA ARG D 17 55.76 -17.37 -4.40
C ARG D 17 54.57 -18.24 -4.80
N ALA D 18 54.22 -19.23 -3.96
CA ALA D 18 53.09 -20.15 -4.23
C ALA D 18 51.80 -19.35 -4.41
N GLU D 19 51.53 -18.34 -3.57
CA GLU D 19 50.31 -17.52 -3.69
C GLU D 19 50.32 -16.71 -5.01
N GLU D 20 51.46 -16.17 -5.40
CA GLU D 20 51.59 -15.37 -6.63
C GLU D 20 51.43 -16.28 -7.85
N PHE D 21 51.83 -17.53 -7.72
CA PHE D 21 51.71 -18.52 -8.82
C PHE D 21 50.24 -18.84 -9.11
N PHE D 22 49.34 -18.73 -8.13
CA PHE D 22 47.89 -19.08 -8.30
C PHE D 22 47.03 -18.26 -7.37
N PRO D 23 46.89 -16.95 -7.62
CA PRO D 23 46.36 -15.98 -6.66
C PRO D 23 44.83 -15.86 -6.66
N ILE D 24 44.15 -17.00 -6.63
CA ILE D 24 42.67 -17.01 -6.80
C ILE D 24 41.99 -16.31 -5.61
N GLN D 25 42.57 -16.40 -4.40
CA GLN D 25 41.96 -15.72 -3.22
C GLN D 25 41.99 -14.20 -3.39
N TRP D 26 43.13 -13.68 -3.86
CA TRP D 26 43.24 -12.26 -4.19
C TRP D 26 42.22 -11.91 -5.28
N TYR D 27 42.13 -12.72 -6.35
CA TYR D 27 41.15 -12.41 -7.42
C TYR D 27 39.73 -12.31 -6.84
N LYS D 28 39.37 -13.25 -5.93
CA LYS D 28 38.01 -13.32 -5.34
C LYS D 28 37.76 -12.03 -4.55
N GLU D 29 38.77 -11.58 -3.80
CA GLU D 29 38.70 -10.36 -2.95
C GLU D 29 38.49 -9.14 -3.86
N MET D 30 39.26 -9.01 -4.94
CA MET D 30 39.19 -7.80 -5.80
C MET D 30 37.86 -7.81 -6.57
N LEU D 31 37.46 -8.96 -7.11
CA LEU D 31 36.21 -9.10 -7.89
C LEU D 31 35.00 -8.78 -7.00
N ASN D 32 35.01 -9.27 -5.77
CA ASN D 32 33.85 -9.16 -4.82
C ASN D 32 33.83 -7.77 -4.16
N ASN D 33 34.99 -7.20 -3.77
CA ASN D 33 35.05 -6.01 -2.86
C ASN D 33 35.56 -4.76 -3.58
N SER D 34 36.32 -4.90 -4.67
CA SER D 34 37.14 -3.80 -5.21
C SER D 34 37.36 -3.98 -6.72
N PRO D 35 36.33 -4.34 -7.54
CA PRO D 35 36.56 -4.70 -8.95
C PRO D 35 37.07 -3.55 -9.83
N VAL D 36 36.83 -2.28 -9.46
CA VAL D 36 37.52 -1.09 -10.05
C VAL D 36 38.24 -0.34 -8.93
N TYR D 37 39.55 -0.51 -8.83
CA TYR D 37 40.31 -0.17 -7.60
C TYR D 37 41.36 0.89 -7.94
N PHE D 38 41.30 2.06 -7.28
CA PHE D 38 42.38 3.06 -7.34
C PHE D 38 43.40 2.76 -6.23
N HIS D 39 44.64 2.51 -6.61
CA HIS D 39 45.76 2.19 -5.69
C HIS D 39 46.60 3.46 -5.49
N GLU D 40 46.44 4.15 -4.35
CA GLU D 40 47.12 5.45 -4.12
C GLU D 40 48.64 5.38 -4.31
N GLU D 41 49.33 4.38 -3.73
CA GLU D 41 50.82 4.36 -3.65
C GLU D 41 51.42 4.29 -5.06
N THR D 42 50.77 3.57 -6.00
CA THR D 42 51.29 3.44 -7.39
C THR D 42 50.61 4.45 -8.29
N ASN D 43 49.54 5.11 -7.81
CA ASN D 43 48.70 6.01 -8.64
C ASN D 43 48.17 5.25 -9.87
N THR D 44 47.59 4.09 -9.66
CA THR D 44 47.07 3.22 -10.76
C THR D 44 45.61 2.89 -10.50
N TRP D 45 44.86 2.75 -11.59
CA TRP D 45 43.50 2.18 -11.63
C TRP D 45 43.61 0.73 -12.07
N ASN D 46 42.89 -0.16 -11.39
CA ASN D 46 43.06 -1.61 -11.48
C ASN D 46 41.67 -2.17 -11.83
N VAL D 47 41.53 -2.77 -12.99
CA VAL D 47 40.24 -3.39 -13.35
C VAL D 47 40.38 -4.90 -13.40
N PHE D 48 39.35 -5.59 -12.91
CA PHE D 48 39.35 -7.05 -12.74
C PHE D 48 38.19 -7.71 -13.50
N GLN D 49 37.11 -6.98 -13.74
CA GLN D 49 35.88 -7.59 -14.34
C GLN D 49 36.12 -7.81 -15.84
N TYR D 50 35.54 -8.87 -16.37
CA TYR D 50 35.71 -9.26 -17.78
C TYR D 50 35.37 -8.10 -18.71
N GLU D 51 34.16 -7.52 -18.61
CA GLU D 51 33.75 -6.49 -19.63
C GLU D 51 34.67 -5.27 -19.54
N HIS D 52 35.06 -4.84 -18.34
CA HIS D 52 36.02 -3.72 -18.15
C HIS D 52 37.40 -4.04 -18.71
N VAL D 53 37.96 -5.21 -18.40
CA VAL D 53 39.27 -5.59 -18.96
C VAL D 53 39.20 -5.60 -20.48
N LYS D 54 38.12 -6.13 -21.05
CA LYS D 54 37.98 -6.21 -22.51
C LYS D 54 37.95 -4.78 -23.09
N GLN D 55 37.25 -3.86 -22.45
CA GLN D 55 37.13 -2.48 -22.96
C GLN D 55 38.52 -1.83 -22.93
N VAL D 56 39.24 -1.99 -21.81
CA VAL D 56 40.56 -1.34 -21.62
C VAL D 56 41.53 -1.90 -22.66
N LEU D 57 41.55 -3.22 -22.86
CA LEU D 57 42.52 -3.80 -23.83
C LEU D 57 42.28 -3.37 -25.28
N SER D 58 41.02 -3.20 -25.69
CA SER D 58 40.60 -3.09 -27.11
C SER D 58 40.29 -1.65 -27.54
N ASP D 59 39.80 -0.82 -26.63
CA ASP D 59 39.24 0.50 -27.02
C ASP D 59 40.40 1.52 -27.07
N TYR D 60 41.24 1.44 -28.10
CA TYR D 60 42.51 2.22 -28.19
C TYR D 60 42.24 3.72 -28.35
N GLU D 61 41.04 4.10 -28.78
CA GLU D 61 40.61 5.52 -28.90
C GLU D 61 40.61 6.15 -27.48
N PHE D 62 40.38 5.37 -26.41
CA PHE D 62 40.30 5.86 -25.01
C PHE D 62 41.43 5.32 -24.15
N PHE D 63 42.05 4.20 -24.53
CA PHE D 63 43.06 3.52 -23.68
C PHE D 63 44.24 3.21 -24.55
N SER D 64 45.28 4.03 -24.45
CA SER D 64 46.40 3.99 -25.42
C SER D 64 47.44 2.95 -24.95
N SER D 65 48.08 2.25 -25.87
CA SER D 65 49.25 1.40 -25.52
C SER D 65 50.54 2.23 -25.39
N ASP D 66 50.52 3.53 -25.72
CA ASP D 66 51.72 4.41 -25.73
C ASP D 66 51.65 5.47 -24.61
N GLY D 67 51.92 5.11 -23.36
CA GLY D 67 52.15 6.11 -22.28
C GLY D 67 53.58 6.12 -21.78
N GLN D 68 54.03 7.22 -21.16
CA GLN D 68 55.39 7.34 -20.54
C GLN D 68 55.45 6.59 -19.20
N ARG D 69 54.39 5.87 -18.82
CA ARG D 69 54.28 5.02 -17.61
C ARG D 69 53.73 3.63 -17.99
N THR D 70 54.51 2.56 -17.79
CA THR D 70 54.02 1.15 -17.77
C THR D 70 54.32 0.58 -16.38
N THR D 71 53.76 -0.59 -16.08
CA THR D 71 53.86 -1.23 -14.73
C THR D 71 54.55 -2.59 -14.89
N ILE D 72 55.01 -3.17 -13.78
CA ILE D 72 55.68 -4.49 -13.76
C ILE D 72 55.33 -5.20 -12.46
N PHE D 73 55.39 -6.55 -12.44
CA PHE D 73 55.37 -7.35 -11.19
C PHE D 73 56.62 -8.23 -11.15
N VAL D 74 57.70 -7.76 -11.80
CA VAL D 74 58.98 -8.51 -11.98
C VAL D 74 60.16 -7.56 -11.71
N ASN D 88 58.61 -1.02 -30.22
CA ASN D 88 57.81 -0.36 -31.29
C ASN D 88 56.37 -0.89 -31.27
N LEU D 89 56.19 -2.17 -31.63
CA LEU D 89 54.89 -2.79 -32.04
C LEU D 89 53.83 -2.72 -30.93
N THR D 90 54.21 -3.19 -29.74
CA THR D 90 53.33 -3.28 -28.56
C THR D 90 53.02 -1.89 -28.02
N ASN D 91 53.79 -0.88 -28.42
CA ASN D 91 53.75 0.50 -27.86
C ASN D 91 53.11 1.45 -28.86
N LEU D 92 52.62 0.95 -29.99
CA LEU D 92 51.97 1.77 -31.06
C LEU D 92 50.45 1.55 -31.02
N ASP D 93 49.66 2.61 -31.22
CA ASP D 93 48.20 2.51 -31.47
C ASP D 93 47.98 2.57 -32.98
N PRO D 94 46.83 2.10 -33.50
CA PRO D 94 46.40 2.45 -34.86
C PRO D 94 46.27 3.96 -35.02
N PRO D 95 46.57 4.54 -36.21
CA PRO D 95 46.90 3.78 -37.42
C PRO D 95 48.39 3.41 -37.63
N ASP D 96 49.30 3.88 -36.78
CA ASP D 96 50.76 3.60 -36.88
C ASP D 96 51.09 2.13 -36.56
N HIS D 97 50.22 1.46 -35.80
CA HIS D 97 50.37 0.04 -35.39
C HIS D 97 50.25 -0.93 -36.58
N ARG D 98 49.31 -0.66 -37.49
CA ARG D 98 48.97 -1.52 -38.66
C ARG D 98 50.25 -1.86 -39.44
N LYS D 99 51.16 -0.91 -39.72
CA LYS D 99 52.38 -1.24 -40.52
C LYS D 99 53.25 -2.30 -39.84
N ALA D 100 53.63 -2.03 -38.59
CA ALA D 100 54.56 -2.89 -37.82
C ALA D 100 53.93 -4.27 -37.66
N ARG D 101 52.64 -4.29 -37.36
CA ARG D 101 51.88 -5.54 -37.19
C ARG D 101 51.86 -6.31 -38.52
N SER D 102 51.58 -5.64 -39.63
CA SER D 102 51.42 -6.31 -40.95
C SER D 102 52.73 -6.98 -41.37
N LEU D 103 53.88 -6.33 -41.15
CA LEU D 103 55.21 -6.90 -41.55
C LEU D 103 55.47 -8.19 -40.77
N LEU D 104 55.22 -8.21 -39.46
CA LEU D 104 55.42 -9.45 -38.68
C LEU D 104 54.32 -10.45 -39.02
N ALA D 105 53.07 -10.00 -39.23
CA ALA D 105 51.91 -10.90 -39.47
C ALA D 105 52.11 -11.69 -40.77
N ALA D 106 52.91 -11.17 -41.70
CA ALA D 106 53.24 -11.86 -42.97
C ALA D 106 53.81 -13.26 -42.67
N ALA D 107 54.37 -13.45 -41.48
CA ALA D 107 55.04 -14.70 -41.10
C ALA D 107 54.10 -15.64 -40.35
N PHE D 108 52.92 -15.15 -39.96
CA PHE D 108 51.97 -15.89 -39.11
C PHE D 108 50.61 -16.05 -39.78
N THR D 109 50.56 -16.27 -41.09
CA THR D 109 49.27 -16.52 -41.79
C THR D 109 48.68 -17.86 -41.33
N HIS D 110 47.38 -18.00 -41.47
CA HIS D 110 46.64 -19.25 -41.16
C HIS D 110 47.19 -20.40 -42.04
N ARG D 111 47.48 -20.09 -43.29
CA ARG D 111 48.11 -21.04 -44.26
CA ARG D 111 48.05 -21.11 -44.21
C ARG D 111 49.40 -21.60 -43.66
N SER D 112 50.26 -20.72 -43.19
CA SER D 112 51.55 -21.15 -42.61
C SER D 112 51.30 -22.00 -41.39
N LEU D 113 50.40 -21.57 -40.52
CA LEU D 113 50.11 -22.29 -39.26
C LEU D 113 49.72 -23.73 -39.59
N LYS D 114 48.86 -23.92 -40.59
CA LYS D 114 48.35 -25.26 -40.95
C LYS D 114 49.48 -26.07 -41.56
N ASN D 115 50.41 -25.40 -42.22
CA ASN D 115 51.57 -26.11 -42.80
C ASN D 115 52.52 -26.52 -41.67
N TRP D 116 52.68 -25.70 -40.63
CA TRP D 116 53.60 -25.99 -39.50
C TRP D 116 53.15 -27.21 -38.71
N GLU D 117 51.85 -27.43 -38.62
CA GLU D 117 51.25 -28.41 -37.69
C GLU D 117 51.95 -29.76 -37.83
N PRO D 118 52.05 -30.37 -39.02
CA PRO D 118 52.71 -31.67 -39.14
C PRO D 118 54.15 -31.70 -38.60
N ARG D 119 54.92 -30.67 -38.86
CA ARG D 119 56.32 -30.59 -38.39
C ARG D 119 56.35 -30.48 -36.87
N ILE D 120 55.47 -29.64 -36.34
CA ILE D 120 55.44 -29.47 -34.87
C ILE D 120 55.07 -30.82 -34.23
N LYS D 121 54.13 -31.58 -34.81
CA LYS D 121 53.75 -32.93 -34.34
C LYS D 121 54.99 -33.82 -34.34
N GLN D 122 55.85 -33.75 -35.34
CA GLN D 122 57.02 -34.68 -35.41
C GLN D 122 58.04 -34.29 -34.34
N ILE D 123 58.24 -32.99 -34.11
CA ILE D 123 59.13 -32.52 -33.02
C ILE D 123 58.61 -33.02 -31.67
N ALA D 124 57.30 -32.88 -31.43
CA ALA D 124 56.70 -33.29 -30.12
C ALA D 124 56.84 -34.80 -29.97
N ALA D 125 56.64 -35.56 -31.05
CA ALA D 125 56.75 -37.03 -31.05
C ALA D 125 58.17 -37.41 -30.68
N ASP D 126 59.16 -36.71 -31.23
CA ASP D 126 60.59 -37.06 -31.00
C ASP D 126 61.00 -36.69 -29.57
N LEU D 127 60.50 -35.56 -29.07
CA LEU D 127 60.85 -35.08 -27.71
C LEU D 127 60.28 -36.05 -26.68
N VAL D 128 59.03 -36.50 -26.84
CA VAL D 128 58.36 -37.40 -25.87
C VAL D 128 58.98 -38.79 -25.99
N GLU D 129 59.24 -39.24 -27.22
CA GLU D 129 59.88 -40.57 -27.45
C GLU D 129 61.23 -40.67 -26.70
N ALA D 130 61.99 -39.58 -26.57
CA ALA D 130 63.32 -39.52 -25.90
C ALA D 130 63.20 -39.76 -24.39
N ILE D 131 62.05 -39.49 -23.78
CA ILE D 131 61.89 -39.60 -22.30
C ILE D 131 60.93 -40.72 -21.92
N GLN D 132 60.19 -41.32 -22.85
CA GLN D 132 59.07 -42.23 -22.51
C GLN D 132 59.55 -43.54 -21.87
N LYS D 133 60.84 -43.87 -21.91
CA LYS D 133 61.38 -45.05 -21.18
C LYS D 133 61.60 -44.73 -19.70
N ASN D 134 61.53 -43.46 -19.28
CA ASN D 134 61.89 -43.05 -17.90
C ASN D 134 60.68 -43.25 -16.99
N PRO D 135 60.88 -43.73 -15.76
CA PRO D 135 59.77 -43.89 -14.83
C PRO D 135 59.28 -42.54 -14.29
N THR D 136 60.17 -41.53 -14.26
CA THR D 136 59.84 -40.18 -13.78
C THR D 136 60.39 -39.16 -14.80
N ILE D 137 59.76 -38.01 -14.82
CA ILE D 137 60.21 -36.91 -15.71
C ILE D 137 60.15 -35.62 -14.95
N ASN D 138 60.84 -34.63 -15.49
CA ASN D 138 60.77 -33.27 -15.00
C ASN D 138 60.13 -32.48 -16.15
N ILE D 139 58.91 -32.08 -15.96
CA ILE D 139 58.16 -31.41 -17.06
C ILE D 139 58.96 -30.21 -17.53
N VAL D 140 59.58 -29.45 -16.63
CA VAL D 140 60.24 -28.17 -17.05
C VAL D 140 61.43 -28.49 -17.95
N ASP D 141 62.37 -29.30 -17.47
CA ASP D 141 63.62 -29.50 -18.27
C ASP D 141 63.34 -30.42 -19.45
N ASP D 142 62.40 -31.35 -19.33
CA ASP D 142 62.22 -32.39 -20.38
C ASP D 142 61.22 -31.92 -21.45
N LEU D 143 60.27 -31.04 -21.14
CA LEU D 143 59.17 -30.74 -22.09
C LEU D 143 58.87 -29.25 -22.22
N SER D 144 58.49 -28.58 -21.15
CA SER D 144 57.92 -27.22 -21.25
C SER D 144 59.02 -26.24 -21.68
N SER D 145 60.24 -26.38 -21.17
CA SER D 145 61.34 -25.44 -21.53
CA SER D 145 61.37 -25.47 -21.51
C SER D 145 61.82 -25.74 -22.94
N PRO D 146 62.19 -26.99 -23.32
CA PRO D 146 62.75 -27.19 -24.65
C PRO D 146 61.76 -27.08 -25.82
N PHE D 147 60.50 -27.46 -25.67
CA PHE D 147 59.62 -27.65 -26.84
C PHE D 147 59.45 -26.35 -27.63
N PRO D 148 59.10 -25.20 -27.02
CA PRO D 148 58.89 -23.98 -27.83
C PRO D 148 60.15 -23.53 -28.58
N SER D 149 61.32 -23.75 -27.97
CA SER D 149 62.64 -23.37 -28.55
C SER D 149 62.99 -24.33 -29.69
N LEU D 150 62.71 -25.64 -29.53
CA LEU D 150 62.94 -26.61 -30.63
C LEU D 150 62.01 -26.26 -31.82
N VAL D 151 60.77 -25.87 -31.53
CA VAL D 151 59.77 -25.60 -32.58
C VAL D 151 60.21 -24.33 -33.32
N ILE D 152 60.50 -23.27 -32.58
CA ILE D 152 60.82 -21.94 -33.24
C ILE D 152 62.10 -22.07 -34.08
N ALA D 153 63.07 -22.91 -33.70
CA ALA D 153 64.30 -23.13 -34.50
C ALA D 153 63.91 -23.66 -35.88
N ASP D 154 63.05 -24.68 -35.91
CA ASP D 154 62.49 -25.27 -37.14
C ASP D 154 61.72 -24.21 -37.93
N LEU D 155 60.81 -23.48 -37.28
CA LEU D 155 59.90 -22.55 -38.01
C LEU D 155 60.71 -21.42 -38.64
N PHE D 156 61.78 -20.99 -37.98
CA PHE D 156 62.67 -19.94 -38.55
C PHE D 156 63.41 -20.45 -39.77
N GLY D 157 63.63 -21.76 -39.86
CA GLY D 157 64.36 -22.44 -40.95
C GLY D 157 65.85 -22.56 -40.65
N VAL D 158 66.22 -22.62 -39.37
CA VAL D 158 67.62 -22.95 -38.97
C VAL D 158 67.99 -24.29 -39.61
N PRO D 159 69.11 -24.39 -40.38
CA PRO D 159 69.50 -25.66 -40.95
C PRO D 159 69.49 -26.74 -39.85
N VAL D 160 69.24 -27.99 -40.24
CA VAL D 160 69.09 -29.15 -39.30
C VAL D 160 70.38 -29.29 -38.49
N LYS D 161 71.52 -29.33 -39.18
CA LYS D 161 72.89 -29.47 -38.58
C LYS D 161 73.14 -28.39 -37.50
N ASP D 162 72.48 -27.23 -37.55
CA ASP D 162 72.75 -26.09 -36.62
C ASP D 162 71.70 -26.03 -35.52
N ARG D 163 70.64 -26.84 -35.56
CA ARG D 163 69.41 -26.60 -34.73
C ARG D 163 69.71 -26.81 -33.26
N TYR D 164 70.72 -27.63 -32.94
CA TYR D 164 71.12 -27.93 -31.53
C TYR D 164 71.81 -26.69 -30.91
N GLN D 165 72.77 -26.10 -31.63
CA GLN D 165 73.48 -24.89 -31.15
C GLN D 165 72.45 -23.75 -31.07
N PHE D 166 71.51 -23.70 -32.01
CA PHE D 166 70.56 -22.55 -32.05
C PHE D 166 69.71 -22.59 -30.77
N LYS D 167 69.09 -23.74 -30.54
CA LYS D 167 68.30 -24.01 -29.31
C LYS D 167 69.09 -23.54 -28.08
N LYS D 168 70.39 -23.86 -28.02
CA LYS D 168 71.22 -23.59 -26.82
C LYS D 168 71.36 -22.07 -26.58
N TRP D 169 71.55 -21.25 -27.64
CA TRP D 169 71.53 -19.76 -27.48
C TRP D 169 70.16 -19.36 -26.94
N VAL D 170 69.09 -19.89 -27.53
CA VAL D 170 67.73 -19.49 -27.08
C VAL D 170 67.63 -19.89 -25.60
N ASP D 171 68.03 -21.12 -25.29
CA ASP D 171 67.90 -21.61 -23.88
C ASP D 171 68.75 -20.69 -22.99
N ILE D 172 69.90 -20.17 -23.47
CA ILE D 172 70.71 -19.24 -22.63
C ILE D 172 70.01 -17.87 -22.56
N LEU D 173 69.50 -17.37 -23.68
CA LEU D 173 68.99 -15.96 -23.76
C LEU D 173 67.69 -15.83 -22.98
N PHE D 174 66.92 -16.91 -22.88
CA PHE D 174 65.57 -16.95 -22.26
C PHE D 174 65.58 -17.90 -21.05
N GLN D 175 66.76 -18.10 -20.44
CA GLN D 175 66.89 -18.98 -19.24
C GLN D 175 66.14 -18.31 -18.08
N PRO D 176 65.68 -19.12 -17.09
CA PRO D 176 64.94 -18.58 -15.94
C PRO D 176 65.78 -17.60 -15.11
N TYR D 177 65.09 -16.61 -14.56
CA TYR D 177 65.64 -15.68 -13.56
C TYR D 177 66.24 -16.48 -12.40
N ASP D 178 67.41 -16.06 -11.94
CA ASP D 178 68.10 -16.67 -10.78
C ASP D 178 68.77 -15.52 -10.04
N GLN D 179 68.12 -15.05 -8.97
CA GLN D 179 68.58 -13.92 -8.09
C GLN D 179 69.98 -14.21 -7.53
N GLU D 180 70.38 -15.49 -7.46
CA GLU D 180 71.69 -15.96 -6.94
C GLU D 180 72.81 -15.71 -7.97
N ARG D 181 72.46 -15.67 -9.27
CA ARG D 181 73.43 -15.77 -10.39
C ARG D 181 73.20 -14.66 -11.43
N LEU D 182 72.85 -13.44 -11.01
CA LEU D 182 72.40 -12.32 -11.90
C LEU D 182 73.56 -11.83 -12.80
N GLU D 183 74.73 -11.62 -12.19
CA GLU D 183 76.03 -11.26 -12.85
C GLU D 183 76.44 -12.32 -13.89
N GLU D 184 76.38 -13.61 -13.51
CA GLU D 184 76.82 -14.77 -14.34
C GLU D 184 75.87 -14.96 -15.53
N ILE D 185 74.55 -14.75 -15.32
CA ILE D 185 73.53 -14.90 -16.40
C ILE D 185 73.64 -13.73 -17.39
N GLU D 186 73.88 -12.49 -16.90
CA GLU D 186 73.93 -11.28 -17.77
C GLU D 186 75.14 -11.34 -18.72
N GLN D 187 76.27 -11.87 -18.25
CA GLN D 187 77.46 -12.12 -19.11
C GLN D 187 77.13 -13.24 -20.11
N GLU D 188 76.51 -14.33 -19.64
CA GLU D 188 76.05 -15.46 -20.48
C GLU D 188 75.18 -14.94 -21.63
N LYS D 189 74.30 -13.96 -21.36
CA LYS D 189 73.28 -13.41 -22.31
C LYS D 189 73.95 -12.47 -23.32
N GLN D 190 74.83 -11.59 -22.82
CA GLN D 190 75.58 -10.64 -23.67
C GLN D 190 76.26 -11.43 -24.79
N ARG D 191 76.96 -12.49 -24.39
CA ARG D 191 77.74 -13.44 -25.23
C ARG D 191 76.80 -14.27 -26.13
N ALA D 192 75.67 -14.78 -25.60
CA ALA D 192 74.66 -15.54 -26.38
C ALA D 192 74.07 -14.62 -27.49
N GLY D 193 73.71 -13.40 -27.13
CA GLY D 193 73.07 -12.39 -28.01
C GLY D 193 74.01 -12.02 -29.16
N ALA D 194 75.31 -11.91 -28.87
CA ALA D 194 76.38 -11.68 -29.88
C ALA D 194 76.53 -12.91 -30.79
N GLU D 195 76.59 -14.12 -30.22
CA GLU D 195 76.79 -15.36 -31.01
C GLU D 195 75.55 -15.59 -31.88
N TYR D 196 74.37 -15.29 -31.35
CA TYR D 196 73.07 -15.45 -32.06
C TYR D 196 73.07 -14.58 -33.32
N PHE D 197 73.49 -13.32 -33.18
CA PHE D 197 73.52 -12.39 -34.33
C PHE D 197 74.53 -12.87 -35.38
N GLN D 198 75.74 -13.21 -34.94
CA GLN D 198 76.82 -13.66 -35.85
C GLN D 198 76.38 -14.92 -36.59
N TYR D 199 75.63 -15.82 -35.94
CA TYR D 199 75.13 -17.06 -36.59
C TYR D 199 73.98 -16.71 -37.56
N LEU D 200 72.97 -15.94 -37.10
CA LEU D 200 71.72 -15.79 -37.90
C LEU D 200 71.84 -14.76 -39.03
N TYR D 201 72.66 -13.73 -38.89
CA TYR D 201 72.76 -12.65 -39.91
C TYR D 201 73.12 -13.27 -41.27
N PRO D 202 74.16 -14.12 -41.43
CA PRO D 202 74.47 -14.69 -42.74
C PRO D 202 73.40 -15.67 -43.26
N ILE D 203 72.68 -16.33 -42.35
CA ILE D 203 71.55 -17.22 -42.76
C ILE D 203 70.47 -16.38 -43.43
N VAL D 204 70.17 -15.22 -42.88
CA VAL D 204 69.17 -14.30 -43.48
C VAL D 204 69.66 -13.89 -44.88
N ILE D 205 70.94 -13.54 -45.00
CA ILE D 205 71.45 -13.10 -46.33
C ILE D 205 71.31 -14.27 -47.30
N GLU D 206 71.69 -15.49 -46.90
CA GLU D 206 71.62 -16.65 -47.81
C GLU D 206 70.16 -16.91 -48.23
N LYS D 207 69.20 -16.79 -47.30
CA LYS D 207 67.79 -17.14 -47.62
C LYS D 207 67.24 -16.16 -48.65
N ARG D 208 67.74 -14.93 -48.71
CA ARG D 208 67.33 -13.93 -49.73
C ARG D 208 67.49 -14.52 -51.15
N SER D 209 68.46 -15.42 -51.34
CA SER D 209 68.83 -16.06 -52.65
C SER D 209 68.32 -17.50 -52.74
N ASN D 210 67.61 -17.96 -51.71
CA ASN D 210 67.19 -19.36 -51.57
C ASN D 210 65.86 -19.35 -50.83
N LEU D 211 64.90 -18.55 -51.31
CA LEU D 211 63.64 -18.34 -50.55
C LEU D 211 62.83 -19.62 -50.47
N SER D 212 62.26 -19.84 -49.28
CA SER D 212 61.45 -21.03 -48.98
C SER D 212 60.23 -20.54 -48.20
N ASP D 213 59.70 -21.35 -47.30
CA ASP D 213 58.40 -20.99 -46.65
C ASP D 213 58.59 -20.93 -45.14
N ASP D 214 59.80 -20.66 -44.70
CA ASP D 214 60.12 -20.52 -43.27
C ASP D 214 59.81 -19.08 -42.83
N ILE D 215 59.90 -18.81 -41.53
CA ILE D 215 59.60 -17.45 -41.00
C ILE D 215 60.58 -16.43 -41.58
N ILE D 216 61.87 -16.75 -41.65
CA ILE D 216 62.84 -15.79 -42.26
C ILE D 216 62.45 -15.47 -43.69
N SER D 217 62.17 -16.46 -44.56
CA SER D 217 61.70 -16.19 -45.94
C SER D 217 60.48 -15.28 -45.94
N ASP D 218 59.50 -15.54 -45.07
CA ASP D 218 58.28 -14.69 -45.05
C ASP D 218 58.61 -13.25 -44.64
N LEU D 219 59.53 -13.07 -43.69
CA LEU D 219 59.90 -11.71 -43.22
C LEU D 219 60.72 -11.01 -44.31
N ILE D 220 61.55 -11.76 -45.06
CA ILE D 220 62.29 -11.21 -46.24
C ILE D 220 61.26 -10.64 -47.22
N GLN D 221 60.18 -11.36 -47.50
CA GLN D 221 59.28 -10.96 -48.61
C GLN D 221 58.20 -10.01 -48.13
N ALA D 222 58.13 -9.76 -46.82
CA ALA D 222 57.06 -8.93 -46.25
C ALA D 222 57.17 -7.52 -46.84
N GLU D 223 56.04 -6.88 -47.13
CA GLU D 223 56.01 -5.51 -47.70
C GLU D 223 54.76 -4.82 -47.15
N PHE D 224 54.89 -3.56 -46.73
CA PHE D 224 53.76 -2.69 -46.33
C PHE D 224 54.05 -1.28 -46.86
N ASP D 225 53.23 -0.81 -47.80
CA ASP D 225 53.67 0.24 -48.76
C ASP D 225 54.85 -0.34 -49.54
N GLY D 226 55.94 0.42 -49.64
CA GLY D 226 57.25 -0.10 -50.07
C GLY D 226 58.16 -0.29 -48.88
N GLU D 227 57.59 -0.41 -47.66
CA GLU D 227 58.39 -0.64 -46.44
C GLU D 227 58.64 -2.15 -46.31
N THR D 228 59.89 -2.47 -46.11
CA THR D 228 60.41 -3.86 -46.07
C THR D 228 61.47 -3.86 -44.98
N PHE D 229 61.83 -5.05 -44.51
CA PHE D 229 62.89 -5.25 -43.49
C PHE D 229 64.25 -5.37 -44.14
N THR D 230 65.29 -4.86 -43.48
CA THR D 230 66.70 -5.22 -43.80
C THR D 230 67.11 -6.54 -43.12
N ASP D 231 68.25 -7.06 -43.51
CA ASP D 231 68.80 -8.30 -42.92
C ASP D 231 68.94 -8.12 -41.40
N GLU D 232 69.56 -7.05 -40.95
CA GLU D 232 69.72 -6.74 -39.50
C GLU D 232 68.34 -6.68 -38.83
N GLU D 233 67.37 -5.99 -39.41
CA GLU D 233 66.01 -5.85 -38.87
C GLU D 233 65.39 -7.24 -38.72
N ILE D 234 65.67 -8.16 -39.65
CA ILE D 234 64.99 -9.50 -39.63
C ILE D 234 65.60 -10.29 -38.49
N VAL D 235 66.90 -10.15 -38.26
CA VAL D 235 67.52 -10.84 -37.08
C VAL D 235 66.86 -10.31 -35.80
N HIS D 236 66.68 -9.00 -35.68
CA HIS D 236 66.01 -8.37 -34.51
C HIS D 236 64.55 -8.82 -34.45
N ALA D 237 63.87 -8.98 -35.59
CA ALA D 237 62.46 -9.44 -35.60
C ALA D 237 62.42 -10.83 -34.96
N THR D 238 63.39 -11.70 -35.27
CA THR D 238 63.43 -13.07 -34.69
C THR D 238 63.59 -13.01 -33.17
N MET D 239 64.47 -12.16 -32.67
CA MET D 239 64.65 -11.98 -31.22
C MET D 239 63.40 -11.40 -30.58
N LEU D 240 62.66 -10.51 -31.23
CA LEU D 240 61.39 -9.98 -30.67
C LEU D 240 60.42 -11.18 -30.51
N LEU D 241 60.29 -12.02 -31.54
CA LEU D 241 59.37 -13.19 -31.52
C LEU D 241 59.80 -14.17 -30.42
N LEU D 242 61.10 -14.43 -30.25
CA LEU D 242 61.58 -15.31 -29.15
C LEU D 242 61.19 -14.71 -27.80
N GLY D 243 61.34 -13.39 -27.67
CA GLY D 243 61.07 -12.67 -26.41
C GLY D 243 59.58 -12.69 -26.08
N ALA D 244 58.72 -12.69 -27.10
CA ALA D 244 57.25 -12.70 -26.92
C ALA D 244 56.76 -14.12 -26.60
N GLY D 245 57.42 -15.14 -27.15
CA GLY D 245 56.80 -16.45 -27.35
C GLY D 245 57.37 -17.59 -26.52
N VAL D 246 58.66 -17.58 -26.20
CA VAL D 246 59.31 -18.82 -25.69
C VAL D 246 58.96 -19.01 -24.22
N GLU D 247 59.21 -18.03 -23.38
CA GLU D 247 59.00 -18.20 -21.91
C GLU D 247 57.49 -18.27 -21.59
N THR D 248 56.65 -17.45 -22.22
CA THR D 248 55.19 -17.47 -22.01
C THR D 248 54.65 -18.84 -22.39
N THR D 249 55.04 -19.39 -23.55
CA THR D 249 54.47 -20.68 -23.99
C THR D 249 54.98 -21.79 -23.06
N SER D 250 56.22 -21.67 -22.57
CA SER D 250 56.82 -22.66 -21.62
C SER D 250 56.04 -22.61 -20.32
N HIS D 251 55.71 -21.39 -19.85
CA HIS D 251 54.93 -21.16 -18.60
C HIS D 251 53.58 -21.86 -18.78
N ALA D 252 52.90 -21.61 -19.90
CA ALA D 252 51.55 -22.17 -20.18
C ALA D 252 51.58 -23.71 -20.18
N ILE D 253 52.58 -24.33 -20.79
CA ILE D 253 52.71 -25.82 -20.86
C ILE D 253 52.98 -26.39 -19.48
N ALA D 254 53.93 -25.82 -18.75
CA ALA D 254 54.27 -26.31 -17.40
C ALA D 254 53.01 -26.25 -16.54
N ASN D 255 52.25 -25.15 -16.64
CA ASN D 255 51.09 -24.94 -15.74
C ASN D 255 49.97 -25.90 -16.13
N MET D 256 49.84 -26.22 -17.40
CA MET D 256 48.84 -27.24 -17.86
C MET D 256 49.17 -28.57 -17.18
N PHE D 257 50.43 -28.99 -17.24
CA PHE D 257 50.83 -30.28 -16.60
C PHE D 257 50.68 -30.19 -15.09
N TYR D 258 51.00 -29.03 -14.49
CA TYR D 258 50.77 -28.86 -13.04
C TYR D 258 49.29 -29.11 -12.71
N SER D 259 48.40 -28.52 -13.52
CA SER D 259 46.95 -28.64 -13.31
C SER D 259 46.53 -30.12 -13.28
N PHE D 260 47.05 -30.93 -14.20
CA PHE D 260 46.65 -32.34 -14.30
C PHE D 260 47.07 -33.09 -13.04
N LEU D 261 48.13 -32.67 -12.36
CA LEU D 261 48.55 -33.29 -11.08
C LEU D 261 47.77 -32.75 -9.89
N TYR D 262 47.43 -31.47 -9.82
CA TYR D 262 47.04 -30.78 -8.59
C TYR D 262 45.63 -30.19 -8.58
N ASP D 263 44.98 -30.01 -9.73
CA ASP D 263 43.65 -29.36 -9.77
C ASP D 263 42.61 -30.47 -9.86
N ASP D 264 41.97 -30.64 -11.02
CA ASP D 264 41.09 -31.81 -11.28
C ASP D 264 41.92 -33.02 -11.67
N LYS D 265 42.14 -33.95 -10.74
CA LYS D 265 43.01 -35.14 -10.95
C LYS D 265 42.34 -36.15 -11.91
N SER D 266 41.05 -35.99 -12.19
CA SER D 266 40.25 -36.83 -13.12
C SER D 266 40.42 -36.39 -14.59
N LEU D 267 40.95 -35.19 -14.84
CA LEU D 267 40.99 -34.62 -16.21
C LEU D 267 41.91 -35.47 -17.10
N TYR D 268 43.08 -35.86 -16.61
CA TYR D 268 44.06 -36.55 -17.48
C TYR D 268 43.40 -37.77 -18.13
N SER D 269 42.72 -38.64 -17.36
CA SER D 269 42.15 -39.88 -17.93
C SER D 269 40.99 -39.58 -18.88
N GLU D 270 40.23 -38.51 -18.62
CA GLU D 270 39.15 -38.07 -19.54
C GLU D 270 39.78 -37.76 -20.89
N LEU D 271 40.91 -37.06 -20.88
CA LEU D 271 41.63 -36.65 -22.12
C LEU D 271 42.23 -37.89 -22.79
N ARG D 272 42.81 -38.80 -22.02
CA ARG D 272 43.47 -40.01 -22.59
C ARG D 272 42.37 -40.85 -23.29
N ASN D 273 41.14 -40.83 -22.78
CA ASN D 273 40.00 -41.60 -23.35
C ASN D 273 39.24 -40.85 -24.44
N ASN D 274 39.50 -39.58 -24.64
CA ASN D 274 38.89 -38.83 -25.77
C ASN D 274 39.89 -37.74 -26.18
N ARG D 275 40.80 -38.08 -27.09
CA ARG D 275 41.91 -37.20 -27.53
C ARG D 275 41.32 -35.94 -28.18
N GLU D 276 40.08 -35.98 -28.70
CA GLU D 276 39.48 -34.82 -29.41
C GLU D 276 39.19 -33.70 -28.40
N LEU D 277 39.27 -33.99 -27.11
CA LEU D 277 39.08 -32.99 -26.05
C LEU D 277 40.34 -32.11 -25.87
N ALA D 278 41.46 -32.42 -26.50
CA ALA D 278 42.71 -31.68 -26.23
C ALA D 278 42.54 -30.16 -26.42
N PRO D 279 41.94 -29.66 -27.52
CA PRO D 279 41.79 -28.21 -27.74
C PRO D 279 40.98 -27.54 -26.61
N LYS D 280 39.91 -28.21 -26.16
CA LYS D 280 39.10 -27.75 -25.01
C LYS D 280 39.93 -27.67 -23.73
N ALA D 281 40.76 -28.68 -23.46
CA ALA D 281 41.66 -28.68 -22.29
C ALA D 281 42.64 -27.50 -22.39
N VAL D 282 43.24 -27.29 -23.55
CA VAL D 282 44.16 -26.12 -23.76
C VAL D 282 43.47 -24.81 -23.39
N GLU D 283 42.25 -24.55 -23.88
CA GLU D 283 41.61 -23.26 -23.60
C GLU D 283 41.29 -23.15 -22.12
N GLU D 284 40.89 -24.26 -21.47
CA GLU D 284 40.57 -24.19 -20.02
C GLU D 284 41.89 -23.97 -19.27
N MET D 285 43.01 -24.52 -19.72
CA MET D 285 44.28 -24.28 -19.01
C MET D 285 44.72 -22.82 -19.19
N LEU D 286 44.43 -22.19 -20.32
CA LEU D 286 44.75 -20.75 -20.53
C LEU D 286 43.77 -19.86 -19.75
N ARG D 287 42.55 -20.34 -19.50
CA ARG D 287 41.61 -19.57 -18.66
C ARG D 287 42.01 -19.75 -17.19
N TYR D 288 42.34 -20.97 -16.77
CA TYR D 288 42.35 -21.35 -15.33
C TYR D 288 43.77 -21.25 -14.75
N ARG D 289 44.80 -21.53 -15.55
CA ARG D 289 46.13 -21.81 -14.95
C ARG D 289 47.24 -20.87 -15.46
N PHE D 290 46.95 -19.92 -16.34
CA PHE D 290 47.97 -18.94 -16.74
C PHE D 290 47.89 -17.69 -15.87
N HIS D 291 48.84 -17.55 -14.96
CA HIS D 291 48.91 -16.42 -13.98
C HIS D 291 50.31 -15.84 -13.98
N ILE D 292 50.44 -14.54 -13.77
CA ILE D 292 49.40 -13.55 -13.79
C ILE D 292 49.43 -12.84 -15.11
N SER D 293 48.29 -12.70 -15.79
CA SER D 293 48.20 -11.91 -17.04
CA SER D 293 48.18 -11.91 -17.04
C SER D 293 47.71 -10.50 -16.68
N ARG D 294 48.51 -9.49 -16.99
CA ARG D 294 48.06 -8.09 -16.83
C ARG D 294 48.83 -7.23 -17.79
N ARG D 295 48.10 -6.27 -18.33
CA ARG D 295 48.66 -5.27 -19.28
C ARG D 295 48.15 -3.92 -18.85
N ASP D 296 48.94 -2.86 -19.04
CA ASP D 296 48.41 -1.53 -18.71
C ASP D 296 48.18 -0.74 -19.99
N ARG D 297 47.35 0.27 -19.86
CA ARG D 297 47.10 1.30 -20.88
C ARG D 297 47.19 2.65 -20.20
N THR D 298 47.36 3.70 -20.99
CA THR D 298 47.26 5.11 -20.59
C THR D 298 46.00 5.68 -21.18
N VAL D 299 45.19 6.31 -20.34
CA VAL D 299 43.95 6.96 -20.83
C VAL D 299 44.31 8.06 -21.82
N LYS D 300 43.70 8.00 -22.98
CA LYS D 300 43.96 8.88 -24.14
C LYS D 300 42.93 10.01 -24.14
N GLN D 301 41.74 9.77 -23.62
CA GLN D 301 40.64 10.78 -23.64
C GLN D 301 39.82 10.59 -22.37
N ASP D 302 39.45 11.68 -21.70
CA ASP D 302 38.62 11.59 -20.47
C ASP D 302 37.39 10.74 -20.78
N ASN D 303 36.97 9.91 -19.85
CA ASN D 303 35.80 9.05 -20.13
C ASN D 303 35.28 8.47 -18.82
N GLU D 304 34.05 7.97 -18.88
CA GLU D 304 33.35 7.30 -17.77
C GLU D 304 32.96 5.89 -18.21
N LEU D 305 33.60 5.33 -19.22
CA LEU D 305 33.18 4.03 -19.81
C LEU D 305 33.11 2.93 -18.74
N LEU D 306 34.05 2.94 -17.77
CA LEU D 306 34.15 1.87 -16.73
C LEU D 306 33.35 2.23 -15.47
N GLY D 307 32.54 3.29 -15.53
CA GLY D 307 31.67 3.70 -14.40
C GLY D 307 32.39 4.59 -13.42
N VAL D 308 33.64 4.93 -13.70
CA VAL D 308 34.45 5.88 -12.88
C VAL D 308 34.98 6.91 -13.87
N LYS D 309 35.12 8.14 -13.41
CA LYS D 309 35.69 9.19 -14.23
C LYS D 309 37.18 8.90 -14.34
N LEU D 310 37.65 8.79 -15.58
CA LEU D 310 39.10 8.71 -15.91
C LEU D 310 39.44 9.92 -16.77
N LYS D 311 40.67 10.40 -16.62
CA LYS D 311 41.25 11.57 -17.27
C LYS D 311 42.45 11.15 -18.10
N LYS D 312 42.67 11.85 -19.19
CA LYS D 312 43.89 11.78 -20.06
C LYS D 312 45.13 11.68 -19.16
N GLY D 313 45.92 10.62 -19.34
CA GLY D 313 47.14 10.33 -18.58
C GLY D 313 47.01 9.34 -17.44
N ASP D 314 45.81 9.00 -16.98
CA ASP D 314 45.66 8.00 -15.92
C ASP D 314 46.18 6.66 -16.44
N VAL D 315 46.77 5.89 -15.55
CA VAL D 315 47.25 4.54 -15.89
C VAL D 315 46.22 3.53 -15.40
N VAL D 316 45.77 2.66 -16.30
CA VAL D 316 44.82 1.58 -15.96
C VAL D 316 45.52 0.25 -16.16
N ILE D 317 45.54 -0.59 -15.13
CA ILE D 317 46.03 -2.00 -15.22
C ILE D 317 44.82 -2.92 -15.40
N ALA D 318 44.81 -3.64 -16.51
CA ALA D 318 43.78 -4.67 -16.80
C ALA D 318 44.30 -6.03 -16.31
N TRP D 319 43.71 -6.60 -15.27
CA TRP D 319 44.20 -7.91 -14.73
C TRP D 319 43.44 -9.04 -15.45
N MET D 320 43.93 -9.43 -16.61
CA MET D 320 43.21 -10.41 -17.44
C MET D 320 43.06 -11.75 -16.71
N SER D 321 44.04 -12.22 -15.97
CA SER D 321 43.93 -13.54 -15.30
C SER D 321 42.82 -13.51 -14.23
N ALA D 322 42.58 -12.38 -13.59
CA ALA D 322 41.42 -12.18 -12.68
C ALA D 322 40.12 -12.23 -13.47
N CYS D 323 40.03 -11.51 -14.59
CA CYS D 323 38.76 -11.33 -15.33
C CYS D 323 38.34 -12.69 -15.91
N ASN D 324 39.31 -13.60 -16.10
CA ASN D 324 39.03 -14.98 -16.58
C ASN D 324 38.28 -15.78 -15.49
N MET D 325 38.20 -15.26 -14.27
CA MET D 325 37.47 -15.92 -13.19
C MET D 325 36.30 -15.06 -12.70
N ASP D 326 35.81 -14.18 -13.57
CA ASP D 326 34.60 -13.38 -13.32
C ASP D 326 33.35 -14.23 -13.54
N GLU D 327 32.63 -14.54 -12.47
CA GLU D 327 31.45 -15.44 -12.47
C GLU D 327 30.28 -14.85 -13.24
N THR D 328 30.28 -13.57 -13.53
CA THR D 328 29.21 -12.99 -14.39
C THR D 328 29.37 -13.47 -15.84
N MET D 329 30.57 -13.92 -16.23
CA MET D 329 30.91 -14.35 -17.60
C MET D 329 31.18 -15.85 -17.64
N PHE D 330 31.98 -16.36 -16.71
CA PHE D 330 32.41 -17.77 -16.67
C PHE D 330 31.72 -18.43 -15.49
N GLU D 331 30.80 -19.34 -15.77
CA GLU D 331 30.02 -19.99 -14.66
C GLU D 331 30.96 -20.85 -13.83
N ASN D 332 30.80 -20.87 -12.50
CA ASN D 332 31.63 -21.75 -11.63
CA ASN D 332 31.63 -21.67 -11.56
C ASN D 332 33.10 -21.45 -11.91
N PRO D 333 33.55 -20.18 -11.85
CA PRO D 333 34.84 -19.81 -12.46
C PRO D 333 36.08 -20.37 -11.76
N PHE D 334 35.94 -20.76 -10.49
CA PHE D 334 37.12 -21.17 -9.70
C PHE D 334 37.27 -22.68 -9.80
N SER D 335 36.51 -23.31 -10.68
CA SER D 335 36.59 -24.76 -10.96
C SER D 335 37.09 -25.02 -12.37
N VAL D 336 37.86 -26.08 -12.57
CA VAL D 336 38.25 -26.60 -13.90
C VAL D 336 37.01 -27.23 -14.54
N ASP D 337 36.63 -26.73 -15.70
CA ASP D 337 35.53 -27.33 -16.48
C ASP D 337 35.87 -27.13 -17.96
N ILE D 338 36.42 -28.15 -18.60
CA ILE D 338 36.81 -28.03 -20.02
C ILE D 338 35.55 -27.93 -20.89
N HIS D 339 34.36 -28.29 -20.35
CA HIS D 339 33.09 -28.29 -21.13
C HIS D 339 32.35 -26.95 -21.03
N ARG D 340 32.84 -26.01 -20.24
CA ARG D 340 32.21 -24.66 -20.10
C ARG D 340 32.20 -24.00 -21.46
N PRO D 341 31.03 -23.61 -22.01
CA PRO D 341 30.96 -23.15 -23.40
C PRO D 341 31.60 -21.80 -23.72
N THR D 342 31.97 -21.03 -22.70
CA THR D 342 32.56 -19.69 -22.83
C THR D 342 34.09 -19.73 -22.69
N ASN D 343 34.74 -20.90 -22.50
CA ASN D 343 36.19 -20.91 -22.18
C ASN D 343 37.00 -20.17 -23.25
N LYS D 344 36.61 -20.22 -24.52
CA LYS D 344 37.46 -19.63 -25.60
C LYS D 344 37.37 -18.10 -25.54
N LYS D 345 36.52 -17.52 -24.69
CA LYS D 345 36.38 -16.06 -24.54
C LYS D 345 37.36 -15.51 -23.47
N HIS D 346 38.25 -16.33 -22.91
CA HIS D 346 39.28 -15.84 -21.97
C HIS D 346 40.10 -14.76 -22.66
N LEU D 347 40.75 -13.92 -21.86
CA LEU D 347 41.53 -12.79 -22.39
C LEU D 347 43.01 -12.96 -22.08
N THR D 348 43.50 -14.20 -21.98
CA THR D 348 44.95 -14.51 -21.76
C THR D 348 45.81 -13.93 -22.90
N PHE D 349 45.29 -13.83 -24.10
CA PHE D 349 46.01 -13.30 -25.29
C PHE D 349 45.63 -11.87 -25.60
N GLY D 350 44.89 -11.19 -24.73
CA GLY D 350 44.42 -9.84 -24.99
C GLY D 350 43.17 -9.82 -25.86
N ASN D 351 42.93 -8.67 -26.47
CA ASN D 351 41.68 -8.42 -27.24
C ASN D 351 41.88 -7.12 -28.00
N GLY D 352 41.47 -7.08 -29.28
CA GLY D 352 41.59 -5.89 -30.11
C GLY D 352 42.88 -5.89 -30.92
N PRO D 353 43.33 -4.73 -31.36
CA PRO D 353 44.41 -4.65 -32.34
C PRO D 353 45.73 -5.33 -31.91
N HIS D 354 46.03 -5.33 -30.61
CA HIS D 354 47.28 -5.94 -30.08
C HIS D 354 47.10 -7.42 -29.77
N PHE D 355 45.93 -8.00 -30.03
CA PHE D 355 45.66 -9.42 -29.80
C PHE D 355 46.87 -10.25 -30.22
N CYS D 356 47.32 -11.13 -29.34
CA CYS D 356 48.59 -11.87 -29.51
C CYS D 356 48.74 -12.46 -30.92
N LEU D 357 49.78 -12.02 -31.63
CA LEU D 357 50.14 -12.51 -32.98
C LEU D 357 50.50 -14.00 -32.90
N GLY D 358 51.02 -14.44 -31.79
CA GLY D 358 51.42 -15.85 -31.63
C GLY D 358 50.32 -16.71 -31.04
N ALA D 359 49.08 -16.23 -30.86
CA ALA D 359 48.06 -17.03 -30.13
C ALA D 359 47.79 -18.36 -30.86
N PRO D 360 47.60 -18.35 -32.20
CA PRO D 360 47.38 -19.60 -32.92
C PRO D 360 48.56 -20.56 -32.74
N LEU D 361 49.80 -20.06 -32.80
CA LEU D 361 50.98 -20.95 -32.61
C LEU D 361 51.03 -21.49 -31.18
N ALA D 362 50.86 -20.63 -30.17
CA ALA D 362 50.90 -21.09 -28.77
C ALA D 362 49.79 -22.10 -28.56
N ARG D 363 48.56 -21.86 -29.04
CA ARG D 363 47.46 -22.84 -28.88
C ARG D 363 47.84 -24.16 -29.57
N LEU D 364 48.44 -24.06 -30.75
CA LEU D 364 48.83 -25.26 -31.54
C LEU D 364 49.91 -26.04 -30.78
N GLU D 365 50.91 -25.35 -30.26
CA GLU D 365 52.00 -26.02 -29.50
C GLU D 365 51.43 -26.73 -28.28
N MET D 366 50.58 -26.06 -27.52
CA MET D 366 49.98 -26.67 -26.31
C MET D 366 49.18 -27.92 -26.72
N LYS D 367 48.35 -27.82 -27.75
CA LYS D 367 47.51 -28.94 -28.22
C LYS D 367 48.42 -30.09 -28.63
N ILE D 368 49.46 -29.80 -29.38
CA ILE D 368 50.32 -30.86 -29.97
C ILE D 368 51.13 -31.54 -28.88
N ILE D 369 51.71 -30.78 -27.93
CA ILE D 369 52.52 -31.44 -26.89
C ILE D 369 51.58 -32.26 -25.98
N LEU D 370 50.38 -31.74 -25.72
CA LEU D 370 49.39 -32.52 -24.91
C LEU D 370 49.11 -33.83 -25.66
N GLU D 371 48.81 -33.74 -26.95
CA GLU D 371 48.44 -34.92 -27.76
C GLU D 371 49.59 -35.93 -27.76
N ALA D 372 50.84 -35.51 -27.89
CA ALA D 372 52.01 -36.42 -27.91
C ALA D 372 52.17 -37.05 -26.55
N PHE D 373 51.91 -36.29 -25.50
CA PHE D 373 52.13 -36.72 -24.09
C PHE D 373 51.07 -37.79 -23.78
N LEU D 374 49.82 -37.53 -24.16
CA LEU D 374 48.69 -38.47 -23.95
C LEU D 374 48.99 -39.76 -24.73
N GLU D 375 49.59 -39.66 -25.91
CA GLU D 375 49.85 -40.87 -26.74
C GLU D 375 50.88 -41.74 -26.00
N ALA D 376 51.89 -41.15 -25.34
CA ALA D 376 52.98 -41.90 -24.67
C ALA D 376 52.55 -42.43 -23.28
N PHE D 377 51.92 -41.60 -22.45
CA PHE D 377 51.72 -41.86 -20.99
C PHE D 377 50.24 -42.06 -20.68
N SER D 378 49.92 -43.23 -20.11
CA SER D 378 48.51 -43.61 -19.84
C SER D 378 48.05 -42.93 -18.55
N HIS D 379 48.96 -42.76 -17.58
CA HIS D 379 48.62 -42.18 -16.25
C HIS D 379 49.84 -41.42 -15.73
N ILE D 380 49.59 -40.56 -14.76
CA ILE D 380 50.62 -39.70 -14.12
C ILE D 380 50.30 -39.64 -12.63
N GLU D 381 51.28 -39.26 -11.86
CA GLU D 381 51.20 -39.21 -10.39
C GLU D 381 52.21 -38.17 -9.93
N PRO D 382 51.85 -37.29 -9.00
CA PRO D 382 52.79 -36.33 -8.45
C PRO D 382 53.82 -37.03 -7.53
N PHE D 383 54.97 -36.41 -7.34
CA PHE D 383 55.96 -36.75 -6.27
C PHE D 383 55.35 -36.39 -4.91
N GLU D 384 55.38 -37.34 -3.99
CA GLU D 384 54.81 -37.18 -2.63
C GLU D 384 55.46 -35.97 -1.96
N ASP D 385 56.76 -35.78 -2.19
CA ASP D 385 57.60 -34.82 -1.41
C ASP D 385 57.63 -33.44 -2.07
N PHE D 386 56.99 -33.23 -3.22
CA PHE D 386 57.10 -31.94 -3.96
C PHE D 386 56.53 -30.79 -3.11
N GLU D 387 57.34 -29.74 -2.92
CA GLU D 387 56.90 -28.47 -2.33
C GLU D 387 57.03 -27.42 -3.43
N LEU D 388 56.02 -26.59 -3.57
CA LEU D 388 55.96 -25.61 -4.66
C LEU D 388 56.96 -24.45 -4.40
N GLU D 389 57.06 -23.94 -3.17
CA GLU D 389 57.83 -22.70 -2.87
C GLU D 389 59.27 -22.77 -3.36
N PRO D 390 60.04 -23.85 -3.08
CA PRO D 390 61.44 -23.89 -3.50
C PRO D 390 61.66 -24.01 -5.01
N HIS D 391 60.60 -24.29 -5.76
CA HIS D 391 60.68 -24.61 -7.22
C HIS D 391 59.94 -23.56 -8.05
N LEU D 392 59.82 -22.37 -7.50
CA LEU D 392 59.29 -21.19 -8.21
C LEU D 392 60.39 -20.14 -8.32
N THR D 393 60.44 -19.43 -9.44
CA THR D 393 61.33 -18.23 -9.59
C THR D 393 60.54 -17.06 -10.14
N ALA D 394 60.99 -15.84 -9.88
CA ALA D 394 60.38 -14.61 -10.45
C ALA D 394 60.40 -14.70 -11.97
N SER D 395 59.32 -14.22 -12.60
CA SER D 395 59.21 -14.13 -14.07
C SER D 395 58.35 -12.90 -14.41
N ALA D 396 58.19 -12.64 -15.71
CA ALA D 396 57.37 -11.54 -16.24
C ALA D 396 55.92 -11.75 -15.77
N THR D 397 55.51 -13.00 -15.52
CA THR D 397 54.11 -13.35 -15.18
C THR D 397 53.96 -13.51 -13.66
N GLY D 398 55.00 -13.18 -12.90
CA GLY D 398 54.97 -13.25 -11.43
C GLY D 398 55.92 -14.34 -10.98
N GLN D 399 55.46 -15.59 -10.92
CA GLN D 399 56.33 -16.73 -10.58
C GLN D 399 56.17 -17.82 -11.62
N SER D 400 57.23 -18.59 -11.86
CA SER D 400 57.18 -19.68 -12.86
C SER D 400 57.86 -20.90 -12.23
N LEU D 401 57.38 -22.08 -12.52
CA LEU D 401 58.02 -23.35 -12.11
C LEU D 401 59.43 -23.45 -12.69
N THR D 402 60.38 -23.88 -11.85
CA THR D 402 61.74 -24.22 -12.28
C THR D 402 61.95 -25.74 -12.28
N TYR D 403 61.01 -26.48 -11.71
CA TYR D 403 61.06 -27.94 -11.52
C TYR D 403 59.61 -28.44 -11.34
N LEU D 404 59.25 -29.50 -12.04
CA LEU D 404 57.93 -30.13 -11.86
C LEU D 404 58.09 -31.61 -12.12
N PRO D 405 58.35 -32.39 -11.05
CA PRO D 405 58.53 -33.82 -11.20
C PRO D 405 57.16 -34.50 -11.33
N MET D 406 57.10 -35.56 -12.08
CA MET D 406 55.94 -36.49 -12.06
C MET D 406 56.41 -37.90 -12.35
N THR D 407 55.74 -38.86 -11.74
CA THR D 407 55.88 -40.26 -12.12
C THR D 407 54.95 -40.50 -13.28
N VAL D 408 55.45 -41.18 -14.30
CA VAL D 408 54.64 -41.47 -15.51
C VAL D 408 54.52 -42.98 -15.67
N TYR D 409 53.38 -43.38 -16.21
CA TYR D 409 53.00 -44.81 -16.32
C TYR D 409 52.69 -45.12 -17.77
N ARG D 410 53.45 -46.08 -18.25
CA ARG D 410 53.39 -46.57 -19.61
C ARG D 410 53.72 -48.05 -19.55
N HIS D 411 53.03 -48.86 -20.32
CA HIS D 411 53.50 -50.24 -20.61
C HIS D 411 54.59 -50.14 -21.66
N HIS D 412 55.82 -50.53 -21.33
CA HIS D 412 57.02 -50.42 -22.20
C HIS D 412 56.92 -51.48 -23.30
N HIS D 413 56.96 -51.06 -24.58
CA HIS D 413 56.58 -51.85 -25.79
C HIS D 413 57.84 -52.18 -26.61
CHA HEM E . -10.31 25.10 4.33
CHB HEM E . -14.40 27.64 4.84
CHC HEM E . -15.32 25.18 8.95
CHD HEM E . -10.99 23.05 8.66
C1A HEM E . -11.38 25.90 4.08
C2A HEM E . -11.53 26.68 2.87
C3A HEM E . -12.68 27.42 3.02
C4A HEM E . -13.21 27.13 4.31
CMA HEM E . -13.24 28.37 2.02
CAA HEM E . -10.66 26.68 1.56
CBA HEM E . -9.54 27.64 1.55
CGA HEM E . -8.92 27.86 0.18
O1A HEM E . -7.95 28.63 0.17
O2A HEM E . -9.32 27.37 -0.90
C1B HEM E . -14.96 27.20 6.01
C2B HEM E . -16.21 27.67 6.51
C3B HEM E . -16.49 27.01 7.68
C4B HEM E . -15.38 26.06 7.88
CMB HEM E . -17.05 28.74 5.87
CAB HEM E . -17.65 26.95 8.61
CBB HEM E . -18.87 27.30 8.25
C1C HEM E . -14.24 24.39 9.25
C2C HEM E . -14.14 23.48 10.32
C3C HEM E . -12.90 22.87 10.24
C4C HEM E . -12.26 23.40 9.10
CMC HEM E . -15.22 23.21 11.33
CAC HEM E . -12.24 21.86 11.17
CBC HEM E . -12.62 21.49 12.39
C1D HEM E . -10.44 23.50 7.43
C2D HEM E . -9.10 23.08 6.98
C3D HEM E . -8.88 23.65 5.78
C4D HEM E . -10.14 24.38 5.49
CMD HEM E . -8.15 22.17 7.73
CAD HEM E . -7.65 23.54 4.89
CBD HEM E . -7.69 22.42 3.89
CGD HEM E . -6.57 22.50 2.86
O1D HEM E . -6.35 21.41 2.26
O2D HEM E . -5.97 23.60 2.65
NA HEM E . -12.41 26.19 4.95
NB HEM E . -14.49 26.27 6.88
NC HEM E . -13.09 24.32 8.51
ND HEM E . -11.03 24.27 6.48
FE HEM E . -12.81 25.11 6.60
S SO4 F . -4.43 16.88 -2.97
O1 SO4 F . -5.43 17.80 -3.47
O2 SO4 F . -4.05 16.01 -4.04
O3 SO4 F . -3.27 17.59 -2.54
O4 SO4 F . -4.99 16.11 -1.86
S SO4 G . -37.65 19.86 -2.25
O1 SO4 G . -38.34 20.73 -3.17
O2 SO4 G . -36.87 18.89 -2.98
O3 SO4 G . -36.78 20.63 -1.39
O4 SO4 G . -38.63 19.17 -1.44
S SO4 H . -34.24 37.50 -6.93
O1 SO4 H . -34.99 37.76 -8.14
O2 SO4 H . -32.87 37.22 -7.27
O3 SO4 H . -34.81 36.36 -6.25
O4 SO4 H . -34.31 38.65 -6.06
S SO4 I . -43.65 20.09 19.84
O1 SO4 I . -44.28 20.66 18.69
O2 SO4 I . -42.36 19.58 19.47
O3 SO4 I . -43.50 21.11 20.88
O4 SO4 I . -44.47 19.01 20.34
S SO4 J . -13.99 47.22 15.19
O1 SO4 J . -14.92 46.64 14.28
O2 SO4 J . -13.20 48.20 14.49
O3 SO4 J . -14.70 47.83 16.28
O4 SO4 J . -13.12 46.18 15.71
S SO4 K . -16.27 19.78 -8.71
O1 SO4 K . -17.22 18.81 -8.19
O2 SO4 K . -16.14 19.62 -10.13
O3 SO4 K . -14.98 19.59 -8.08
O4 SO4 K . -16.76 21.10 -8.43
CHA HEM L . 3.64 -11.84 -9.83
CHB HEM L . 4.75 -8.30 -12.84
CHC HEM L . 8.20 -11.07 -14.82
CHD HEM L . 6.74 -14.76 -12.05
C1A HEM L . 3.70 -10.62 -10.43
C2A HEM L . 2.91 -9.47 -10.02
C3A HEM L . 3.19 -8.51 -10.91
C4A HEM L . 4.14 -9.02 -11.83
CMA HEM L . 2.63 -7.11 -10.92
CAA HEM L . 1.96 -9.38 -8.78
CBA HEM L . 0.53 -9.75 -9.07
CGA HEM L . -0.41 -9.30 -7.96
O1A HEM L . -0.14 -8.57 -6.98
O2A HEM L . -1.61 -9.60 -8.13
C1B HEM L . 5.74 -8.78 -13.65
C2B HEM L . 6.38 -7.98 -14.65
C3B HEM L . 7.37 -8.71 -15.24
C4B HEM L . 7.33 -10.00 -14.51
CMB HEM L . 5.96 -6.59 -15.03
CAB HEM L . 8.39 -8.42 -16.26
CBB HEM L . 8.77 -7.22 -16.57
C1C HEM L . 8.16 -12.30 -14.22
C2C HEM L . 9.08 -13.37 -14.48
C3C HEM L . 8.63 -14.41 -13.74
C4C HEM L . 7.47 -13.98 -12.98
CMC HEM L . 10.29 -13.29 -15.36
CAC HEM L . 9.18 -15.79 -13.60
CBC HEM L . 9.88 -16.49 -14.48
C1D HEM L . 5.76 -14.22 -11.23
C2D HEM L . 5.05 -15.08 -10.29
C3D HEM L . 4.16 -14.28 -9.68
C4D HEM L . 4.34 -12.95 -10.27
CMD HEM L . 5.30 -16.55 -10.10
CAD HEM L . 3.16 -14.71 -8.62
CBD HEM L . 3.67 -14.41 -7.23
CGD HEM L . 2.59 -14.57 -6.15
O1D HEM L . 2.99 -14.89 -5.01
O2D HEM L . 1.37 -14.47 -6.44
NA HEM L . 4.50 -10.26 -11.49
NB HEM L . 6.33 -9.98 -13.64
NC HEM L . 7.20 -12.70 -13.31
ND HEM L . 5.29 -12.94 -11.19
FE HEM L . 5.94 -11.46 -12.29
S SO4 M . -5.91 -6.65 -32.90
O1 SO4 M . -4.62 -6.66 -33.55
O2 SO4 M . -6.43 -7.99 -32.85
O3 SO4 M . -5.81 -6.13 -31.54
O4 SO4 M . -6.81 -5.81 -33.67
S SO4 N . 7.09 16.34 -15.81
O1 SO4 N . 8.52 16.35 -15.58
O2 SO4 N . 6.83 15.87 -17.15
O3 SO4 N . 6.56 17.68 -15.68
O4 SO4 N . 6.47 15.50 -14.84
S DMS O . 15.67 7.93 -41.31
O DMS O . 15.80 9.14 -42.22
C1 DMS O . 15.07 8.59 -39.79
C2 DMS O . 14.24 7.06 -41.84
S SO4 P . 33.40 0.10 -28.06
O1 SO4 P . 32.95 -0.22 -29.40
O2 SO4 P . 34.84 -0.02 -27.99
O3 SO4 P . 32.80 -0.80 -27.10
O4 SO4 P . 33.01 1.45 -27.75
C1 PEG Q . 0.54 -14.59 -13.67
O1 PEG Q . 0.01 -15.85 -13.36
C2 PEG Q . 0.79 -13.79 -12.43
O2 PEG Q . 1.64 -12.69 -12.73
C3 PEG Q . 0.96 -11.54 -13.22
C4 PEG Q . 1.38 -11.26 -14.64
O4 PEG Q . 2.36 -10.24 -14.73
CO CO R . 2.97 -15.26 2.22
CO CO S . 22.99 8.78 -9.74
S SO4 T . 7.37 -2.29 1.67
O1 SO4 T . 7.02 -3.68 1.83
O2 SO4 T . 6.78 -1.79 0.47
O3 SO4 T . 8.80 -2.15 1.58
O4 SO4 T . 6.87 -1.53 2.80
S SO4 U . 28.65 0.86 -40.33
O1 SO4 U . 27.66 0.14 -41.10
O2 SO4 U . 29.24 1.87 -41.16
O3 SO4 U . 29.68 -0.05 -39.90
O4 SO4 U . 28.01 1.48 -39.18
CHA HEM V . -48.05 3.62 30.57
CHB HEM V . -44.10 1.06 29.75
CHC HEM V . -44.25 -0.59 34.40
CHD HEM V . -48.47 1.70 35.00
C1A HEM V . -46.95 3.07 30.00
C2A HEM V . -46.43 3.49 28.71
C3A HEM V . -45.31 2.78 28.46
C4A HEM V . -45.13 1.93 29.60
CMA HEM V . -44.46 2.87 27.18
CAA HEM V . -46.98 4.59 27.81
CBA HEM V . -47.82 4.13 26.67
CGA HEM V . -48.14 5.26 25.66
O1A HEM V . -49.11 5.00 24.90
O2A HEM V . -47.48 6.35 25.51
C1B HEM V . -43.79 0.40 30.97
C2B HEM V . -42.64 -0.45 31.14
C3B HEM V . -42.66 -0.95 32.43
C4B HEM V . -43.85 -0.34 33.07
CMB HEM V . -41.63 -0.71 30.04
CAB HEM V . -41.71 -1.79 33.20
CBB HEM V . -40.44 -1.95 32.92
C1C HEM V . -45.39 -0.11 34.96
C2C HEM V . -45.73 -0.26 36.32
C3C HEM V . -46.94 0.39 36.50
C4C HEM V . -47.34 0.98 35.24
CMC HEM V . -44.88 -0.99 37.39
CAC HEM V . -47.79 0.50 37.72
CBC HEM V . -47.57 -0.08 38.87
C1D HEM V . -48.70 2.41 33.81
C2D HEM V . -49.93 3.22 33.61
C3D HEM V . -49.79 3.78 32.39
C4D HEM V . -48.49 3.28 31.85
CMD HEM V . -51.06 3.39 34.65
CAD HEM V . -50.77 4.70 31.63
CBD HEM V . -50.37 6.13 31.77
CGD HEM V . -51.25 7.11 30.98
O1D HEM V . -51.76 6.77 29.92
O2D HEM V . -51.36 8.30 31.39
NA HEM V . -46.11 2.15 30.56
NB HEM V . -44.51 0.38 32.13
NC HEM V . -46.36 0.68 34.34
ND HEM V . -47.88 2.47 32.70
FE HEM V . -46.17 1.55 32.46
S SO4 W . -25.51 -19.29 52.95
O1 SO4 W . -25.27 -19.32 51.52
O2 SO4 W . -25.35 -20.59 53.50
O3 SO4 W . -26.87 -18.83 53.18
O4 SO4 W . -24.60 -18.37 53.60
S SO4 X . -45.12 14.24 43.22
O1 SO4 X . -46.48 14.30 42.75
O2 SO4 X . -44.53 12.99 42.81
O3 SO4 X . -45.11 14.34 44.66
O4 SO4 X . -44.36 15.32 42.67
N1 IMD Y . -17.13 -21.52 49.89
C2 IMD Y . -17.32 -21.91 51.16
N3 IMD Y . -18.05 -23.01 51.13
C4 IMD Y . -18.06 -23.46 49.84
C5 IMD Y . -17.70 -22.43 49.06
C1 PEG Z . -49.95 0.90 29.10
O1 PEG Z . -48.99 -0.08 28.71
C2 PEG Z . -50.60 0.58 30.42
O2 PEG Z . -51.98 0.32 30.21
C3 PEG Z . -52.63 -0.28 31.34
C4 PEG Z . -53.36 -1.53 30.94
O4 PEG Z . -53.71 -2.34 32.07
S SO4 AA . -48.04 12.90 36.47
O1 SO4 AA . -48.01 13.49 35.14
O2 SO4 AA . -47.03 11.87 36.57
O3 SO4 AA . -47.75 13.93 37.44
O4 SO4 AA . -49.33 12.33 36.72
S SO4 BA . -14.42 -9.82 42.13
O1 SO4 BA . -15.59 -8.96 41.98
O2 SO4 BA . -14.18 -10.45 40.85
O3 SO4 BA . -14.69 -10.80 43.16
O4 SO4 BA . -13.26 -9.06 42.55
O1 OXY CA . -19.29 7.61 34.32
O2 OXY CA . -20.14 6.67 34.32
CHA HEM DA . 51.13 -9.81 -27.79
CHB HEM DA . 50.14 -13.16 -24.54
CHC HEM DA . 52.74 -16.42 -27.06
CHD HEM DA . 53.98 -12.92 -30.19
C1A HEM DA . 50.59 -10.48 -26.76
C2A HEM DA . 49.63 -9.88 -25.84
C3A HEM DA . 49.36 -10.84 -24.91
C4A HEM DA . 50.14 -11.99 -25.23
CMA HEM DA . 48.43 -10.72 -23.73
CAA HEM DA . 48.92 -8.51 -25.94
CBA HEM DA . 49.52 -7.49 -25.01
CGA HEM DA . 48.65 -6.24 -24.98
O1A HEM DA . 49.15 -5.28 -24.39
O2A HEM DA . 47.46 -6.19 -25.36
C1B HEM DA . 50.76 -14.38 -24.96
C2B HEM DA . 50.70 -15.64 -24.23
C3B HEM DA . 51.41 -16.58 -24.94
C4B HEM DA . 51.98 -15.82 -26.09
CMB HEM DA . 49.89 -15.82 -22.99
CAB HEM DA . 51.64 -18.01 -24.70
CBB HEM DA . 50.79 -18.74 -24.04
C1C HEM DA . 53.29 -15.75 -28.13
C2C HEM DA . 54.01 -16.39 -29.16
C3C HEM DA . 54.38 -15.35 -30.03
C4C HEM DA . 53.84 -14.12 -29.54
CMC HEM DA . 54.32 -17.86 -29.24
CAC HEM DA . 55.21 -15.37 -31.27
CBC HEM DA . 55.87 -16.42 -31.72
C1D HEM DA . 53.31 -11.77 -29.75
C2D HEM DA . 53.45 -10.48 -30.40
C3D HEM DA . 52.62 -9.61 -29.75
C4D HEM DA . 52.02 -10.41 -28.67
CMD HEM DA . 54.29 -10.07 -31.63
CAD HEM DA . 52.44 -8.11 -30.07
CBD HEM DA . 51.17 -7.88 -30.85
CGD HEM DA . 50.84 -6.41 -31.09
O1D HEM DA . 50.15 -6.10 -32.12
O2D HEM DA . 51.15 -5.60 -30.20
NA HEM DA . 50.90 -11.71 -26.38
NB HEM DA . 51.57 -14.54 -26.03
NC HEM DA . 53.14 -14.44 -28.42
ND HEM DA . 52.43 -11.69 -28.69
FE HEM DA . 51.90 -13.08 -27.44
S SO4 EA . 59.19 -47.92 -24.46
O1 SO4 EA . 58.17 -48.58 -25.23
O2 SO4 EA . 59.95 -47.02 -25.33
O3 SO4 EA . 60.10 -48.88 -23.87
O4 SO4 EA . 58.59 -47.14 -23.40
S SO4 FA . 45.50 -14.97 -42.86
O1 SO4 FA . 46.58 -14.03 -43.08
O2 SO4 FA . 45.36 -15.83 -44.00
O3 SO4 FA . 45.76 -15.75 -41.68
O4 SO4 FA . 44.29 -14.22 -42.65
CO CO GA . 30.86 -30.45 -24.66
#